data_8I2G
#
_entry.id   8I2G
#
_cell.length_a   1.00
_cell.length_b   1.00
_cell.length_c   1.00
_cell.angle_alpha   90.00
_cell.angle_beta   90.00
_cell.angle_gamma   90.00
#
_symmetry.space_group_name_H-M   'P 1'
#
loop_
_entity.id
_entity.type
_entity.pdbx_description
1 polymer 'chimera of Guanine nucleotide-binding protein G(s) subunit alpha and Guanine nucleotide-binding protein G(s) subunit alpha isoforms XLas'
2 polymer 'Guanine nucleotide-binding protein G(I)/G(S)/G(T) subunit beta-1'
3 polymer 'Guanine nucleotide-binding protein G(I)/G(S)/G(O) subunit gamma-2'
4 polymer Nb35
5 polymer 'Follicle-stimulating hormone receptor'
6 polymer 'Glycoprotein hormones alpha chain'
7 polymer 'Follitropin subunit beta'
8 branched 2-acetamido-2-deoxy-beta-D-glucopyranose-(1-4)-2-acetamido-2-deoxy-beta-D-glucopyranose
9 non-polymer CHOLESTEROL
10 non-polymer 'PALMITIC ACID'
11 non-polymer 'MYRISTIC ACID'
12 non-polymer 2-acetamido-2-deoxy-beta-D-glucopyranose
13 non-polymer N-tert-butyl-N-ethyl-8-methoxy-9-propan-2-yloxy-1-thiophen-2-yl-5,6-dihydroimidazo[5,1-a]isoquinoline-3-carboxamide
#
loop_
_entity_poly.entity_id
_entity_poly.type
_entity_poly.pdbx_seq_one_letter_code
_entity_poly.pdbx_strand_id
1 'polypeptide(L)'
;MNSKTEDQRNEEKAQREANKKIEKQLQKDKQVYRATHRLLLLGAGESGKSTIVKQMRILHGGSGGSGGTTGIFETKFQVD
KVNFHMFDVGGQRDERRKWIQCFNDVTAIIFVVASSSYNMVIREDNQTNRLQEALNLFKSIWNNRWLRTISVILFLNKQD
LLAEKVLAGKSKIEDYFPEFARYTTPEDATPEPGEDPRVTRAKYFIRDEFLRISTASGDGRHYCYPHFTCAVDTENIRRV
FNDCRDIIQRMHLRQYELL
;
A
2 'polypeptide(L)'
;MGSLLQSELDQLRQEAEQLKNQIRDARKACADATLSQITNNIDPVGRIQMRTRRTLRGHLAKIYAMHWGTDSRLLVSASQ
DGKLIIWDSYTTNKVHAIPLRSSWVMTCAYAPSGNYVACGGLDNICSIYNLKTREGNVRVSRELAGHTGYLSCCRFLDDN
QIVTSSGDTTCALWDIETGQQTTTFTGHTGDVMSLSLAPDTRLFVSGACDASAKLWDVREGMCRQTFTGHESDINAICFF
PNGNAFATGSDDATCRLFDLRADQELMTYSHDNIICGITSVSFSKSGRLLLAGYDDFNCNVWDALKADRAGVLAGHDNRV
SCLGVTDDGMAVATGSWDSFLKIWN
;
B
3 'polypeptide(L)' MASNNTASIAQARKLVEQLKMEANIDRIKVSKAAADLMAYCEAHAKEDPLLTPVPASENPFREKKFFCAIL G
4 'polypeptide(L)'
;QVQLQESGGGLVQPGGSLRLSCAASGFTFSNYKMNWVRQAPGKGLEWVSDISQSGASISYTGSVKGRFTISRDNAKNTLY
LQMNSLKPEDTAVYYCARCPAPFTRDCFDVTSTTYAYRGQGTQVTVSS
;
N
5 'polypeptide(L)'
;CHHRICHCSNRVFLCQESKVTEIPSDLPRNAIELRFVLTKLRVIQKGAFSGFGDLEKIEISQNDVLEVIEADVFSNLPKL
HEIRIEKANNLLYINPEAFQNLPNLQYLLISNTGIKHLPDVHKIHSLQKVLLDIQDNINIHTIERNSFVGLSFESVILWL
NKNGIQEIHNCAFNGTQLDELNLSDNNNLEELPNDVFHGASGPVILDISRTRIHSLPSYGLENLKKLRARSTYNLKKLPT
LEKLVALMEASLTYPIHCCAFANWRRQISELHPICNKSILRQEVDYMTQARGQRSSLAEDNESSYSRGFDMTYTEFDYDL
CNEVVDVTCSPKPDAFNPCEDIMGYNILRVLIWFISILAITGNIIVLVILTTSQYKLTVPRFLMCNLAFADLCIGIYLLL
IASVDIHTKSQYHNYAIDWQTGAGCDAAGFFTVFASELSVYTLTAITLERWHTITHAMQLDCKVQLRHAASVMVMGWIFA
FAAALFPIFGISSYMKVSICLPMDIDSPLSQLYVMSLLVLNVLAFVVICGCYIHIYLTVRNPNIVSSSSDTRIAKRMAML
IFTDFLCMAPISFFAISASLKVPLITVSKAKILLVLFHPINSCANPFLYAIFTKNFRRDFFILLSKCGCYEMQAQIYRTE
TSSTVHNTHPRNGHCSSAPRVTNGSTYILVPLSHLAQN
;
R
6 'polypeptide(L)'
;APDVQDCPECTLQENPLFSQPGAPILQCMGCCFSRAYPTPLRSKKTMLVQKNVTSESTCCVAKSYNRVTVMGGFKVENHT
ACHCSTCYYHKS
;
X
7 'polypeptide(L)'
;NSCELTNITIAIEKEECRFCISINTTWCAGYCYTRDLVYKDPARPKIQKTCTFKELVYETVRVPGCAHHADSLYTYPVAT
QCHCGKCDSDSTDCTVRGLGPSYCSFGEM
;
Y
#
loop_
_chem_comp.id
_chem_comp.type
_chem_comp.name
_chem_comp.formula
CLR non-polymer CHOLESTEROL 'C27 H46 O'
MYR non-polymer 'MYRISTIC ACID' 'C14 H28 O2'
NAG D-saccharide, beta linking 2-acetamido-2-deoxy-beta-D-glucopyranose 'C8 H15 N O6'
O6F non-polymer N-tert-butyl-N-ethyl-8-methoxy-9-propan-2-yloxy-1-thiophen-2-yl-5,6-dihydroimidazo[5,1-a]isoquinoline-3-carboxamide 'C26 H33 N3 O3 S'
PLM non-polymer 'PALMITIC ACID' 'C16 H32 O2'
#
# COMPACT_ATOMS: atom_id res chain seq x y z
N ASP A 7 -49.98 0.46 5.00
CA ASP A 7 -50.62 -0.71 5.64
C ASP A 7 -49.62 -1.83 5.88
N GLN A 8 -48.76 -2.07 4.90
CA GLN A 8 -47.76 -3.12 4.98
C GLN A 8 -46.55 -2.72 5.82
N ARG A 9 -46.45 -1.46 6.23
CA ARG A 9 -45.33 -1.03 7.06
C ARG A 9 -45.45 -1.50 8.50
N ASN A 10 -46.66 -1.74 8.99
CA ASN A 10 -46.84 -2.18 10.38
C ASN A 10 -46.18 -3.54 10.60
N GLU A 11 -46.34 -4.46 9.65
CA GLU A 11 -45.73 -5.77 9.81
C GLU A 11 -44.22 -5.72 9.57
N GLU A 12 -43.76 -4.84 8.68
CA GLU A 12 -42.33 -4.66 8.49
C GLU A 12 -41.69 -4.15 9.78
N LYS A 13 -42.33 -3.19 10.44
CA LYS A 13 -41.77 -2.66 11.68
C LYS A 13 -41.70 -3.73 12.76
N ALA A 14 -42.77 -4.54 12.89
CA ALA A 14 -42.77 -5.60 13.89
C ALA A 14 -41.68 -6.62 13.60
N GLN A 15 -41.54 -7.02 12.33
CA GLN A 15 -40.49 -7.97 11.99
C GLN A 15 -39.10 -7.37 12.16
N ARG A 16 -38.93 -6.10 11.81
CA ARG A 16 -37.64 -5.44 12.03
C ARG A 16 -37.30 -5.40 13.51
N GLU A 17 -38.29 -5.11 14.36
CA GLU A 17 -38.04 -5.12 15.80
C GLU A 17 -37.63 -6.50 16.27
N ALA A 18 -38.30 -7.54 15.77
CA ALA A 18 -37.93 -8.91 16.14
C ALA A 18 -36.52 -9.22 15.66
N ASN A 19 -36.16 -8.79 14.44
CA ASN A 19 -34.82 -9.04 13.94
C ASN A 19 -33.76 -8.38 14.82
N LYS A 20 -33.99 -7.13 15.22
CA LYS A 20 -33.04 -6.44 16.08
C LYS A 20 -32.96 -7.12 17.46
N LYS A 21 -34.11 -7.53 18.00
CA LYS A 21 -34.10 -8.23 19.28
C LYS A 21 -33.32 -9.52 19.20
N ILE A 22 -33.52 -10.28 18.13
CA ILE A 22 -32.78 -11.53 17.95
C ILE A 22 -31.30 -11.24 17.71
N GLU A 23 -31.01 -10.21 16.92
CA GLU A 23 -29.61 -9.90 16.59
C GLU A 23 -28.82 -9.56 17.85
N LYS A 24 -29.41 -8.78 18.76
CA LYS A 24 -28.71 -8.43 19.99
C LYS A 24 -28.38 -9.67 20.82
N GLN A 25 -29.33 -10.60 20.93
CA GLN A 25 -29.07 -11.84 21.66
C GLN A 25 -27.96 -12.65 20.99
N LEU A 26 -27.99 -12.74 19.66
CA LEU A 26 -26.96 -13.49 18.95
C LEU A 26 -25.58 -12.88 19.17
N GLN A 27 -25.50 -11.55 19.11
CA GLN A 27 -24.21 -10.89 19.33
C GLN A 27 -23.70 -11.15 20.74
N LYS A 28 -24.59 -11.09 21.73
CA LYS A 28 -24.19 -11.39 23.10
C LYS A 28 -23.69 -12.83 23.23
N ASP A 29 -24.38 -13.77 22.57
CA ASP A 29 -23.96 -15.17 22.63
C ASP A 29 -22.70 -15.42 21.81
N LYS A 30 -22.42 -14.60 20.80
CA LYS A 30 -21.23 -14.80 19.99
C LYS A 30 -19.96 -14.64 20.82
N GLN A 31 -19.95 -13.63 21.70
CA GLN A 31 -18.78 -13.44 22.57
C GLN A 31 -18.55 -14.65 23.46
N VAL A 32 -19.63 -15.20 24.02
CA VAL A 32 -19.50 -16.38 24.87
C VAL A 32 -18.98 -17.56 24.06
N TYR A 33 -19.54 -17.76 22.87
CA TYR A 33 -19.13 -18.91 22.06
C TYR A 33 -17.66 -18.80 21.65
N ARG A 34 -17.23 -17.61 21.23
CA ARG A 34 -15.84 -17.42 20.82
C ARG A 34 -14.89 -17.34 22.00
N ALA A 35 -15.41 -17.19 23.21
CA ALA A 35 -14.58 -17.14 24.41
C ALA A 35 -14.41 -18.51 25.06
N THR A 36 -14.91 -19.56 24.43
CA THR A 36 -14.85 -20.91 24.97
C THR A 36 -14.09 -21.82 24.01
N HIS A 37 -13.22 -22.65 24.56
CA HIS A 37 -12.47 -23.62 23.79
C HIS A 37 -13.09 -25.00 23.96
N ARG A 38 -13.43 -25.63 22.84
CA ARG A 38 -14.15 -26.90 22.84
C ARG A 38 -13.17 -28.05 22.64
N LEU A 39 -13.30 -29.08 23.47
CA LEU A 39 -12.42 -30.25 23.43
C LEU A 39 -13.26 -31.51 23.33
N LEU A 40 -12.74 -32.50 22.62
CA LEU A 40 -13.38 -33.81 22.49
C LEU A 40 -12.53 -34.83 23.23
N LEU A 41 -13.08 -35.39 24.30
CA LEU A 41 -12.38 -36.40 25.10
C LEU A 41 -12.72 -37.78 24.53
N LEU A 42 -11.74 -38.43 23.93
CA LEU A 42 -11.94 -39.71 23.25
C LEU A 42 -10.98 -40.74 23.83
N GLY A 43 -11.48 -41.95 24.00
CA GLY A 43 -10.66 -43.03 24.53
C GLY A 43 -11.51 -44.26 24.76
N ALA A 44 -10.82 -45.37 25.02
CA ALA A 44 -11.49 -46.63 25.29
C ALA A 44 -12.13 -46.61 26.67
N GLY A 45 -13.00 -47.60 26.91
CA GLY A 45 -13.65 -47.69 28.21
C GLY A 45 -12.67 -47.91 29.34
N GLU A 46 -11.68 -48.78 29.12
CA GLU A 46 -10.71 -49.07 30.17
C GLU A 46 -9.82 -47.89 30.49
N SER A 47 -9.77 -46.87 29.63
CA SER A 47 -8.91 -45.73 29.87
C SER A 47 -9.35 -44.99 31.13
N GLY A 48 -8.53 -44.03 31.54
CA GLY A 48 -8.80 -43.27 32.75
C GLY A 48 -9.56 -42.00 32.50
N LYS A 49 -10.23 -41.89 31.35
CA LYS A 49 -10.97 -40.68 31.03
C LYS A 49 -12.04 -40.41 32.07
N SER A 50 -12.67 -41.45 32.60
CA SER A 50 -13.69 -41.26 33.63
C SER A 50 -13.09 -40.64 34.88
N THR A 51 -11.90 -41.11 35.28
CA THR A 51 -11.22 -40.49 36.42
C THR A 51 -10.70 -39.11 36.08
N ILE A 52 -10.30 -38.89 34.82
CA ILE A 52 -9.78 -37.58 34.42
C ILE A 52 -10.86 -36.52 34.58
N VAL A 53 -12.08 -36.81 34.10
CA VAL A 53 -13.16 -35.85 34.22
C VAL A 53 -13.59 -35.69 35.68
N LYS A 54 -13.58 -36.79 36.44
CA LYS A 54 -13.99 -36.72 37.84
C LYS A 54 -13.09 -35.78 38.63
N GLN A 55 -11.78 -35.85 38.41
CA GLN A 55 -10.82 -34.99 39.09
C GLN A 55 -10.55 -33.69 38.33
N MET A 56 -11.45 -33.30 37.44
CA MET A 56 -11.31 -32.06 36.69
C MET A 56 -12.66 -31.36 36.54
N THR A 70 -28.95 -38.48 28.57
CA THR A 70 -28.45 -38.10 27.27
C THR A 70 -27.22 -38.91 26.89
N GLY A 71 -26.96 -39.01 25.58
CA GLY A 71 -25.85 -39.80 25.09
C GLY A 71 -24.50 -39.14 25.14
N ILE A 72 -24.44 -37.83 25.38
CA ILE A 72 -23.20 -37.08 25.43
C ILE A 72 -23.09 -36.39 26.78
N PHE A 73 -21.95 -36.55 27.43
CA PHE A 73 -21.70 -35.97 28.75
C PHE A 73 -20.83 -34.72 28.60
N GLU A 74 -20.98 -33.81 29.56
CA GLU A 74 -20.34 -32.51 29.50
C GLU A 74 -19.55 -32.24 30.78
N THR A 75 -18.35 -31.68 30.61
CA THR A 75 -17.52 -31.22 31.71
C THR A 75 -17.00 -29.83 31.36
N LYS A 76 -17.25 -28.86 32.24
CA LYS A 76 -16.89 -27.48 32.02
C LYS A 76 -15.96 -27.02 33.14
N PHE A 77 -14.87 -26.35 32.76
CA PHE A 77 -13.87 -25.91 33.72
C PHE A 77 -13.12 -24.71 33.13
N GLN A 78 -12.42 -24.00 34.00
CA GLN A 78 -11.64 -22.83 33.60
C GLN A 78 -10.24 -22.92 34.18
N VAL A 79 -9.27 -22.45 33.41
CA VAL A 79 -7.88 -22.35 33.84
C VAL A 79 -7.37 -20.97 33.47
N ASP A 80 -6.92 -20.21 34.48
CA ASP A 80 -6.44 -18.85 34.25
C ASP A 80 -7.50 -17.98 33.58
N LYS A 81 -8.75 -18.15 34.01
CA LYS A 81 -9.86 -17.32 33.57
C LYS A 81 -10.11 -17.43 32.06
N VAL A 82 -9.97 -18.64 31.51
CA VAL A 82 -10.34 -18.93 30.14
C VAL A 82 -11.26 -20.15 30.15
N ASN A 83 -12.34 -20.06 29.38
CA ASN A 83 -13.36 -21.11 29.40
C ASN A 83 -12.96 -22.29 28.53
N PHE A 84 -13.14 -23.49 29.07
CA PHE A 84 -12.90 -24.74 28.35
C PHE A 84 -14.14 -25.60 28.42
N HIS A 85 -14.47 -26.25 27.30
CA HIS A 85 -15.66 -27.10 27.19
C HIS A 85 -15.22 -28.45 26.66
N MET A 86 -15.33 -29.48 27.50
CA MET A 86 -14.91 -30.83 27.14
C MET A 86 -16.15 -31.72 26.99
N PHE A 87 -16.22 -32.44 25.87
CA PHE A 87 -17.35 -33.30 25.55
C PHE A 87 -16.88 -34.75 25.56
N ASP A 88 -17.60 -35.59 26.31
CA ASP A 88 -17.35 -37.03 26.34
C ASP A 88 -18.59 -37.74 25.83
N VAL A 89 -18.42 -38.55 24.79
CA VAL A 89 -19.51 -39.30 24.18
C VAL A 89 -19.50 -40.70 24.78
N GLY A 90 -20.51 -41.00 25.59
CA GLY A 90 -20.60 -42.29 26.24
C GLY A 90 -21.73 -43.17 25.71
N GLY A 91 -22.86 -42.56 25.39
CA GLY A 91 -24.01 -43.31 24.92
C GLY A 91 -24.08 -43.44 23.42
N GLN A 92 -23.03 -44.03 22.83
CA GLN A 92 -22.98 -44.19 21.38
C GLN A 92 -22.48 -45.59 21.02
N ARG A 93 -22.83 -46.05 19.83
CA ARG A 93 -22.39 -47.36 19.37
C ARG A 93 -20.91 -47.33 19.01
N ASP A 94 -20.38 -48.52 18.71
CA ASP A 94 -18.95 -48.64 18.42
C ASP A 94 -18.56 -47.82 17.19
N GLU A 95 -19.38 -47.87 16.14
CA GLU A 95 -19.08 -47.12 14.93
C GLU A 95 -19.00 -45.63 15.24
N ARG A 96 -17.94 -44.97 14.77
CA ARG A 96 -17.69 -43.58 15.07
C ARG A 96 -17.47 -42.72 13.83
N ARG A 97 -17.45 -43.32 12.63
CA ARG A 97 -17.05 -42.59 11.43
C ARG A 97 -18.02 -41.49 11.05
N LYS A 98 -19.23 -41.46 11.60
CA LYS A 98 -20.22 -40.45 11.22
C LYS A 98 -20.33 -39.33 12.25
N TRP A 99 -20.62 -39.66 13.52
CA TRP A 99 -20.77 -38.60 14.51
C TRP A 99 -19.45 -37.91 14.83
N ILE A 100 -18.32 -38.52 14.47
CA ILE A 100 -17.03 -37.86 14.64
C ILE A 100 -16.97 -36.63 13.76
N GLN A 101 -17.70 -36.64 12.64
CA GLN A 101 -17.64 -35.54 11.68
C GLN A 101 -18.07 -34.22 12.31
N CYS A 102 -18.92 -34.26 13.34
CA CYS A 102 -19.40 -33.04 13.97
C CYS A 102 -18.31 -32.30 14.72
N PHE A 103 -17.19 -32.95 15.02
CA PHE A 103 -16.12 -32.38 15.83
C PHE A 103 -14.98 -31.86 14.95
N ASN A 104 -15.29 -31.30 13.79
CA ASN A 104 -14.28 -30.78 12.89
C ASN A 104 -13.81 -29.37 13.25
N ASP A 105 -14.38 -28.76 14.29
CA ASP A 105 -14.00 -27.42 14.71
C ASP A 105 -13.51 -27.37 16.15
N VAL A 106 -13.27 -28.51 16.78
CA VAL A 106 -12.79 -28.51 18.16
C VAL A 106 -11.34 -28.03 18.19
N THR A 107 -10.97 -27.39 19.30
CA THR A 107 -9.60 -26.89 19.44
C THR A 107 -8.61 -28.04 19.42
N ALA A 108 -8.91 -29.12 20.13
CA ALA A 108 -8.01 -30.27 20.19
C ALA A 108 -8.80 -31.49 20.63
N ILE A 109 -8.21 -32.67 20.40
CA ILE A 109 -8.78 -33.94 20.82
C ILE A 109 -7.90 -34.49 21.93
N ILE A 110 -8.50 -34.75 23.09
CA ILE A 110 -7.80 -35.29 24.24
C ILE A 110 -7.88 -36.81 24.15
N PHE A 111 -6.89 -37.42 23.52
CA PHE A 111 -6.85 -38.87 23.34
C PHE A 111 -6.16 -39.51 24.53
N VAL A 112 -6.83 -40.46 25.17
CA VAL A 112 -6.33 -41.14 26.36
C VAL A 112 -6.09 -42.60 26.01
N VAL A 113 -4.91 -43.11 26.37
CA VAL A 113 -4.50 -44.46 26.04
C VAL A 113 -4.04 -45.16 27.32
N ALA A 114 -4.36 -46.45 27.43
CA ALA A 114 -3.96 -47.25 28.57
C ALA A 114 -2.58 -47.85 28.33
N SER A 115 -2.16 -48.77 29.19
CA SER A 115 -0.87 -49.44 29.08
C SER A 115 -1.08 -50.95 29.15
N SER A 116 -0.38 -51.67 28.27
CA SER A 116 -0.47 -53.13 28.22
C SER A 116 0.91 -53.75 28.10
N GLN A 127 -3.19 -58.08 30.24
CA GLN A 127 -4.25 -57.80 29.27
C GLN A 127 -3.75 -58.01 27.85
N THR A 128 -4.67 -57.98 26.89
CA THR A 128 -4.32 -58.17 25.49
C THR A 128 -3.65 -56.91 24.94
N ASN A 129 -3.33 -56.93 23.65
CA ASN A 129 -2.67 -55.81 22.98
C ASN A 129 -3.70 -54.74 22.58
N ARG A 130 -4.32 -54.15 23.60
CA ARG A 130 -5.25 -53.06 23.35
C ARG A 130 -4.55 -51.82 22.83
N LEU A 131 -3.22 -51.72 22.98
CA LEU A 131 -2.49 -50.58 22.46
C LEU A 131 -2.59 -50.52 20.94
N GLN A 132 -2.54 -51.68 20.27
CA GLN A 132 -2.69 -51.69 18.81
C GLN A 132 -4.04 -51.12 18.40
N GLU A 133 -5.11 -51.49 19.12
CA GLU A 133 -6.42 -50.92 18.84
C GLU A 133 -6.40 -49.41 19.04
N ALA A 134 -5.76 -48.94 20.11
CA ALA A 134 -5.66 -47.51 20.34
C ALA A 134 -4.87 -46.84 19.22
N LEU A 135 -3.78 -47.47 18.76
CA LEU A 135 -3.01 -46.91 17.67
C LEU A 135 -3.84 -46.82 16.39
N ASN A 136 -4.62 -47.87 16.10
CA ASN A 136 -5.47 -47.84 14.92
C ASN A 136 -6.50 -46.73 15.00
N LEU A 137 -7.12 -46.56 16.18
CA LEU A 137 -8.07 -45.46 16.35
C LEU A 137 -7.39 -44.12 16.17
N PHE A 138 -6.19 -43.95 16.73
CA PHE A 138 -5.45 -42.71 16.55
C PHE A 138 -5.11 -42.49 15.08
N LYS A 139 -4.74 -43.54 14.37
CA LYS A 139 -4.44 -43.42 12.94
C LYS A 139 -5.66 -42.96 12.17
N SER A 140 -6.82 -43.54 12.46
CA SER A 140 -8.04 -43.14 11.76
C SER A 140 -8.38 -41.68 12.05
N ILE A 141 -8.27 -41.26 13.31
CA ILE A 141 -8.54 -39.87 13.66
C ILE A 141 -7.58 -38.95 12.94
N TRP A 142 -6.32 -39.37 12.82
CA TRP A 142 -5.28 -38.51 12.24
C TRP A 142 -5.42 -38.39 10.72
N ASN A 143 -5.94 -39.42 10.06
CA ASN A 143 -5.95 -39.49 8.60
C ASN A 143 -7.28 -39.14 7.97
N ASN A 144 -8.34 -39.00 8.75
CA ASN A 144 -9.64 -38.64 8.19
C ASN A 144 -9.55 -37.26 7.53
N ARG A 145 -10.26 -37.11 6.41
CA ARG A 145 -10.24 -35.84 5.70
C ARG A 145 -10.66 -34.70 6.61
N TRP A 146 -11.70 -34.92 7.40
CA TRP A 146 -12.08 -34.00 8.47
C TRP A 146 -11.37 -34.42 9.75
N LEU A 147 -11.14 -33.45 10.64
CA LEU A 147 -10.25 -33.55 11.78
C LEU A 147 -8.79 -33.54 11.33
N ARG A 148 -8.50 -33.48 10.04
CA ARG A 148 -7.14 -33.41 9.55
C ARG A 148 -6.45 -32.12 9.98
N THR A 149 -7.20 -31.05 10.17
CA THR A 149 -6.67 -29.77 10.63
C THR A 149 -6.77 -29.62 12.14
N ILE A 150 -7.19 -30.65 12.86
CA ILE A 150 -7.41 -30.60 14.29
C ILE A 150 -6.28 -31.32 14.99
N SER A 151 -5.62 -30.63 15.92
CA SER A 151 -4.53 -31.22 16.68
C SER A 151 -5.06 -32.21 17.71
N VAL A 152 -4.19 -33.11 18.14
CA VAL A 152 -4.53 -34.15 19.10
C VAL A 152 -3.59 -34.03 20.30
N ILE A 153 -4.17 -33.98 21.49
CA ILE A 153 -3.42 -34.02 22.74
C ILE A 153 -3.48 -35.45 23.25
N LEU A 154 -2.33 -36.11 23.29
CA LEU A 154 -2.26 -37.53 23.61
C LEU A 154 -1.89 -37.71 25.08
N PHE A 155 -2.75 -38.40 25.83
CA PHE A 155 -2.51 -38.70 27.23
C PHE A 155 -2.20 -40.19 27.35
N LEU A 156 -0.98 -40.51 27.77
CA LEU A 156 -0.59 -41.89 28.08
C LEU A 156 -0.92 -42.13 29.54
N ASN A 157 -2.15 -42.56 29.78
CA ASN A 157 -2.65 -42.69 31.14
C ASN A 157 -2.16 -43.99 31.78
N LYS A 158 -2.54 -44.18 33.05
CA LYS A 158 -2.20 -45.40 33.80
C LYS A 158 -0.68 -45.60 33.83
N GLN A 159 0.05 -44.52 34.13
CA GLN A 159 1.50 -44.61 34.17
C GLN A 159 1.97 -45.43 35.35
N ASP A 160 1.28 -45.35 36.48
CA ASP A 160 1.67 -46.15 37.64
C ASP A 160 1.57 -47.64 37.32
N LEU A 161 0.50 -48.05 36.64
CA LEU A 161 0.38 -49.44 36.24
C LEU A 161 1.46 -49.84 35.25
N LEU A 162 1.83 -48.92 34.35
CA LEU A 162 2.91 -49.21 33.39
C LEU A 162 4.21 -49.49 34.12
N ALA A 163 4.53 -48.66 35.12
CA ALA A 163 5.75 -48.89 35.90
C ALA A 163 5.68 -50.21 36.65
N GLU A 164 4.51 -50.53 37.21
CA GLU A 164 4.35 -51.77 37.97
C GLU A 164 4.60 -52.98 37.08
N LYS A 165 4.03 -52.97 35.87
CA LYS A 165 4.18 -54.12 34.98
C LYS A 165 5.62 -54.23 34.45
N VAL A 166 6.21 -53.10 34.06
CA VAL A 166 7.57 -53.12 33.52
C VAL A 166 8.54 -53.61 34.59
N LEU A 167 8.41 -53.10 35.82
CA LEU A 167 9.30 -53.53 36.89
C LEU A 167 9.15 -55.01 37.18
N ALA A 168 7.92 -55.51 37.18
CA ALA A 168 7.66 -56.92 37.44
C ALA A 168 8.32 -57.79 36.37
N LYS A 172 7.80 -58.15 28.70
CA LYS A 172 6.55 -58.73 28.22
C LYS A 172 5.98 -57.91 27.07
N ILE A 173 6.36 -56.63 27.01
CA ILE A 173 5.86 -55.76 25.95
C ILE A 173 6.38 -56.23 24.59
N GLU A 174 7.63 -56.71 24.54
CA GLU A 174 8.20 -57.18 23.29
C GLU A 174 7.33 -58.25 22.65
N ASP A 175 6.61 -59.02 23.45
CA ASP A 175 5.73 -60.05 22.89
C ASP A 175 4.67 -59.44 22.00
N TYR A 176 4.05 -58.34 22.45
CA TYR A 176 3.04 -57.66 21.65
C TYR A 176 3.66 -56.71 20.63
N PHE A 177 4.94 -56.40 20.74
CA PHE A 177 5.61 -55.48 19.81
C PHE A 177 7.06 -55.92 19.67
N PRO A 178 7.37 -56.75 18.67
CA PRO A 178 8.75 -57.24 18.53
C PRO A 178 9.76 -56.15 18.26
N GLU A 179 9.33 -54.97 17.78
CA GLU A 179 10.25 -53.88 17.52
C GLU A 179 10.88 -53.32 18.79
N PHE A 180 10.33 -53.65 19.97
CA PHE A 180 10.88 -53.09 21.20
C PHE A 180 12.30 -53.58 21.46
N ALA A 181 12.64 -54.78 20.99
CA ALA A 181 13.97 -55.32 21.27
C ALA A 181 15.06 -54.46 20.66
N ARG A 182 14.88 -54.02 19.41
CA ARG A 182 15.88 -53.20 18.74
C ARG A 182 15.81 -51.73 19.16
N TYR A 183 14.70 -51.31 19.77
CA TYR A 183 14.54 -49.92 20.14
C TYR A 183 15.46 -49.53 21.28
N THR A 184 15.90 -48.27 21.27
CA THR A 184 16.75 -47.72 22.32
C THR A 184 16.14 -46.44 22.83
N THR A 185 16.48 -46.09 24.08
CA THR A 185 15.92 -44.91 24.70
C THR A 185 16.32 -43.66 23.90
N PRO A 186 15.40 -42.73 23.65
CA PRO A 186 15.77 -41.50 22.94
C PRO A 186 16.85 -40.73 23.68
N GLU A 187 17.74 -40.10 22.90
CA GLU A 187 18.82 -39.32 23.50
C GLU A 187 18.30 -38.06 24.17
N ASP A 188 17.11 -37.59 23.82
CA ASP A 188 16.52 -36.38 24.39
C ASP A 188 15.54 -36.67 25.53
N ALA A 189 15.47 -37.93 25.97
CA ALA A 189 14.54 -38.28 27.04
C ALA A 189 14.86 -37.53 28.31
N THR A 190 13.82 -37.13 29.05
CA THR A 190 13.94 -36.41 30.30
C THR A 190 13.10 -37.12 31.36
N PRO A 191 13.53 -38.31 31.78
CA PRO A 191 12.75 -39.07 32.76
C PRO A 191 12.82 -38.45 34.15
N GLU A 192 11.83 -38.78 34.96
CA GLU A 192 11.79 -38.31 36.34
C GLU A 192 12.93 -38.94 37.13
N PRO A 193 13.43 -38.27 38.16
CA PRO A 193 14.55 -38.83 38.94
C PRO A 193 14.18 -40.16 39.58
N GLY A 194 15.17 -41.06 39.60
CA GLY A 194 14.98 -42.36 40.23
C GLY A 194 14.16 -43.35 39.43
N GLU A 195 13.87 -43.07 38.17
CA GLU A 195 13.07 -43.96 37.35
C GLU A 195 13.91 -45.08 36.77
N ASP A 196 13.33 -46.26 36.69
CA ASP A 196 14.02 -47.40 36.12
C ASP A 196 14.24 -47.15 34.63
N PRO A 197 15.45 -47.36 34.10
CA PRO A 197 15.65 -47.12 32.66
C PRO A 197 14.72 -47.93 31.78
N ARG A 198 14.41 -49.17 32.18
CA ARG A 198 13.48 -49.97 31.39
C ARG A 198 12.10 -49.32 31.33
N VAL A 199 11.66 -48.73 32.44
CA VAL A 199 10.37 -48.03 32.43
C VAL A 199 10.42 -46.88 31.43
N THR A 200 11.50 -46.12 31.42
CA THR A 200 11.63 -45.02 30.46
C THR A 200 11.63 -45.54 29.03
N ARG A 201 12.31 -46.66 28.79
CA ARG A 201 12.34 -47.21 27.44
C ARG A 201 10.93 -47.61 27.00
N ALA A 202 10.18 -48.26 27.88
CA ALA A 202 8.79 -48.60 27.56
C ALA A 202 7.96 -47.33 27.38
N LYS A 203 8.20 -46.32 28.23
CA LYS A 203 7.50 -45.05 28.09
C LYS A 203 7.64 -44.49 26.69
N TYR A 204 8.88 -44.28 26.25
CA TYR A 204 9.12 -43.59 24.99
C TYR A 204 8.86 -44.48 23.78
N PHE A 205 8.94 -45.80 23.94
CA PHE A 205 8.58 -46.69 22.84
C PHE A 205 7.12 -46.51 22.45
N ILE A 206 6.24 -46.47 23.45
CA ILE A 206 4.83 -46.23 23.19
C ILE A 206 4.63 -44.83 22.61
N ARG A 207 5.30 -43.84 23.20
CA ARG A 207 5.19 -42.47 22.71
C ARG A 207 5.69 -42.36 21.27
N ASP A 208 6.83 -43.01 20.98
CA ASP A 208 7.36 -42.99 19.62
C ASP A 208 6.44 -43.70 18.64
N GLU A 209 5.80 -44.79 19.07
CA GLU A 209 4.84 -45.47 18.20
C GLU A 209 3.73 -44.53 17.77
N PHE A 210 3.17 -43.79 18.73
CA PHE A 210 2.13 -42.82 18.39
C PHE A 210 2.70 -41.67 17.57
N LEU A 211 3.89 -41.20 17.91
CA LEU A 211 4.51 -40.11 17.15
C LEU A 211 4.82 -40.54 15.72
N ARG A 212 5.25 -41.78 15.52
CA ARG A 212 5.48 -42.26 14.16
C ARG A 212 4.21 -42.21 13.34
N ILE A 213 3.08 -42.61 13.93
CA ILE A 213 1.80 -42.51 13.24
C ILE A 213 1.48 -41.06 12.92
N SER A 214 1.79 -40.15 13.85
CA SER A 214 1.48 -38.74 13.65
C SER A 214 2.40 -38.11 12.61
N THR A 215 3.67 -38.50 12.58
CA THR A 215 4.65 -37.88 11.70
C THR A 215 4.70 -38.55 10.33
N ALA A 216 4.74 -39.87 10.29
CA ALA A 216 4.84 -40.59 9.02
C ALA A 216 3.64 -40.31 8.12
N SER A 217 2.51 -39.89 8.69
CA SER A 217 1.32 -39.57 7.93
C SER A 217 0.88 -38.16 8.27
N GLY A 218 0.13 -37.56 7.33
CA GLY A 218 -0.31 -36.19 7.50
C GLY A 218 0.74 -35.20 7.08
N ASP A 219 0.53 -33.95 7.50
CA ASP A 219 1.42 -32.85 7.16
C ASP A 219 1.56 -31.96 8.38
N GLY A 220 2.11 -30.76 8.18
CA GLY A 220 2.28 -29.80 9.24
C GLY A 220 1.04 -29.01 9.60
N ARG A 221 -0.11 -29.34 9.01
CA ARG A 221 -1.33 -28.62 9.31
C ARG A 221 -1.75 -28.79 10.77
N HIS A 222 -1.37 -29.91 11.38
CA HIS A 222 -1.72 -30.16 12.78
C HIS A 222 -0.61 -31.00 13.41
N TYR A 223 -0.58 -30.97 14.74
CA TYR A 223 0.50 -31.61 15.50
C TYR A 223 -0.09 -32.45 16.62
N CYS A 224 0.73 -33.34 17.15
CA CYS A 224 0.38 -34.19 18.28
C CYS A 224 1.16 -33.75 19.51
N TYR A 225 0.47 -33.75 20.67
CA TYR A 225 1.04 -33.28 21.92
C TYR A 225 1.04 -34.44 22.92
N PRO A 226 2.13 -35.22 22.99
CA PRO A 226 2.16 -36.34 23.93
C PRO A 226 2.43 -35.89 25.35
N HIS A 227 1.77 -36.56 26.30
CA HIS A 227 1.95 -36.30 27.72
C HIS A 227 1.74 -37.58 28.50
N PHE A 228 2.54 -37.76 29.55
CA PHE A 228 2.40 -38.91 30.46
C PHE A 228 1.65 -38.44 31.70
N THR A 229 0.57 -39.15 32.03
CA THR A 229 -0.31 -38.73 33.12
C THR A 229 -0.87 -39.95 33.83
N CYS A 230 -1.53 -39.69 34.94
CA CYS A 230 -2.17 -40.73 35.74
C CYS A 230 -3.46 -40.16 36.32
N ALA A 231 -4.20 -40.99 37.06
CA ALA A 231 -5.47 -40.55 37.63
C ALA A 231 -5.27 -39.39 38.59
N VAL A 232 -4.27 -39.51 39.47
CA VAL A 232 -3.97 -38.44 40.44
C VAL A 232 -2.91 -37.56 39.79
N ASP A 233 -3.38 -36.57 39.02
CA ASP A 233 -2.48 -35.65 38.33
C ASP A 233 -3.25 -34.36 38.09
N THR A 234 -2.97 -33.34 38.90
CA THR A 234 -3.60 -32.04 38.74
C THR A 234 -3.03 -31.23 37.58
N GLU A 235 -1.87 -31.62 37.06
CA GLU A 235 -1.25 -30.91 35.95
C GLU A 235 -1.99 -31.11 34.64
N ASN A 236 -2.96 -32.02 34.58
CA ASN A 236 -3.64 -32.29 33.32
C ASN A 236 -4.32 -31.04 32.78
N ILE A 237 -4.94 -30.25 33.65
CA ILE A 237 -5.61 -29.03 33.19
C ILE A 237 -4.57 -28.05 32.64
N ARG A 238 -3.44 -27.90 33.34
CA ARG A 238 -2.40 -27.01 32.87
C ARG A 238 -1.82 -27.48 31.54
N ARG A 239 -1.61 -28.79 31.39
CA ARG A 239 -1.11 -29.32 30.13
C ARG A 239 -2.07 -29.03 28.99
N VAL A 240 -3.37 -29.23 29.22
CA VAL A 240 -4.36 -28.95 28.20
C VAL A 240 -4.36 -27.47 27.84
N PHE A 241 -4.24 -26.61 28.85
CA PHE A 241 -4.20 -25.17 28.59
C PHE A 241 -2.98 -24.82 27.73
N ASN A 242 -1.81 -25.38 28.06
CA ASN A 242 -0.61 -25.08 27.29
C ASN A 242 -0.73 -25.58 25.86
N ASP A 243 -1.25 -26.79 25.69
CA ASP A 243 -1.42 -27.32 24.34
C ASP A 243 -2.40 -26.48 23.53
N CYS A 244 -3.50 -26.06 24.14
CA CYS A 244 -4.49 -25.26 23.43
C CYS A 244 -3.91 -23.92 23.00
N ARG A 245 -3.16 -23.25 23.89
CA ARG A 245 -2.57 -21.97 23.54
C ARG A 245 -1.58 -22.13 22.39
N ASP A 246 -0.80 -23.21 22.40
CA ASP A 246 0.12 -23.46 21.29
C ASP A 246 -0.64 -23.69 20.00
N ILE A 247 -1.73 -24.46 20.05
CA ILE A 247 -2.51 -24.73 18.85
C ILE A 247 -3.11 -23.45 18.30
N ILE A 248 -3.68 -22.61 19.18
CA ILE A 248 -4.29 -21.38 18.72
C ILE A 248 -3.23 -20.41 18.22
N GLN A 249 -2.07 -20.38 18.87
CA GLN A 249 -0.99 -19.53 18.39
C GLN A 249 -0.55 -19.96 16.99
N ARG A 250 -0.41 -21.27 16.76
CA ARG A 250 -0.05 -21.76 15.44
C ARG A 250 -1.13 -21.45 14.42
N MET A 251 -2.41 -21.56 14.82
CA MET A 251 -3.50 -21.22 13.92
C MET A 251 -3.42 -19.75 13.52
N HIS A 252 -3.14 -18.86 14.47
CA HIS A 252 -2.99 -17.45 14.14
C HIS A 252 -1.82 -17.23 13.19
N LEU A 253 -0.72 -17.95 13.39
CA LEU A 253 0.41 -17.85 12.48
C LEU A 253 0.00 -18.23 11.06
N ARG A 254 -0.79 -19.31 10.93
CA ARG A 254 -1.26 -19.72 9.61
C ARG A 254 -2.13 -18.64 8.97
N GLN A 255 -3.00 -18.02 9.78
CA GLN A 255 -3.86 -16.97 9.25
C GLN A 255 -3.04 -15.80 8.71
N TYR A 256 -1.92 -15.49 9.36
CA TYR A 256 -1.05 -14.40 8.95
C TYR A 256 -0.03 -14.82 7.90
N GLU A 257 -0.07 -16.07 7.45
CA GLU A 257 0.82 -16.62 6.44
C GLU A 257 2.26 -16.74 6.92
N LEU A 258 2.52 -16.52 8.22
CA LEU A 258 3.86 -16.73 8.74
C LEU A 258 4.19 -18.21 8.88
N LEU A 259 3.20 -19.08 8.76
CA LEU A 259 3.42 -20.52 8.85
C LEU A 259 2.48 -21.25 7.90
N GLU B 8 -27.85 -75.64 12.33
CA GLU B 8 -28.99 -74.69 12.30
C GLU B 8 -28.65 -73.44 11.50
N LEU B 9 -27.56 -72.77 11.90
CA LEU B 9 -27.16 -71.55 11.22
C LEU B 9 -26.82 -71.79 9.76
N ASP B 10 -26.11 -72.89 9.47
CA ASP B 10 -25.72 -73.18 8.09
C ASP B 10 -26.94 -73.35 7.19
N GLN B 11 -27.95 -74.08 7.65
CA GLN B 11 -29.15 -74.29 6.84
C GLN B 11 -29.86 -72.97 6.60
N LEU B 12 -30.00 -72.14 7.64
CA LEU B 12 -30.66 -70.85 7.48
C LEU B 12 -29.90 -69.95 6.51
N ARG B 13 -28.57 -69.92 6.63
CA ARG B 13 -27.77 -69.11 5.71
C ARG B 13 -27.92 -69.60 4.28
N GLN B 14 -27.94 -70.91 4.07
CA GLN B 14 -28.14 -71.45 2.73
C GLN B 14 -29.49 -71.05 2.18
N GLU B 15 -30.53 -71.10 3.01
CA GLU B 15 -31.86 -70.67 2.57
C GLU B 15 -31.86 -69.19 2.22
N ALA B 16 -31.18 -68.37 3.02
CA ALA B 16 -31.10 -66.94 2.72
C ALA B 16 -30.38 -66.71 1.39
N GLU B 17 -29.29 -67.44 1.16
CA GLU B 17 -28.58 -67.31 -0.11
C GLU B 17 -29.47 -67.70 -1.29
N GLN B 18 -30.23 -68.78 -1.13
CA GLN B 18 -31.14 -69.19 -2.20
C GLN B 18 -32.20 -68.12 -2.47
N LEU B 19 -32.76 -67.55 -1.40
CA LEU B 19 -33.74 -66.49 -1.58
C LEU B 19 -33.13 -65.28 -2.25
N LYS B 20 -31.90 -64.91 -1.87
CA LYS B 20 -31.23 -63.78 -2.51
C LYS B 20 -30.99 -64.07 -3.99
N ASN B 21 -30.58 -65.30 -4.31
CA ASN B 21 -30.36 -65.65 -5.71
C ASN B 21 -31.64 -65.53 -6.52
N GLN B 22 -32.77 -65.98 -5.95
CA GLN B 22 -34.05 -65.82 -6.63
C GLN B 22 -34.36 -64.34 -6.85
N ILE B 23 -34.16 -63.53 -5.82
CA ILE B 23 -34.46 -62.10 -5.94
C ILE B 23 -33.62 -61.46 -7.04
N ARG B 24 -32.32 -61.79 -7.08
CA ARG B 24 -31.47 -61.27 -8.13
C ARG B 24 -31.92 -61.75 -9.50
N ASP B 25 -32.29 -63.02 -9.61
CA ASP B 25 -32.78 -63.55 -10.88
C ASP B 25 -34.04 -62.82 -11.32
N ALA B 26 -34.97 -62.59 -10.39
CA ALA B 26 -36.18 -61.83 -10.72
C ALA B 26 -35.83 -60.41 -11.12
N ARG B 27 -34.88 -59.78 -10.43
CA ARG B 27 -34.48 -58.43 -10.76
C ARG B 27 -33.93 -58.34 -12.18
N LYS B 28 -33.08 -59.30 -12.56
CA LYS B 28 -32.54 -59.32 -13.91
C LYS B 28 -33.61 -59.62 -14.93
N ALA B 29 -34.61 -60.45 -14.57
CA ALA B 29 -35.68 -60.79 -15.50
C ALA B 29 -36.50 -59.57 -15.88
N CYS B 30 -36.49 -58.51 -15.07
CA CYS B 30 -37.25 -57.30 -15.32
C CYS B 30 -36.41 -56.18 -15.91
N ALA B 31 -35.15 -56.46 -16.27
CA ALA B 31 -34.25 -55.43 -16.79
C ALA B 31 -34.42 -55.33 -18.30
N ASP B 32 -35.50 -54.65 -18.71
CA ASP B 32 -35.75 -54.47 -20.13
C ASP B 32 -34.72 -53.56 -20.77
N ALA B 33 -34.46 -52.40 -20.15
CA ALA B 33 -33.50 -51.45 -20.68
C ALA B 33 -33.16 -50.43 -19.61
N THR B 34 -32.03 -49.76 -19.80
CA THR B 34 -31.62 -48.70 -18.89
C THR B 34 -32.45 -47.45 -19.12
N LEU B 35 -32.57 -46.64 -18.06
CA LEU B 35 -33.31 -45.38 -18.19
C LEU B 35 -32.70 -44.49 -19.27
N SER B 36 -31.37 -44.55 -19.44
CA SER B 36 -30.73 -43.76 -20.48
C SER B 36 -31.21 -44.19 -21.87
N GLN B 37 -31.34 -45.49 -22.09
CA GLN B 37 -31.68 -45.99 -23.42
C GLN B 37 -33.05 -45.50 -23.86
N ILE B 38 -34.03 -45.52 -22.96
CA ILE B 38 -35.38 -45.09 -23.33
C ILE B 38 -35.49 -43.57 -23.43
N THR B 39 -34.52 -42.83 -22.90
CA THR B 39 -34.61 -41.37 -22.82
C THR B 39 -33.82 -40.67 -23.92
N ASN B 40 -33.26 -41.40 -24.88
CA ASN B 40 -32.57 -40.74 -25.99
C ASN B 40 -33.51 -39.85 -26.80
N ASN B 41 -34.82 -40.11 -26.75
CA ASN B 41 -35.78 -39.33 -27.51
C ASN B 41 -36.13 -38.01 -26.84
N ILE B 42 -35.67 -37.77 -25.61
CA ILE B 42 -35.99 -36.57 -24.86
C ILE B 42 -34.84 -35.59 -24.98
N ASP B 43 -35.16 -34.33 -25.29
CA ASP B 43 -34.13 -33.32 -25.47
C ASP B 43 -33.44 -33.04 -24.13
N PRO B 44 -32.16 -32.66 -24.17
CA PRO B 44 -31.44 -32.38 -22.92
C PRO B 44 -31.89 -31.06 -22.30
N VAL B 45 -31.64 -30.93 -21.00
CA VAL B 45 -31.95 -29.69 -20.30
C VAL B 45 -31.13 -28.54 -20.86
N GLY B 46 -29.88 -28.81 -21.21
CA GLY B 46 -28.95 -27.76 -21.57
C GLY B 46 -28.27 -27.18 -20.35
N ARG B 47 -27.66 -26.02 -20.55
CA ARG B 47 -26.92 -25.36 -19.49
C ARG B 47 -27.89 -24.67 -18.52
N ILE B 48 -27.71 -24.93 -17.23
CA ILE B 48 -28.45 -24.25 -16.17
C ILE B 48 -27.48 -23.38 -15.41
N GLN B 49 -27.84 -22.11 -15.23
CA GLN B 49 -26.91 -21.12 -14.70
C GLN B 49 -27.49 -20.43 -13.46
N MET B 50 -27.98 -21.21 -12.51
CA MET B 50 -28.52 -20.65 -11.28
C MET B 50 -27.47 -19.78 -10.59
N ARG B 51 -27.93 -18.65 -10.05
CA ARG B 51 -27.06 -17.72 -9.35
C ARG B 51 -27.66 -17.39 -7.99
N THR B 52 -26.79 -17.02 -7.05
CA THR B 52 -27.22 -16.72 -5.69
C THR B 52 -28.09 -15.48 -5.68
N ARG B 53 -29.29 -15.60 -5.12
CA ARG B 53 -30.19 -14.47 -4.93
C ARG B 53 -30.12 -13.87 -3.53
N ARG B 54 -29.98 -14.71 -2.50
CA ARG B 54 -29.92 -14.24 -1.13
C ARG B 54 -28.79 -14.96 -0.40
N THR B 55 -28.24 -14.30 0.61
CA THR B 55 -27.23 -14.89 1.49
C THR B 55 -27.61 -14.57 2.92
N LEU B 56 -27.77 -15.61 3.74
CA LEU B 56 -28.22 -15.47 5.11
C LEU B 56 -27.04 -15.66 6.05
N ARG B 57 -26.84 -14.70 6.96
CA ARG B 57 -25.73 -14.70 7.89
C ARG B 57 -26.25 -14.53 9.31
N GLY B 58 -25.51 -15.07 10.27
CA GLY B 58 -25.89 -15.00 11.66
C GLY B 58 -25.56 -16.26 12.43
N HIS B 59 -25.49 -17.39 11.73
CA HIS B 59 -25.09 -18.63 12.38
C HIS B 59 -23.61 -18.58 12.74
N LEU B 60 -23.28 -19.08 13.93
CA LEU B 60 -21.91 -18.98 14.44
C LEU B 60 -21.05 -20.18 14.07
N ALA B 61 -21.64 -21.36 13.92
CA ALA B 61 -20.89 -22.57 13.60
C ALA B 61 -21.44 -23.19 12.31
N LYS B 62 -20.89 -24.35 11.97
CA LYS B 62 -21.30 -25.04 10.75
C LYS B 62 -22.76 -25.45 10.82
N ILE B 63 -23.47 -25.28 9.71
CA ILE B 63 -24.86 -25.70 9.60
C ILE B 63 -24.91 -27.17 9.21
N TYR B 64 -25.95 -27.86 9.68
CA TYR B 64 -26.07 -29.28 9.38
C TYR B 64 -27.46 -29.69 8.83
N ALA B 65 -28.45 -28.81 8.86
CA ALA B 65 -29.77 -29.18 8.36
C ALA B 65 -30.60 -27.93 8.11
N MET B 66 -31.45 -28.01 7.10
CA MET B 66 -32.44 -26.99 6.83
C MET B 66 -33.67 -27.65 6.22
N HIS B 67 -34.81 -26.96 6.32
CA HIS B 67 -36.07 -27.50 5.83
C HIS B 67 -36.99 -26.36 5.43
N TRP B 68 -37.48 -26.40 4.20
CA TRP B 68 -38.45 -25.40 3.75
C TRP B 68 -39.81 -25.66 4.37
N GLY B 69 -40.52 -24.58 4.68
CA GLY B 69 -41.88 -24.70 5.15
C GLY B 69 -42.86 -24.87 4.02
N THR B 70 -44.11 -25.18 4.39
CA THR B 70 -45.16 -25.35 3.38
C THR B 70 -45.47 -24.06 2.64
N ASP B 71 -45.13 -22.90 3.23
CA ASP B 71 -45.41 -21.62 2.61
C ASP B 71 -44.33 -21.18 1.63
N SER B 72 -43.24 -21.93 1.50
CA SER B 72 -42.12 -21.61 0.60
C SER B 72 -41.37 -20.36 1.04
N ARG B 73 -41.60 -19.87 2.26
CA ARG B 73 -40.96 -18.66 2.75
C ARG B 73 -40.11 -18.89 3.99
N LEU B 74 -40.57 -19.72 4.92
CA LEU B 74 -39.90 -19.89 6.20
C LEU B 74 -38.88 -21.02 6.11
N LEU B 75 -37.66 -20.75 6.57
CA LEU B 75 -36.56 -21.69 6.56
C LEU B 75 -36.05 -21.92 7.97
N VAL B 76 -35.97 -23.17 8.38
CA VAL B 76 -35.31 -23.55 9.62
C VAL B 76 -33.87 -23.91 9.30
N SER B 77 -32.96 -23.58 10.21
CA SER B 77 -31.54 -23.85 10.02
C SER B 77 -30.94 -24.19 11.37
N ALA B 78 -30.54 -25.45 11.55
CA ALA B 78 -29.93 -25.93 12.78
C ALA B 78 -28.43 -26.03 12.59
N SER B 79 -27.68 -25.37 13.48
CA SER B 79 -26.22 -25.35 13.41
C SER B 79 -25.65 -25.97 14.69
N GLN B 80 -24.38 -26.40 14.59
CA GLN B 80 -23.70 -27.02 15.71
C GLN B 80 -23.39 -26.05 16.83
N ASP B 81 -23.70 -24.76 16.66
CA ASP B 81 -23.45 -23.78 17.72
C ASP B 81 -24.56 -23.79 18.80
N GLY B 82 -25.63 -24.56 18.61
CA GLY B 82 -26.68 -24.61 19.59
C GLY B 82 -27.83 -23.65 19.35
N LYS B 83 -27.95 -23.10 18.14
CA LYS B 83 -29.02 -22.18 17.79
C LYS B 83 -29.88 -22.77 16.69
N LEU B 84 -31.17 -22.50 16.74
CA LEU B 84 -32.14 -22.95 15.75
C LEU B 84 -32.88 -21.71 15.25
N ILE B 85 -32.36 -21.10 14.19
CA ILE B 85 -32.87 -19.85 13.67
C ILE B 85 -33.89 -20.14 12.57
N ILE B 86 -34.95 -19.33 12.52
CA ILE B 86 -35.96 -19.42 11.48
C ILE B 86 -35.87 -18.18 10.62
N TRP B 87 -35.71 -18.38 9.30
CA TRP B 87 -35.51 -17.29 8.36
C TRP B 87 -36.77 -17.06 7.54
N ASP B 88 -37.01 -15.80 7.21
CA ASP B 88 -38.00 -15.41 6.20
C ASP B 88 -37.23 -15.12 4.92
N SER B 89 -37.18 -16.13 4.04
CA SER B 89 -36.31 -16.04 2.86
C SER B 89 -36.63 -14.81 2.01
N TYR B 90 -37.88 -14.38 1.98
CA TYR B 90 -38.25 -13.23 1.14
C TYR B 90 -37.54 -11.97 1.58
N THR B 91 -37.48 -11.72 2.89
CA THR B 91 -36.91 -10.48 3.42
C THR B 91 -35.62 -10.71 4.20
N THR B 92 -35.05 -11.90 4.15
CA THR B 92 -33.77 -12.24 4.79
C THR B 92 -33.67 -11.67 6.22
N ASN B 93 -34.78 -11.65 6.94
CA ASN B 93 -34.81 -11.18 8.32
C ASN B 93 -35.27 -12.31 9.23
N LYS B 94 -34.50 -12.57 10.28
CA LYS B 94 -34.79 -13.70 11.16
C LYS B 94 -36.10 -13.48 11.89
N VAL B 95 -36.90 -14.54 11.99
CA VAL B 95 -38.18 -14.48 12.70
C VAL B 95 -38.04 -15.01 14.13
N HIS B 96 -37.31 -16.12 14.30
CA HIS B 96 -37.11 -16.71 15.61
C HIS B 96 -35.69 -17.23 15.71
N ALA B 97 -35.20 -17.36 16.94
CA ALA B 97 -33.87 -17.92 17.20
C ALA B 97 -33.96 -18.69 18.52
N ILE B 98 -34.18 -19.99 18.41
CA ILE B 98 -34.39 -20.84 19.57
C ILE B 98 -33.04 -21.34 20.08
N PRO B 99 -32.70 -21.13 21.36
CA PRO B 99 -31.47 -21.72 21.90
C PRO B 99 -31.73 -23.17 22.34
N LEU B 100 -30.86 -24.07 21.89
CA LEU B 100 -31.02 -25.49 22.15
C LEU B 100 -30.32 -25.90 23.44
N ARG B 101 -30.81 -26.99 24.04
CA ARG B 101 -30.20 -27.53 25.25
C ARG B 101 -28.88 -28.24 24.97
N SER B 102 -28.70 -28.76 23.76
CA SER B 102 -27.46 -29.42 23.36
C SER B 102 -26.93 -28.73 22.11
N SER B 103 -25.64 -28.38 22.13
CA SER B 103 -25.05 -27.67 21.01
C SER B 103 -24.90 -28.54 19.77
N TRP B 104 -24.95 -29.86 19.93
CA TRP B 104 -24.75 -30.79 18.82
C TRP B 104 -26.12 -31.16 18.23
N VAL B 105 -26.40 -30.64 17.04
CA VAL B 105 -27.66 -30.87 16.34
C VAL B 105 -27.33 -31.40 14.96
N MET B 106 -28.04 -32.46 14.54
CA MET B 106 -27.80 -33.09 13.25
C MET B 106 -28.94 -32.90 12.26
N THR B 107 -30.17 -32.66 12.72
CA THR B 107 -31.31 -32.58 11.81
C THR B 107 -32.31 -31.56 12.34
N CYS B 108 -33.18 -31.11 11.44
CA CYS B 108 -34.27 -30.21 11.78
C CYS B 108 -35.37 -30.39 10.74
N ALA B 109 -36.58 -30.00 11.12
CA ALA B 109 -37.73 -30.16 10.23
C ALA B 109 -38.78 -29.11 10.57
N TYR B 110 -39.68 -28.89 9.60
CA TYR B 110 -40.75 -27.94 9.78
C TYR B 110 -42.06 -28.67 9.59
N ALA B 111 -42.95 -28.58 10.57
CA ALA B 111 -44.23 -29.26 10.51
C ALA B 111 -45.04 -28.73 9.32
N PRO B 112 -45.79 -29.61 8.64
CA PRO B 112 -46.58 -29.12 7.49
C PRO B 112 -47.57 -28.03 7.86
N SER B 113 -48.16 -28.11 9.04
CA SER B 113 -49.08 -27.07 9.49
C SER B 113 -48.35 -25.77 9.84
N GLY B 114 -47.03 -25.82 10.01
CA GLY B 114 -46.26 -24.64 10.34
C GLY B 114 -46.28 -24.25 11.79
N ASN B 115 -46.78 -25.12 12.68
CA ASN B 115 -46.89 -24.78 14.09
C ASN B 115 -45.74 -25.31 14.93
N TYR B 116 -45.09 -26.40 14.51
CA TYR B 116 -44.05 -27.04 15.29
C TYR B 116 -42.78 -27.18 14.46
N VAL B 117 -41.64 -27.13 15.16
CA VAL B 117 -40.33 -27.36 14.56
C VAL B 117 -39.60 -28.37 15.43
N ALA B 118 -39.05 -29.41 14.81
CA ALA B 118 -38.34 -30.46 15.51
C ALA B 118 -36.84 -30.39 15.19
N CYS B 119 -36.05 -31.01 16.05
CA CYS B 119 -34.60 -31.03 15.89
C CYS B 119 -34.03 -32.09 16.84
N GLY B 120 -32.76 -32.41 16.64
CA GLY B 120 -32.09 -33.38 17.48
C GLY B 120 -30.67 -33.59 17.01
N GLY B 121 -29.97 -34.49 17.70
CA GLY B 121 -28.60 -34.78 17.37
C GLY B 121 -27.97 -35.85 18.24
N LEU B 122 -26.73 -35.62 18.67
CA LEU B 122 -26.02 -36.60 19.48
C LEU B 122 -26.68 -36.82 20.84
N ASP B 123 -27.55 -35.90 21.28
CA ASP B 123 -28.18 -36.02 22.58
C ASP B 123 -29.13 -37.21 22.67
N ASN B 124 -29.50 -37.81 21.54
CA ASN B 124 -30.44 -38.93 21.47
C ASN B 124 -31.87 -38.52 21.81
N ILE B 125 -32.13 -37.22 21.96
CA ILE B 125 -33.45 -36.71 22.29
C ILE B 125 -33.90 -35.79 21.17
N CYS B 126 -35.11 -36.02 20.67
CA CYS B 126 -35.70 -35.17 19.64
C CYS B 126 -36.49 -34.05 20.32
N SER B 127 -36.08 -32.81 20.09
CA SER B 127 -36.68 -31.64 20.70
C SER B 127 -37.61 -30.97 19.69
N ILE B 128 -38.83 -30.67 20.11
CA ILE B 128 -39.84 -30.04 19.27
C ILE B 128 -40.30 -28.77 19.95
N TYR B 129 -40.34 -27.68 19.18
CA TYR B 129 -40.67 -26.36 19.71
C TYR B 129 -41.92 -25.83 19.03
N ASN B 130 -42.81 -25.22 19.82
CA ASN B 130 -44.06 -24.65 19.33
C ASN B 130 -43.82 -23.18 19.02
N LEU B 131 -43.84 -22.82 17.73
CA LEU B 131 -43.65 -21.44 17.34
C LEU B 131 -44.83 -20.58 17.74
N LYS B 132 -46.05 -21.05 17.44
CA LYS B 132 -47.27 -20.32 17.78
C LYS B 132 -47.62 -20.62 19.23
N THR B 133 -47.17 -19.74 20.12
CA THR B 133 -47.34 -19.91 21.56
C THR B 133 -48.08 -18.71 22.13
N ARG B 134 -48.97 -18.96 23.09
CA ARG B 134 -49.75 -17.89 23.70
C ARG B 134 -48.83 -16.87 24.39
N GLU B 135 -47.80 -17.36 25.09
CA GLU B 135 -46.85 -16.48 25.75
C GLU B 135 -46.09 -15.59 24.78
N GLY B 136 -46.07 -15.94 23.49
CA GLY B 136 -45.35 -15.15 22.51
C GLY B 136 -43.87 -15.45 22.43
N ASN B 137 -43.41 -16.54 23.04
CA ASN B 137 -42.00 -16.90 23.00
C ASN B 137 -41.88 -18.40 22.73
N VAL B 138 -40.75 -18.79 22.13
CA VAL B 138 -40.54 -20.19 21.79
C VAL B 138 -40.47 -21.02 23.08
N ARG B 139 -40.94 -22.26 22.98
CA ARG B 139 -40.97 -23.16 24.11
C ARG B 139 -40.89 -24.60 23.62
N VAL B 140 -40.50 -25.50 24.52
CA VAL B 140 -40.41 -26.92 24.20
C VAL B 140 -41.75 -27.58 24.45
N SER B 141 -42.43 -27.97 23.38
CA SER B 141 -43.70 -28.67 23.53
C SER B 141 -43.51 -30.03 24.20
N ARG B 142 -42.47 -30.76 23.79
CA ARG B 142 -42.20 -32.07 24.37
C ARG B 142 -40.87 -32.58 23.85
N GLU B 143 -40.23 -33.42 24.66
CA GLU B 143 -38.98 -34.07 24.30
C GLU B 143 -39.20 -35.57 24.24
N LEU B 144 -38.71 -36.21 23.18
CA LEU B 144 -38.88 -37.64 22.95
C LEU B 144 -37.55 -38.34 23.18
N ALA B 145 -37.57 -39.40 23.98
CA ALA B 145 -36.38 -40.17 24.29
C ALA B 145 -36.68 -41.65 24.15
N GLY B 146 -35.62 -42.42 23.90
CA GLY B 146 -35.75 -43.85 23.69
C GLY B 146 -34.78 -44.37 22.65
N HIS B 147 -34.27 -43.48 21.81
CA HIS B 147 -33.25 -43.84 20.85
C HIS B 147 -31.90 -43.97 21.55
N THR B 148 -31.18 -45.06 21.27
CA THR B 148 -29.87 -45.30 21.87
C THR B 148 -28.72 -44.82 20.97
N GLY B 149 -29.02 -43.97 19.98
CA GLY B 149 -28.00 -43.45 19.11
C GLY B 149 -28.36 -42.05 18.65
N TYR B 150 -27.41 -41.41 17.96
CA TYR B 150 -27.62 -40.05 17.50
C TYR B 150 -28.78 -39.98 16.53
N LEU B 151 -29.63 -38.96 16.72
CA LEU B 151 -30.76 -38.74 15.83
C LEU B 151 -30.25 -38.19 14.51
N SER B 152 -30.35 -39.00 13.45
CA SER B 152 -29.80 -38.60 12.16
C SER B 152 -30.77 -37.73 11.36
N CYS B 153 -32.04 -38.10 11.33
CA CYS B 153 -33.04 -37.36 10.57
C CYS B 153 -34.39 -37.49 11.24
N CYS B 154 -35.22 -36.47 11.05
CA CYS B 154 -36.58 -36.46 11.60
C CYS B 154 -37.47 -35.65 10.66
N ARG B 155 -38.67 -36.16 10.41
CA ARG B 155 -39.62 -35.51 9.52
C ARG B 155 -41.01 -35.60 10.13
N PHE B 156 -41.87 -34.65 9.74
CA PHE B 156 -43.22 -34.55 10.27
C PHE B 156 -44.21 -35.18 9.31
N LEU B 157 -44.94 -36.19 9.79
CA LEU B 157 -46.07 -36.71 9.02
C LEU B 157 -47.25 -35.76 9.06
N ASP B 158 -47.54 -35.20 10.23
CA ASP B 158 -48.62 -34.25 10.41
C ASP B 158 -48.33 -33.46 11.68
N ASP B 159 -49.33 -32.71 12.15
CA ASP B 159 -49.17 -31.93 13.37
C ASP B 159 -49.05 -32.78 14.62
N ASN B 160 -49.33 -34.09 14.54
CA ASN B 160 -49.37 -34.96 15.71
C ASN B 160 -48.38 -36.11 15.65
N GLN B 161 -47.87 -36.47 14.46
CA GLN B 161 -46.98 -37.62 14.31
C GLN B 161 -45.68 -37.17 13.67
N ILE B 162 -44.56 -37.68 14.20
CA ILE B 162 -43.23 -37.40 13.69
C ILE B 162 -42.47 -38.72 13.60
N VAL B 163 -41.79 -38.93 12.48
CA VAL B 163 -40.96 -40.12 12.26
C VAL B 163 -39.51 -39.72 12.44
N THR B 164 -38.71 -40.64 12.98
CA THR B 164 -37.33 -40.35 13.33
C THR B 164 -36.43 -41.50 12.90
N SER B 165 -35.17 -41.17 12.61
CA SER B 165 -34.12 -42.14 12.33
C SER B 165 -32.89 -41.76 13.13
N SER B 166 -32.12 -42.78 13.53
CA SER B 166 -30.96 -42.55 14.38
C SER B 166 -29.87 -43.54 13.97
N GLY B 167 -28.77 -43.53 14.72
CA GLY B 167 -27.67 -44.45 14.53
C GLY B 167 -27.89 -45.81 15.16
N ASP B 168 -29.08 -46.06 15.70
CA ASP B 168 -29.40 -47.35 16.29
C ASP B 168 -29.60 -48.44 15.24
N THR B 169 -29.51 -48.10 13.97
CA THR B 169 -29.89 -49.00 12.87
C THR B 169 -31.37 -49.27 12.84
N THR B 170 -32.17 -48.37 13.42
CA THR B 170 -33.61 -48.51 13.49
C THR B 170 -34.26 -47.14 13.37
N CYS B 171 -35.52 -47.15 12.94
CA CYS B 171 -36.34 -45.95 12.88
C CYS B 171 -37.59 -46.15 13.73
N ALA B 172 -38.27 -45.05 14.04
CA ALA B 172 -39.42 -45.12 14.91
C ALA B 172 -40.42 -44.03 14.53
N LEU B 173 -41.67 -44.25 14.91
CA LEU B 173 -42.75 -43.28 14.74
C LEU B 173 -43.22 -42.83 16.11
N TRP B 174 -43.26 -41.53 16.33
CA TRP B 174 -43.60 -40.95 17.62
C TRP B 174 -44.96 -40.25 17.53
N ASP B 175 -45.83 -40.53 18.49
CA ASP B 175 -47.07 -39.78 18.66
C ASP B 175 -46.76 -38.65 19.62
N ILE B 176 -46.95 -37.41 19.16
CA ILE B 176 -46.47 -36.26 19.92
C ILE B 176 -47.19 -36.14 21.25
N GLU B 177 -48.47 -36.50 21.31
CA GLU B 177 -49.23 -36.32 22.54
C GLU B 177 -48.68 -37.19 23.67
N THR B 178 -48.69 -38.52 23.47
CA THR B 178 -48.23 -39.41 24.53
C THR B 178 -46.72 -39.42 24.65
N GLY B 179 -46.01 -39.04 23.59
CA GLY B 179 -44.56 -39.07 23.62
C GLY B 179 -43.99 -40.47 23.71
N GLN B 180 -44.59 -41.43 23.00
CA GLN B 180 -44.15 -42.81 23.01
C GLN B 180 -44.13 -43.34 21.58
N GLN B 181 -43.29 -44.36 21.37
CA GLN B 181 -43.11 -44.94 20.04
C GLN B 181 -44.36 -45.72 19.65
N THR B 182 -45.13 -45.18 18.70
CA THR B 182 -46.28 -45.92 18.18
C THR B 182 -45.83 -47.21 17.51
N THR B 183 -44.76 -47.14 16.72
CA THR B 183 -44.18 -48.32 16.11
C THR B 183 -42.71 -48.05 15.83
N THR B 184 -41.91 -49.12 15.80
CA THR B 184 -40.48 -49.03 15.57
C THR B 184 -40.11 -49.90 14.37
N PHE B 185 -39.25 -49.35 13.52
CA PHE B 185 -38.81 -50.01 12.30
C PHE B 185 -37.40 -50.53 12.51
N THR B 186 -37.20 -51.83 12.29
CA THR B 186 -35.91 -52.49 12.48
C THR B 186 -35.59 -53.36 11.29
N GLY B 187 -34.29 -53.56 11.05
CA GLY B 187 -33.84 -54.36 9.93
C GLY B 187 -32.56 -53.84 9.33
N HIS B 188 -32.26 -52.57 9.56
CA HIS B 188 -31.00 -52.00 9.09
C HIS B 188 -29.85 -52.52 9.95
N THR B 189 -28.67 -52.59 9.33
CA THR B 189 -27.46 -53.02 10.02
C THR B 189 -26.52 -51.86 10.35
N GLY B 190 -26.49 -50.82 9.52
CA GLY B 190 -25.70 -49.65 9.79
C GLY B 190 -26.54 -48.48 10.30
N ASP B 191 -25.87 -47.36 10.51
CA ASP B 191 -26.55 -46.16 10.98
C ASP B 191 -27.49 -45.63 9.90
N VAL B 192 -28.72 -45.31 10.29
CA VAL B 192 -29.68 -44.70 9.38
C VAL B 192 -29.39 -43.20 9.34
N MET B 193 -28.94 -42.71 8.19
CA MET B 193 -28.44 -41.34 8.09
C MET B 193 -29.54 -40.35 7.74
N SER B 194 -30.29 -40.61 6.66
CA SER B 194 -31.28 -39.67 6.16
C SER B 194 -32.61 -40.37 5.97
N LEU B 195 -33.68 -39.57 5.89
CA LEU B 195 -35.02 -40.07 5.71
C LEU B 195 -35.79 -39.12 4.79
N SER B 196 -36.84 -39.65 4.16
CA SER B 196 -37.67 -38.86 3.27
C SER B 196 -39.07 -39.45 3.24
N LEU B 197 -40.08 -38.61 3.47
CA LEU B 197 -41.46 -39.06 3.44
C LEU B 197 -41.98 -39.03 2.01
N ALA B 198 -42.81 -40.02 1.67
CA ALA B 198 -43.42 -40.06 0.36
C ALA B 198 -44.44 -38.92 0.23
N PRO B 199 -44.69 -38.46 -1.00
CA PRO B 199 -45.68 -37.38 -1.17
C PRO B 199 -47.05 -37.74 -0.63
N ASP B 200 -47.42 -39.02 -0.65
CA ASP B 200 -48.71 -39.48 -0.15
C ASP B 200 -48.69 -39.75 1.35
N THR B 201 -47.59 -39.40 2.03
CA THR B 201 -47.47 -39.54 3.50
C THR B 201 -47.84 -40.94 3.97
N ARG B 202 -47.80 -41.93 3.07
CA ARG B 202 -48.14 -43.30 3.41
C ARG B 202 -46.92 -44.19 3.56
N LEU B 203 -45.82 -43.87 2.87
CA LEU B 203 -44.60 -44.66 2.92
C LEU B 203 -43.40 -43.71 3.07
N PHE B 204 -42.32 -44.24 3.62
CA PHE B 204 -41.08 -43.48 3.77
C PHE B 204 -39.90 -44.40 3.52
N VAL B 205 -38.89 -43.87 2.84
CA VAL B 205 -37.71 -44.63 2.43
C VAL B 205 -36.52 -44.17 3.24
N SER B 206 -35.72 -45.12 3.71
CA SER B 206 -34.60 -44.85 4.60
C SER B 206 -33.31 -45.31 3.97
N GLY B 207 -32.26 -44.49 4.13
CA GLY B 207 -30.92 -44.85 3.72
C GLY B 207 -30.03 -44.99 4.95
N ALA B 208 -29.19 -46.01 4.95
CA ALA B 208 -28.38 -46.35 6.10
C ALA B 208 -26.92 -46.50 5.70
N CYS B 209 -26.06 -46.69 6.70
CA CYS B 209 -24.63 -46.80 6.49
C CYS B 209 -24.24 -48.24 6.17
N ASP B 210 -24.99 -48.87 5.26
CA ASP B 210 -24.64 -50.22 4.83
C ASP B 210 -24.80 -50.41 3.32
N ALA B 211 -24.83 -49.32 2.55
CA ALA B 211 -25.03 -49.39 1.10
C ALA B 211 -26.36 -50.03 0.74
N SER B 212 -27.36 -49.84 1.60
CA SER B 212 -28.69 -50.39 1.38
C SER B 212 -29.74 -49.35 1.72
N ALA B 213 -30.86 -49.39 1.00
CA ALA B 213 -32.00 -48.52 1.23
C ALA B 213 -33.24 -49.38 1.42
N LYS B 214 -34.06 -49.00 2.40
CA LYS B 214 -35.25 -49.77 2.76
C LYS B 214 -36.49 -48.88 2.62
N LEU B 215 -37.54 -49.45 2.04
CA LEU B 215 -38.85 -48.80 1.95
C LEU B 215 -39.73 -49.34 3.07
N TRP B 216 -40.20 -48.45 3.93
CA TRP B 216 -41.03 -48.82 5.06
C TRP B 216 -42.43 -48.23 4.86
N ASP B 217 -43.43 -48.92 5.41
CA ASP B 217 -44.79 -48.41 5.42
C ASP B 217 -45.14 -47.97 6.85
N VAL B 218 -45.74 -46.79 6.96
CA VAL B 218 -45.90 -46.15 8.26
C VAL B 218 -46.85 -46.96 9.15
N ARG B 219 -47.94 -47.46 8.57
CA ARG B 219 -49.00 -48.07 9.37
C ARG B 219 -48.72 -49.51 9.76
N GLU B 220 -48.38 -50.37 8.81
CA GLU B 220 -48.11 -51.76 9.12
C GLU B 220 -46.80 -51.96 9.88
N GLY B 221 -45.90 -50.99 9.82
CA GLY B 221 -44.64 -51.11 10.53
C GLY B 221 -43.74 -52.21 10.00
N MET B 222 -43.62 -52.32 8.68
CA MET B 222 -42.77 -53.34 8.06
C MET B 222 -42.13 -52.77 6.81
N CYS B 223 -40.97 -53.32 6.46
CA CYS B 223 -40.30 -52.94 5.22
C CYS B 223 -40.90 -53.68 4.04
N ARG B 224 -41.00 -53.00 2.91
CA ARG B 224 -41.60 -53.55 1.71
C ARG B 224 -40.60 -53.82 0.59
N GLN B 225 -39.50 -53.07 0.52
CA GLN B 225 -38.51 -53.27 -0.52
C GLN B 225 -37.13 -52.89 0.02
N THR B 226 -36.10 -53.56 -0.50
CA THR B 226 -34.71 -53.29 -0.15
C THR B 226 -33.92 -53.09 -1.43
N PHE B 227 -33.15 -52.00 -1.48
CA PHE B 227 -32.32 -51.68 -2.62
C PHE B 227 -30.85 -51.68 -2.19
N THR B 228 -30.01 -52.38 -2.95
CA THR B 228 -28.61 -52.59 -2.60
C THR B 228 -27.71 -52.29 -3.79
N GLY B 229 -28.01 -51.23 -4.52
CA GLY B 229 -27.21 -50.87 -5.69
C GLY B 229 -26.02 -49.99 -5.40
N HIS B 230 -25.81 -49.58 -4.15
CA HIS B 230 -24.72 -48.67 -3.81
C HIS B 230 -23.51 -49.43 -3.28
N GLU B 231 -22.41 -48.69 -3.15
CA GLU B 231 -21.12 -49.24 -2.74
C GLU B 231 -20.72 -48.86 -1.32
N SER B 232 -21.04 -47.64 -0.89
CA SER B 232 -20.64 -47.17 0.44
C SER B 232 -21.84 -46.68 1.23
N ASP B 233 -21.59 -46.08 2.38
CA ASP B 233 -22.67 -45.60 3.23
C ASP B 233 -23.52 -44.58 2.50
N ILE B 234 -24.84 -44.67 2.69
CA ILE B 234 -25.79 -43.74 2.08
C ILE B 234 -25.94 -42.53 2.98
N ASN B 235 -25.79 -41.34 2.39
CA ASN B 235 -25.85 -40.09 3.15
C ASN B 235 -27.17 -39.35 3.00
N ALA B 236 -27.77 -39.36 1.82
CA ALA B 236 -28.99 -38.60 1.57
C ALA B 236 -29.96 -39.45 0.77
N ILE B 237 -31.25 -39.08 0.87
CA ILE B 237 -32.30 -39.81 0.18
C ILE B 237 -33.50 -38.87 0.04
N CYS B 238 -34.14 -38.93 -1.12
CA CYS B 238 -35.29 -38.08 -1.42
C CYS B 238 -36.24 -38.82 -2.33
N PHE B 239 -37.52 -38.44 -2.26
CA PHE B 239 -38.53 -39.12 -3.05
C PHE B 239 -38.88 -38.34 -4.30
N PHE B 240 -38.99 -39.04 -5.41
CA PHE B 240 -39.40 -38.42 -6.66
C PHE B 240 -40.79 -37.81 -6.48
N PRO B 241 -41.09 -36.67 -7.12
CA PRO B 241 -42.35 -35.98 -6.80
C PRO B 241 -43.59 -36.84 -6.96
N ASN B 242 -43.61 -37.77 -7.91
CA ASN B 242 -44.78 -38.62 -8.11
C ASN B 242 -44.88 -39.75 -7.10
N GLY B 243 -43.84 -39.97 -6.30
CA GLY B 243 -43.88 -40.97 -5.25
C GLY B 243 -43.55 -42.38 -5.68
N ASN B 244 -43.31 -42.61 -6.97
CA ASN B 244 -42.98 -43.94 -7.47
C ASN B 244 -41.49 -44.20 -7.55
N ALA B 245 -40.66 -43.22 -7.20
CA ALA B 245 -39.21 -43.38 -7.28
C ALA B 245 -38.55 -42.49 -6.24
N PHE B 246 -37.31 -42.82 -5.92
CA PHE B 246 -36.55 -42.05 -4.94
C PHE B 246 -35.07 -42.07 -5.31
N ALA B 247 -34.39 -40.96 -5.05
CA ALA B 247 -32.97 -40.83 -5.30
C ALA B 247 -32.18 -41.07 -4.02
N THR B 248 -30.90 -41.38 -4.18
CA THR B 248 -30.04 -41.70 -3.05
C THR B 248 -28.64 -41.19 -3.33
N GLY B 249 -27.87 -41.03 -2.26
CA GLY B 249 -26.49 -40.60 -2.38
C GLY B 249 -25.63 -41.29 -1.34
N SER B 250 -24.37 -41.50 -1.70
CA SER B 250 -23.45 -42.22 -0.84
C SER B 250 -22.04 -41.67 -1.03
N ASP B 251 -21.12 -42.12 -0.16
CA ASP B 251 -19.74 -41.68 -0.24
C ASP B 251 -19.01 -42.21 -1.46
N ASP B 252 -19.60 -43.16 -2.20
CA ASP B 252 -18.97 -43.72 -3.38
C ASP B 252 -18.99 -42.76 -4.58
N ALA B 253 -19.49 -41.53 -4.40
CA ALA B 253 -19.49 -40.50 -5.43
C ALA B 253 -20.46 -40.79 -6.57
N THR B 254 -21.51 -41.55 -6.30
CA THR B 254 -22.52 -41.89 -7.29
C THR B 254 -23.90 -41.59 -6.75
N CYS B 255 -24.76 -41.00 -7.57
CA CYS B 255 -26.16 -40.81 -7.25
C CYS B 255 -26.97 -41.83 -8.04
N ARG B 256 -27.90 -42.49 -7.36
CA ARG B 256 -28.70 -43.55 -7.97
C ARG B 256 -30.17 -43.27 -7.78
N LEU B 257 -30.95 -43.52 -8.84
CA LEU B 257 -32.39 -43.35 -8.82
C LEU B 257 -33.03 -44.73 -8.83
N PHE B 258 -33.88 -44.99 -7.83
CA PHE B 258 -34.55 -46.27 -7.69
C PHE B 258 -36.05 -46.11 -7.91
N ASP B 259 -36.65 -47.14 -8.48
CA ASP B 259 -38.10 -47.18 -8.71
C ASP B 259 -38.69 -48.29 -7.86
N LEU B 260 -39.72 -47.94 -7.08
CA LEU B 260 -40.36 -48.94 -6.23
C LEU B 260 -41.05 -50.02 -7.06
N ARG B 261 -41.72 -49.64 -8.15
CA ARG B 261 -42.39 -50.63 -8.98
C ARG B 261 -41.39 -51.58 -9.63
N ALA B 262 -40.29 -51.05 -10.17
CA ALA B 262 -39.29 -51.89 -10.80
C ALA B 262 -38.43 -52.63 -9.78
N ASP B 263 -38.13 -51.99 -8.65
CA ASP B 263 -37.33 -52.61 -7.59
C ASP B 263 -35.88 -52.79 -8.01
N GLN B 264 -35.35 -51.86 -8.80
CA GLN B 264 -33.96 -51.91 -9.21
C GLN B 264 -33.50 -50.50 -9.58
N GLU B 265 -32.18 -50.34 -9.63
CA GLU B 265 -31.58 -49.04 -9.96
C GLU B 265 -31.89 -48.70 -11.41
N LEU B 266 -32.72 -47.68 -11.63
CA LEU B 266 -33.05 -47.27 -12.99
C LEU B 266 -31.92 -46.47 -13.63
N MET B 267 -31.22 -45.66 -12.83
CA MET B 267 -30.19 -44.78 -13.38
C MET B 267 -29.13 -44.55 -12.31
N THR B 268 -27.89 -44.35 -12.78
CA THR B 268 -26.77 -44.02 -11.90
C THR B 268 -26.06 -42.80 -12.48
N TYR B 269 -25.85 -41.80 -11.63
CA TYR B 269 -25.17 -40.56 -12.02
C TYR B 269 -23.77 -40.57 -11.42
N SER B 270 -22.77 -40.43 -12.28
CA SER B 270 -21.39 -40.45 -11.82
C SER B 270 -20.50 -39.82 -12.89
N HIS B 271 -19.44 -39.15 -12.42
CA HIS B 271 -18.44 -38.57 -13.31
C HIS B 271 -17.06 -38.92 -12.76
N ASP B 272 -16.12 -39.15 -13.67
CA ASP B 272 -14.78 -39.57 -13.25
C ASP B 272 -14.10 -38.51 -12.40
N ASN B 273 -14.30 -37.24 -12.72
CA ASN B 273 -13.65 -36.17 -11.98
C ASN B 273 -14.12 -36.07 -10.53
N ILE B 274 -15.25 -36.68 -10.21
CA ILE B 274 -15.83 -36.58 -8.87
C ILE B 274 -15.34 -37.78 -8.05
N ILE B 275 -14.51 -37.50 -7.05
CA ILE B 275 -14.09 -38.52 -6.08
C ILE B 275 -14.75 -38.32 -4.73
N CYS B 276 -15.61 -37.33 -4.58
CA CYS B 276 -16.21 -36.99 -3.31
C CYS B 276 -17.56 -37.66 -3.13
N GLY B 277 -18.03 -37.68 -1.88
CA GLY B 277 -19.33 -38.23 -1.58
C GLY B 277 -20.44 -37.21 -1.70
N ILE B 278 -21.68 -37.71 -1.73
CA ILE B 278 -22.86 -36.86 -1.81
C ILE B 278 -23.38 -36.59 -0.41
N THR B 279 -23.66 -35.32 -0.13
CA THR B 279 -24.11 -34.88 1.19
C THR B 279 -25.62 -34.70 1.27
N SER B 280 -26.26 -34.23 0.20
CA SER B 280 -27.70 -34.01 0.21
C SER B 280 -28.24 -34.25 -1.20
N VAL B 281 -29.54 -34.49 -1.28
CA VAL B 281 -30.20 -34.76 -2.56
C VAL B 281 -31.65 -34.28 -2.46
N SER B 282 -32.13 -33.68 -3.55
CA SER B 282 -33.51 -33.25 -3.63
C SER B 282 -33.93 -33.17 -5.09
N PHE B 283 -35.23 -33.25 -5.33
CA PHE B 283 -35.80 -33.20 -6.67
C PHE B 283 -36.58 -31.92 -6.86
N SER B 284 -36.50 -31.35 -8.07
CA SER B 284 -37.33 -30.21 -8.41
C SER B 284 -38.79 -30.63 -8.45
N LYS B 285 -39.67 -29.65 -8.68
CA LYS B 285 -41.10 -29.92 -8.67
C LYS B 285 -41.48 -30.90 -9.79
N SER B 286 -40.92 -30.70 -10.98
CA SER B 286 -41.21 -31.60 -12.10
C SER B 286 -40.41 -32.89 -12.04
N GLY B 287 -39.37 -32.95 -11.21
CA GLY B 287 -38.54 -34.12 -11.11
C GLY B 287 -37.50 -34.29 -12.20
N ARG B 288 -37.42 -33.34 -13.13
CA ARG B 288 -36.46 -33.46 -14.22
C ARG B 288 -35.04 -33.17 -13.76
N LEU B 289 -34.88 -32.37 -12.72
CA LEU B 289 -33.58 -31.98 -12.19
C LEU B 289 -33.34 -32.67 -10.84
N LEU B 290 -32.16 -33.26 -10.68
CA LEU B 290 -31.73 -33.86 -9.43
C LEU B 290 -30.56 -33.04 -8.90
N LEU B 291 -30.78 -32.34 -7.78
CA LEU B 291 -29.78 -31.48 -7.19
C LEU B 291 -29.13 -32.20 -6.01
N ALA B 292 -27.80 -32.28 -6.04
CA ALA B 292 -27.04 -32.99 -5.02
C ALA B 292 -25.87 -32.14 -4.55
N GLY B 293 -25.56 -32.23 -3.26
CA GLY B 293 -24.42 -31.55 -2.69
C GLY B 293 -23.23 -32.48 -2.58
N TYR B 294 -22.04 -31.92 -2.74
CA TYR B 294 -20.80 -32.68 -2.74
C TYR B 294 -19.81 -32.07 -1.77
N ASP B 295 -18.83 -32.87 -1.38
CA ASP B 295 -17.87 -32.42 -0.35
C ASP B 295 -17.01 -31.26 -0.85
N ASP B 296 -16.78 -31.17 -2.16
CA ASP B 296 -15.90 -30.13 -2.69
C ASP B 296 -16.64 -28.81 -2.85
N PHE B 297 -17.29 -28.37 -1.76
CA PHE B 297 -17.94 -27.04 -1.71
C PHE B 297 -18.68 -26.64 -2.96
N ASN B 298 -19.50 -27.54 -3.45
CA ASN B 298 -20.32 -27.24 -4.61
C ASN B 298 -21.46 -28.24 -4.70
N CYS B 299 -22.48 -27.87 -5.48
CA CYS B 299 -23.64 -28.70 -5.74
C CYS B 299 -23.82 -28.87 -7.24
N ASN B 300 -23.99 -30.10 -7.69
CA ASN B 300 -24.13 -30.43 -9.09
C ASN B 300 -25.58 -30.73 -9.41
N VAL B 301 -26.09 -30.13 -10.48
CA VAL B 301 -27.44 -30.38 -10.97
C VAL B 301 -27.36 -31.45 -12.05
N TRP B 302 -28.09 -32.55 -11.87
CA TRP B 302 -28.03 -33.69 -12.75
C TRP B 302 -29.35 -33.84 -13.49
N ASP B 303 -29.28 -34.08 -14.80
CA ASP B 303 -30.46 -34.38 -15.59
C ASP B 303 -31.01 -35.73 -15.15
N ALA B 304 -32.18 -35.72 -14.51
CA ALA B 304 -32.74 -36.94 -13.97
C ALA B 304 -33.01 -37.98 -15.04
N LEU B 305 -33.14 -37.57 -16.31
CA LEU B 305 -33.45 -38.48 -17.41
C LEU B 305 -32.22 -38.79 -18.26
N LYS B 306 -31.47 -37.76 -18.66
CA LYS B 306 -30.31 -37.93 -19.52
C LYS B 306 -29.00 -38.16 -18.75
N ALA B 307 -29.01 -38.00 -17.43
CA ALA B 307 -27.82 -38.23 -16.61
C ALA B 307 -26.65 -37.37 -17.09
N ASP B 308 -26.90 -36.07 -17.23
CA ASP B 308 -25.89 -35.10 -17.63
C ASP B 308 -25.91 -33.95 -16.64
N ARG B 309 -24.72 -33.41 -16.36
CA ARG B 309 -24.58 -32.32 -15.40
C ARG B 309 -25.10 -31.03 -16.02
N ALA B 310 -26.31 -30.64 -15.63
CA ALA B 310 -26.90 -29.40 -16.17
C ALA B 310 -26.09 -28.18 -15.75
N GLY B 311 -25.69 -28.12 -14.49
CA GLY B 311 -24.97 -26.97 -13.99
C GLY B 311 -24.37 -27.25 -12.64
N VAL B 312 -23.77 -26.21 -12.05
CA VAL B 312 -23.09 -26.32 -10.77
C VAL B 312 -23.36 -25.06 -9.96
N LEU B 313 -23.54 -25.22 -8.66
CA LEU B 313 -23.64 -24.12 -7.71
C LEU B 313 -22.36 -24.13 -6.87
N ALA B 314 -21.48 -23.15 -7.13
CA ALA B 314 -20.16 -23.11 -6.51
C ALA B 314 -19.97 -21.82 -5.74
N GLY B 315 -20.97 -21.41 -4.98
CA GLY B 315 -20.90 -20.22 -4.16
C GLY B 315 -20.44 -20.44 -2.74
N HIS B 316 -20.18 -21.68 -2.33
CA HIS B 316 -19.81 -21.99 -0.97
C HIS B 316 -18.29 -22.04 -0.81
N ASP B 317 -17.85 -21.81 0.43
CA ASP B 317 -16.45 -21.92 0.81
C ASP B 317 -16.16 -23.17 1.64
N ASN B 318 -17.18 -23.96 1.97
CA ASN B 318 -17.00 -25.17 2.76
C ASN B 318 -18.04 -26.19 2.34
N ARG B 319 -18.10 -27.31 3.06
CA ARG B 319 -18.97 -28.42 2.67
C ARG B 319 -20.42 -27.99 2.64
N VAL B 320 -21.15 -28.50 1.65
CA VAL B 320 -22.61 -28.34 1.60
C VAL B 320 -23.21 -29.48 2.41
N SER B 321 -23.77 -29.15 3.57
CA SER B 321 -24.27 -30.17 4.48
C SER B 321 -25.75 -30.48 4.28
N CYS B 322 -26.54 -29.50 3.82
CA CYS B 322 -27.96 -29.71 3.65
C CYS B 322 -28.42 -29.00 2.38
N LEU B 323 -29.50 -29.51 1.80
CA LEU B 323 -30.03 -28.99 0.55
C LEU B 323 -31.54 -29.23 0.52
N GLY B 324 -32.25 -28.34 -0.16
CA GLY B 324 -33.70 -28.46 -0.26
C GLY B 324 -34.29 -27.51 -1.29
N VAL B 325 -35.49 -27.85 -1.77
CA VAL B 325 -36.22 -27.01 -2.70
C VAL B 325 -37.62 -26.81 -2.16
N THR B 326 -38.24 -25.68 -2.54
CA THR B 326 -39.56 -25.35 -2.05
C THR B 326 -40.60 -26.27 -2.67
N ASP B 327 -41.72 -26.44 -1.95
CA ASP B 327 -42.81 -27.25 -2.46
C ASP B 327 -43.33 -26.68 -3.78
N ASP B 328 -43.24 -25.37 -3.96
CA ASP B 328 -43.62 -24.73 -5.20
C ASP B 328 -42.50 -24.68 -6.24
N GLY B 329 -41.27 -25.02 -5.85
CA GLY B 329 -40.19 -25.10 -6.80
C GLY B 329 -39.66 -23.76 -7.29
N MET B 330 -39.90 -22.68 -6.55
CA MET B 330 -39.42 -21.37 -6.99
C MET B 330 -37.92 -21.19 -6.76
N ALA B 331 -37.37 -21.77 -5.69
CA ALA B 331 -35.98 -21.53 -5.34
C ALA B 331 -35.39 -22.78 -4.70
N VAL B 332 -34.06 -22.80 -4.65
CA VAL B 332 -33.31 -23.89 -4.03
C VAL B 332 -32.46 -23.29 -2.90
N ALA B 333 -32.58 -23.87 -1.71
CA ALA B 333 -31.80 -23.44 -0.56
C ALA B 333 -30.79 -24.52 -0.20
N THR B 334 -29.56 -24.08 0.09
CA THR B 334 -28.45 -24.97 0.43
C THR B 334 -27.75 -24.43 1.66
N GLY B 335 -27.44 -25.31 2.60
CA GLY B 335 -26.67 -24.96 3.78
C GLY B 335 -25.29 -25.60 3.73
N SER B 336 -24.31 -24.88 4.25
CA SER B 336 -22.93 -25.32 4.21
C SER B 336 -22.26 -25.05 5.55
N TRP B 337 -21.12 -25.70 5.76
CA TRP B 337 -20.40 -25.62 7.02
C TRP B 337 -19.79 -24.24 7.28
N ASP B 338 -19.78 -23.35 6.29
CA ASP B 338 -19.26 -22.01 6.49
C ASP B 338 -20.27 -21.08 7.17
N SER B 339 -21.40 -21.62 7.64
CA SER B 339 -22.44 -20.91 8.38
C SER B 339 -23.26 -19.98 7.49
N PHE B 340 -23.31 -20.22 6.19
CA PHE B 340 -24.09 -19.41 5.26
C PHE B 340 -25.13 -20.26 4.55
N LEU B 341 -26.33 -19.70 4.40
CA LEU B 341 -27.40 -20.31 3.62
C LEU B 341 -27.53 -19.54 2.31
N LYS B 342 -27.43 -20.24 1.19
CA LYS B 342 -27.53 -19.65 -0.13
C LYS B 342 -28.83 -20.05 -0.79
N ILE B 343 -29.52 -19.08 -1.36
CA ILE B 343 -30.76 -19.30 -2.09
C ILE B 343 -30.52 -18.95 -3.56
N TRP B 344 -30.84 -19.90 -4.44
CA TRP B 344 -30.52 -19.81 -5.86
C TRP B 344 -31.79 -19.75 -6.69
N ASN B 345 -31.80 -18.84 -7.68
CA ASN B 345 -32.91 -18.70 -8.61
C ASN B 345 -34.18 -18.26 -7.91
N THR C 6 -27.93 -66.64 20.47
CA THR C 6 -29.34 -66.64 20.97
C THR C 6 -30.26 -65.94 19.97
N ALA C 7 -29.96 -64.68 19.69
CA ALA C 7 -30.76 -63.88 18.77
C ALA C 7 -30.39 -64.09 17.31
N SER C 8 -29.30 -64.82 17.02
CA SER C 8 -28.91 -65.03 15.64
C SER C 8 -29.97 -65.79 14.86
N ILE C 9 -30.53 -66.85 15.47
CA ILE C 9 -31.56 -67.62 14.79
C ILE C 9 -32.82 -66.78 14.61
N ALA C 10 -33.17 -65.98 15.62
CA ALA C 10 -34.34 -65.10 15.49
C ALA C 10 -34.14 -64.09 14.38
N GLN C 11 -32.93 -63.52 14.28
CA GLN C 11 -32.64 -62.57 13.20
C GLN C 11 -32.75 -63.26 11.84
N ALA C 12 -32.23 -64.48 11.73
CA ALA C 12 -32.34 -65.22 10.47
C ALA C 12 -33.80 -65.50 10.13
N ARG C 13 -34.59 -65.91 11.12
CA ARG C 13 -36.01 -66.17 10.87
C ARG C 13 -36.72 -64.90 10.43
N LYS C 14 -36.43 -63.77 11.07
CA LYS C 14 -37.01 -62.51 10.64
C LYS C 14 -36.56 -62.15 9.23
N LEU C 15 -35.28 -62.38 8.93
CA LEU C 15 -34.76 -62.05 7.60
C LEU C 15 -35.49 -62.84 6.52
N VAL C 16 -35.55 -64.16 6.68
CA VAL C 16 -36.19 -64.99 5.65
C VAL C 16 -37.65 -64.62 5.49
N GLU C 17 -38.34 -64.33 6.61
CA GLU C 17 -39.71 -63.88 6.52
C GLU C 17 -39.81 -62.56 5.74
N GLN C 18 -38.88 -61.63 6.01
CA GLN C 18 -38.90 -60.36 5.29
C GLN C 18 -38.71 -60.56 3.80
N LEU C 19 -37.78 -61.43 3.41
CA LEU C 19 -37.57 -61.69 1.99
C LEU C 19 -38.82 -62.32 1.36
N LYS C 20 -39.47 -63.22 2.09
CA LYS C 20 -40.63 -63.92 1.55
C LYS C 20 -41.76 -62.94 1.22
N MET C 21 -42.04 -62.02 2.13
CA MET C 21 -43.10 -61.04 1.87
C MET C 21 -42.66 -59.96 0.89
N GLU C 22 -41.35 -59.77 0.73
CA GLU C 22 -40.84 -58.84 -0.28
C GLU C 22 -40.81 -59.45 -1.67
N ALA C 23 -40.71 -60.77 -1.79
CA ALA C 23 -40.69 -61.41 -3.09
C ALA C 23 -42.08 -61.49 -3.72
N ASN C 24 -43.13 -61.65 -2.89
CA ASN C 24 -44.49 -61.79 -3.40
C ASN C 24 -45.14 -60.41 -3.54
N ILE C 25 -44.62 -59.66 -4.51
CA ILE C 25 -45.17 -58.36 -4.88
C ILE C 25 -45.29 -58.29 -6.38
N ASP C 26 -46.27 -57.50 -6.85
CA ASP C 26 -46.53 -57.35 -8.28
C ASP C 26 -45.61 -56.28 -8.83
N ARG C 27 -44.46 -56.70 -9.35
CA ARG C 27 -43.48 -55.79 -9.91
C ARG C 27 -43.89 -55.42 -11.34
N ILE C 28 -44.12 -54.13 -11.57
CA ILE C 28 -44.51 -53.67 -12.89
C ILE C 28 -43.28 -53.56 -13.80
N LYS C 29 -43.52 -53.72 -15.09
CA LYS C 29 -42.43 -53.72 -16.05
C LYS C 29 -41.72 -52.36 -16.06
N VAL C 30 -40.40 -52.41 -16.28
CA VAL C 30 -39.60 -51.19 -16.24
C VAL C 30 -40.07 -50.19 -17.31
N SER C 31 -40.42 -50.70 -18.49
CA SER C 31 -40.85 -49.81 -19.57
C SER C 31 -42.08 -49.00 -19.18
N LYS C 32 -43.06 -49.65 -18.55
CA LYS C 32 -44.26 -48.95 -18.12
C LYS C 32 -43.93 -47.87 -17.09
N ALA C 33 -43.06 -48.19 -16.12
CA ALA C 33 -42.69 -47.21 -15.12
C ALA C 33 -41.95 -46.04 -15.74
N ALA C 34 -41.02 -46.32 -16.67
CA ALA C 34 -40.30 -45.25 -17.34
C ALA C 34 -41.27 -44.35 -18.10
N ALA C 35 -42.27 -44.95 -18.76
CA ALA C 35 -43.28 -44.15 -19.44
C ALA C 35 -44.06 -43.30 -18.45
N ASP C 36 -44.39 -43.86 -17.28
CA ASP C 36 -45.11 -43.10 -16.28
C ASP C 36 -44.32 -41.89 -15.83
N LEU C 37 -43.02 -42.07 -15.56
CA LEU C 37 -42.17 -40.94 -15.18
C LEU C 37 -42.08 -39.92 -16.32
N MET C 38 -41.93 -40.41 -17.55
CA MET C 38 -41.87 -39.51 -18.70
C MET C 38 -43.17 -38.72 -18.83
N ALA C 39 -44.31 -39.39 -18.65
CA ALA C 39 -45.59 -38.69 -18.74
C ALA C 39 -45.72 -37.64 -17.64
N TYR C 40 -45.29 -37.97 -16.42
CA TYR C 40 -45.36 -37.01 -15.33
C TYR C 40 -44.52 -35.79 -15.62
N CYS C 41 -43.29 -35.99 -16.12
CA CYS C 41 -42.43 -34.86 -16.44
C CYS C 41 -43.04 -34.01 -17.56
N GLU C 42 -43.56 -34.66 -18.60
CA GLU C 42 -44.15 -33.92 -19.71
C GLU C 42 -45.36 -33.12 -19.26
N ALA C 43 -46.22 -33.73 -18.43
CA ALA C 43 -47.44 -33.06 -18.01
C ALA C 43 -47.13 -31.83 -17.15
N HIS C 44 -46.15 -31.95 -16.25
CA HIS C 44 -45.86 -30.90 -15.28
C HIS C 44 -44.59 -30.12 -15.63
N ALA C 45 -44.15 -30.18 -16.89
CA ALA C 45 -43.01 -29.38 -17.31
C ALA C 45 -43.36 -27.91 -17.42
N LYS C 46 -44.62 -27.59 -17.71
CA LYS C 46 -45.04 -26.19 -17.87
C LYS C 46 -45.17 -25.46 -16.55
N GLU C 47 -45.11 -26.15 -15.41
CA GLU C 47 -45.31 -25.54 -14.11
C GLU C 47 -44.06 -25.65 -13.24
N ASP C 48 -42.88 -25.66 -13.86
CA ASP C 48 -41.61 -25.74 -13.15
C ASP C 48 -40.78 -24.50 -13.43
N PRO C 49 -40.74 -23.53 -12.52
CA PRO C 49 -39.92 -22.33 -12.78
C PRO C 49 -38.46 -22.63 -13.06
N LEU C 50 -37.89 -23.62 -12.38
CA LEU C 50 -36.47 -23.94 -12.60
C LEU C 50 -36.22 -24.43 -14.02
N LEU C 51 -37.10 -25.30 -14.53
CA LEU C 51 -36.95 -25.76 -15.91
C LEU C 51 -37.16 -24.63 -16.90
N THR C 52 -38.25 -23.89 -16.76
CA THR C 52 -38.59 -22.78 -17.64
C THR C 52 -38.54 -21.48 -16.83
N PRO C 53 -37.62 -20.56 -17.13
CA PRO C 53 -37.55 -19.33 -16.32
C PRO C 53 -38.83 -18.52 -16.43
N VAL C 54 -39.43 -18.25 -15.27
CA VAL C 54 -40.68 -17.50 -15.20
C VAL C 54 -40.38 -16.03 -15.48
N PRO C 55 -41.38 -15.23 -15.84
CA PRO C 55 -41.13 -13.80 -16.09
C PRO C 55 -40.55 -13.12 -14.85
N ALA C 56 -39.66 -12.15 -15.10
CA ALA C 56 -39.02 -11.45 -13.99
C ALA C 56 -40.05 -10.82 -13.06
N SER C 57 -41.13 -10.27 -13.62
CA SER C 57 -42.16 -9.68 -12.78
C SER C 57 -42.81 -10.72 -11.89
N GLU C 58 -43.07 -11.91 -12.43
CA GLU C 58 -43.71 -12.97 -11.64
C GLU C 58 -42.75 -13.61 -10.66
N ASN C 59 -41.45 -13.43 -10.83
CA ASN C 59 -40.47 -14.04 -9.95
C ASN C 59 -40.52 -13.38 -8.58
N PRO C 60 -40.82 -14.11 -7.50
CA PRO C 60 -40.85 -13.47 -6.18
C PRO C 60 -39.51 -12.93 -5.74
N PHE C 61 -38.41 -13.57 -6.15
CA PHE C 61 -37.07 -13.13 -5.76
C PHE C 61 -36.52 -12.02 -6.67
N ARG C 62 -37.19 -11.72 -7.78
CA ARG C 62 -36.73 -10.66 -8.67
C ARG C 62 -37.92 -9.89 -9.24
N GLN D 1 -25.38 -57.18 -4.87
CA GLN D 1 -25.21 -56.75 -3.46
C GLN D 1 -23.75 -56.90 -3.03
N VAL D 2 -23.31 -56.01 -2.13
CA VAL D 2 -21.94 -56.08 -1.62
C VAL D 2 -21.82 -57.31 -0.73
N GLN D 3 -20.85 -58.18 -1.05
CA GLN D 3 -20.65 -59.41 -0.31
C GLN D 3 -19.18 -59.76 -0.28
N LEU D 4 -18.74 -60.32 0.84
CA LEU D 4 -17.37 -60.81 0.98
C LEU D 4 -17.43 -62.21 1.59
N GLN D 5 -16.76 -63.17 0.96
CA GLN D 5 -16.72 -64.54 1.42
C GLN D 5 -15.28 -65.03 1.47
N GLU D 6 -14.92 -65.70 2.56
CA GLU D 6 -13.58 -66.22 2.76
C GLU D 6 -13.51 -67.69 2.37
N SER D 7 -12.29 -68.17 2.17
CA SER D 7 -12.05 -69.56 1.83
C SER D 7 -10.84 -70.06 2.62
N GLY D 8 -10.78 -71.37 2.80
CA GLY D 8 -9.73 -72.00 3.56
C GLY D 8 -10.03 -72.01 5.06
N GLY D 9 -9.16 -72.71 5.78
CA GLY D 9 -9.32 -72.84 7.22
C GLY D 9 -9.06 -74.25 7.71
N GLY D 10 -9.79 -74.67 8.75
CA GLY D 10 -9.64 -76.01 9.27
C GLY D 10 -8.47 -76.15 10.21
N LEU D 11 -8.31 -77.37 10.72
CA LEU D 11 -7.23 -77.65 11.66
C LEU D 11 -5.87 -77.55 10.98
N VAL D 12 -4.91 -76.96 11.69
CA VAL D 12 -3.54 -76.84 11.23
C VAL D 12 -2.61 -77.25 12.36
N GLN D 13 -1.61 -78.07 12.05
CA GLN D 13 -0.67 -78.50 13.06
C GLN D 13 0.14 -77.30 13.57
N PRO D 14 0.56 -77.33 14.83
CA PRO D 14 1.37 -76.22 15.35
C PRO D 14 2.63 -76.03 14.52
N GLY D 15 2.93 -74.77 14.21
CA GLY D 15 4.04 -74.48 13.33
C GLY D 15 3.78 -74.79 11.88
N GLY D 16 2.55 -75.08 11.50
CA GLY D 16 2.21 -75.45 10.15
C GLY D 16 1.97 -74.23 9.27
N SER D 17 1.38 -74.48 8.11
CA SER D 17 1.10 -73.45 7.12
C SER D 17 -0.32 -73.59 6.61
N LEU D 18 -0.90 -72.46 6.23
CA LEU D 18 -2.25 -72.40 5.70
C LEU D 18 -2.38 -71.14 4.86
N ARG D 19 -3.42 -71.10 4.04
CA ARG D 19 -3.68 -69.95 3.18
C ARG D 19 -5.15 -69.59 3.24
N LEU D 20 -5.44 -68.30 3.39
CA LEU D 20 -6.81 -67.78 3.40
C LEU D 20 -6.94 -66.71 2.33
N SER D 21 -8.08 -66.72 1.63
CA SER D 21 -8.38 -65.73 0.61
C SER D 21 -9.84 -65.34 0.71
N CYS D 22 -10.15 -64.13 0.24
CA CYS D 22 -11.49 -63.57 0.29
C CYS D 22 -11.85 -63.04 -1.08
N ALA D 23 -13.00 -63.45 -1.59
CA ALA D 23 -13.48 -63.05 -2.91
C ALA D 23 -14.51 -61.95 -2.76
N ALA D 24 -14.34 -60.88 -3.53
CA ALA D 24 -15.18 -59.70 -3.45
C ALA D 24 -16.20 -59.69 -4.58
N SER D 25 -17.28 -58.92 -4.36
CA SER D 25 -18.33 -58.78 -5.35
C SER D 25 -19.18 -57.56 -4.99
N GLY D 26 -19.66 -56.88 -6.02
CA GLY D 26 -20.57 -55.76 -5.85
C GLY D 26 -19.92 -54.41 -5.63
N PHE D 27 -18.59 -54.31 -5.69
CA PHE D 27 -17.92 -53.03 -5.56
C PHE D 27 -16.63 -53.05 -6.37
N THR D 28 -16.12 -51.85 -6.64
CA THR D 28 -14.88 -51.69 -7.39
C THR D 28 -13.72 -51.97 -6.44
N PHE D 29 -13.11 -53.16 -6.58
CA PHE D 29 -12.10 -53.59 -5.63
C PHE D 29 -10.89 -52.65 -5.63
N SER D 30 -10.51 -52.15 -6.80
CA SER D 30 -9.28 -51.37 -6.91
C SER D 30 -9.33 -50.06 -6.14
N ASN D 31 -10.51 -49.54 -5.84
CA ASN D 31 -10.65 -48.21 -5.25
C ASN D 31 -10.76 -48.23 -3.73
N TYR D 32 -10.65 -49.40 -3.10
CA TYR D 32 -10.87 -49.53 -1.66
C TYR D 32 -9.69 -50.21 -0.99
N LYS D 33 -9.41 -49.81 0.25
CA LYS D 33 -8.45 -50.50 1.09
C LYS D 33 -9.13 -51.64 1.83
N MET D 34 -8.36 -52.68 2.12
CA MET D 34 -8.89 -53.89 2.74
C MET D 34 -8.05 -54.27 3.95
N ASN D 35 -8.67 -54.99 4.88
CA ASN D 35 -8.03 -55.40 6.12
C ASN D 35 -8.55 -56.78 6.52
N TRP D 36 -7.80 -57.44 7.40
CA TRP D 36 -8.17 -58.74 7.94
C TRP D 36 -8.39 -58.61 9.44
N VAL D 37 -9.49 -59.17 9.93
CA VAL D 37 -9.85 -59.12 11.34
C VAL D 37 -10.15 -60.54 11.81
N ARG D 38 -9.61 -60.91 12.97
CA ARG D 38 -9.82 -62.22 13.56
C ARG D 38 -10.42 -62.06 14.95
N GLN D 39 -11.25 -63.04 15.34
CA GLN D 39 -11.96 -63.00 16.61
C GLN D 39 -11.71 -64.33 17.33
N ALA D 40 -10.77 -64.32 18.28
CA ALA D 40 -10.47 -65.52 19.04
C ALA D 40 -11.61 -65.83 20.00
N PRO D 41 -11.75 -67.10 20.41
CA PRO D 41 -12.83 -67.45 21.34
C PRO D 41 -12.73 -66.66 22.63
N GLY D 42 -13.88 -66.24 23.13
CA GLY D 42 -13.92 -65.50 24.39
C GLY D 42 -13.19 -64.18 24.36
N LYS D 43 -12.93 -63.63 23.17
CA LYS D 43 -12.22 -62.37 23.04
C LYS D 43 -12.84 -61.56 21.92
N GLY D 44 -12.61 -60.25 21.96
CA GLY D 44 -13.15 -59.34 20.97
C GLY D 44 -12.40 -59.38 19.66
N LEU D 45 -12.93 -58.64 18.69
CA LEU D 45 -12.32 -58.59 17.37
C LEU D 45 -10.93 -57.97 17.44
N GLU D 46 -10.00 -58.53 16.67
CA GLU D 46 -8.62 -58.08 16.65
C GLU D 46 -8.21 -57.81 15.21
N TRP D 47 -7.69 -56.62 14.95
CA TRP D 47 -7.18 -56.30 13.62
C TRP D 47 -5.89 -57.06 13.37
N VAL D 48 -5.75 -57.61 12.16
CA VAL D 48 -4.63 -58.48 11.80
C VAL D 48 -3.65 -57.76 10.87
N SER D 49 -4.11 -57.37 9.69
CA SER D 49 -3.23 -56.74 8.70
C SER D 49 -4.08 -55.96 7.72
N ASP D 50 -3.41 -55.09 6.96
CA ASP D 50 -4.07 -54.23 5.99
C ASP D 50 -3.20 -54.08 4.75
N ILE D 51 -3.84 -53.76 3.63
CA ILE D 51 -3.16 -53.52 2.37
C ILE D 51 -3.89 -52.41 1.63
N SER D 52 -3.13 -51.48 1.05
CA SER D 52 -3.69 -50.33 0.38
C SER D 52 -4.20 -50.72 -1.01
N GLN D 53 -4.72 -49.73 -1.74
CA GLN D 53 -5.27 -50.00 -3.07
C GLN D 53 -4.19 -50.53 -4.01
N SER D 54 -3.04 -49.87 -4.06
CA SER D 54 -1.96 -50.28 -4.95
C SER D 54 -1.09 -51.39 -4.36
N GLY D 55 -1.23 -51.68 -3.08
CA GLY D 55 -0.41 -52.70 -2.44
C GLY D 55 0.99 -52.25 -2.06
N ALA D 56 1.31 -50.97 -2.25
CA ALA D 56 2.63 -50.46 -1.89
C ALA D 56 2.79 -50.21 -0.40
N SER D 57 1.70 -50.17 0.36
CA SER D 57 1.73 -49.97 1.80
C SER D 57 1.09 -51.17 2.48
N ILE D 58 1.78 -51.69 3.50
CA ILE D 58 1.34 -52.89 4.21
C ILE D 58 1.80 -52.79 5.65
N SER D 59 0.99 -53.34 6.55
CA SER D 59 1.30 -53.33 7.97
C SER D 59 0.70 -54.57 8.63
N TYR D 60 1.23 -54.94 9.79
CA TYR D 60 0.65 -56.03 10.53
C TYR D 60 0.81 -55.74 12.00
N THR D 61 0.33 -56.65 12.83
CA THR D 61 0.45 -56.54 14.27
C THR D 61 1.80 -57.07 14.74
N GLY D 62 2.13 -56.78 16.00
CA GLY D 62 3.38 -57.28 16.56
C GLY D 62 3.42 -58.80 16.62
N SER D 63 2.31 -59.41 17.01
CA SER D 63 2.24 -60.87 17.06
C SER D 63 2.20 -61.51 15.68
N VAL D 64 2.05 -60.71 14.62
CA VAL D 64 1.91 -61.22 13.27
C VAL D 64 3.08 -60.84 12.37
N LYS D 65 3.91 -59.87 12.76
CA LYS D 65 5.01 -59.44 11.91
C LYS D 65 5.92 -60.60 11.55
N GLY D 66 6.25 -60.70 10.26
CA GLY D 66 7.16 -61.72 9.77
C GLY D 66 6.53 -63.09 9.55
N ARG D 67 5.38 -63.36 10.15
CA ARG D 67 4.72 -64.65 10.03
C ARG D 67 3.72 -64.66 8.87
N PHE D 68 2.87 -63.65 8.82
CA PHE D 68 1.76 -63.60 7.87
C PHE D 68 2.15 -62.69 6.71
N THR D 69 1.56 -62.94 5.55
CA THR D 69 1.78 -62.11 4.37
C THR D 69 0.46 -61.82 3.70
N ILE D 70 0.18 -60.54 3.46
CA ILE D 70 -1.07 -60.10 2.84
C ILE D 70 -0.77 -59.59 1.43
N SER D 71 -1.63 -59.95 0.49
CA SER D 71 -1.50 -59.49 -0.88
C SER D 71 -2.89 -59.40 -1.50
N ARG D 72 -2.97 -58.69 -2.62
CA ARG D 72 -4.24 -58.46 -3.29
C ARG D 72 -4.05 -58.60 -4.80
N ASP D 73 -5.15 -58.92 -5.48
CA ASP D 73 -5.17 -59.06 -6.93
C ASP D 73 -6.34 -58.24 -7.46
N ASN D 74 -6.07 -57.01 -7.91
CA ASN D 74 -7.12 -56.15 -8.40
C ASN D 74 -7.84 -56.73 -9.62
N ALA D 75 -7.14 -57.51 -10.44
CA ALA D 75 -7.77 -58.10 -11.62
C ALA D 75 -8.78 -59.18 -11.22
N LYS D 76 -8.42 -60.05 -10.27
CA LYS D 76 -9.30 -61.11 -9.83
C LYS D 76 -10.29 -60.67 -8.76
N ASN D 77 -10.13 -59.47 -8.20
CA ASN D 77 -11.01 -58.98 -7.14
C ASN D 77 -11.03 -59.94 -5.95
N THR D 78 -9.84 -60.36 -5.54
CA THR D 78 -9.68 -61.29 -4.42
C THR D 78 -8.63 -60.74 -3.46
N LEU D 79 -8.80 -61.09 -2.18
CA LEU D 79 -7.85 -60.72 -1.14
C LEU D 79 -7.09 -61.96 -0.68
N TYR D 80 -5.86 -61.74 -0.21
CA TYR D 80 -4.93 -62.83 0.04
C TYR D 80 -4.37 -62.71 1.46
N LEU D 81 -4.03 -63.87 2.04
CA LEU D 81 -3.31 -63.90 3.32
C LEU D 81 -2.58 -65.22 3.41
N GLN D 82 -1.25 -65.17 3.34
CA GLN D 82 -0.42 -66.37 3.44
C GLN D 82 -0.02 -66.59 4.89
N MET D 83 -0.19 -67.82 5.38
CA MET D 83 -0.02 -68.14 6.79
C MET D 83 1.04 -69.22 6.91
N ASN D 84 1.99 -69.02 7.84
CA ASN D 84 2.93 -70.09 8.20
C ASN D 84 3.38 -69.89 9.63
N SER D 85 3.97 -70.95 10.20
CA SER D 85 4.41 -70.95 11.59
C SER D 85 3.25 -70.63 12.53
N LEU D 86 2.10 -71.24 12.28
CA LEU D 86 0.93 -71.02 13.10
C LEU D 86 1.16 -71.54 14.52
N LYS D 87 0.47 -70.92 15.47
CA LYS D 87 0.60 -71.24 16.88
C LYS D 87 -0.78 -71.36 17.50
N PRO D 88 -0.89 -71.99 18.68
CA PRO D 88 -2.22 -72.17 19.28
C PRO D 88 -2.99 -70.88 19.47
N GLU D 89 -2.31 -69.77 19.78
CA GLU D 89 -2.99 -68.50 19.97
C GLU D 89 -3.64 -67.97 18.70
N ASP D 90 -3.30 -68.52 17.54
CA ASP D 90 -3.84 -68.05 16.27
C ASP D 90 -5.24 -68.57 15.98
N THR D 91 -5.75 -69.52 16.77
CA THR D 91 -7.09 -70.04 16.55
C THR D 91 -8.11 -68.94 16.72
N ALA D 92 -8.91 -68.72 15.69
CA ALA D 92 -9.91 -67.65 15.69
C ALA D 92 -10.69 -67.72 14.38
N VAL D 93 -11.80 -67.00 14.32
CA VAL D 93 -12.58 -66.85 13.11
C VAL D 93 -12.07 -65.61 12.38
N TYR D 94 -11.58 -65.80 11.16
CA TYR D 94 -10.95 -64.73 10.40
C TYR D 94 -11.95 -64.13 9.43
N TYR D 95 -12.10 -62.81 9.47
CA TYR D 95 -13.05 -62.09 8.65
C TYR D 95 -12.34 -61.23 7.63
N CYS D 96 -12.95 -61.10 6.45
CA CYS D 96 -12.43 -60.26 5.38
C CYS D 96 -13.20 -58.94 5.42
N ALA D 97 -12.55 -57.89 5.92
CA ALA D 97 -13.18 -56.61 6.17
C ALA D 97 -12.77 -55.59 5.11
N ARG D 98 -13.69 -54.67 4.81
CA ARG D 98 -13.49 -53.65 3.80
C ARG D 98 -13.63 -52.27 4.42
N CYS D 99 -12.80 -51.35 3.95
CA CYS D 99 -12.80 -49.99 4.46
C CYS D 99 -14.13 -49.32 4.10
N PRO D 100 -14.62 -48.41 4.94
CA PRO D 100 -15.96 -47.84 4.69
C PRO D 100 -16.06 -47.06 3.40
N ALA D 101 -15.05 -46.28 3.03
CA ALA D 101 -15.14 -45.38 1.89
C ALA D 101 -13.92 -45.52 1.00
N PRO D 102 -14.05 -45.19 -0.28
CA PRO D 102 -12.93 -45.28 -1.21
C PRO D 102 -12.11 -44.00 -1.27
N PHE D 103 -10.92 -44.12 -1.83
CA PHE D 103 -10.01 -42.99 -2.07
C PHE D 103 -9.59 -42.30 -0.78
N THR D 104 -9.71 -42.98 0.36
CA THR D 104 -9.34 -42.40 1.65
C THR D 104 -8.52 -43.40 2.44
N ARG D 105 -7.67 -42.88 3.32
CA ARG D 105 -6.77 -43.74 4.08
C ARG D 105 -7.39 -44.24 5.38
N ASP D 106 -8.29 -43.47 5.98
CA ASP D 106 -8.90 -43.87 7.25
C ASP D 106 -9.78 -45.10 7.04
N CYS D 107 -9.76 -46.00 8.01
CA CYS D 107 -10.51 -47.25 7.93
C CYS D 107 -11.22 -47.49 9.26
N PHE D 108 -11.93 -46.47 9.73
CA PHE D 108 -12.35 -46.39 11.12
C PHE D 108 -12.95 -47.69 11.65
N ASP D 109 -14.07 -48.13 11.07
CA ASP D 109 -14.97 -49.06 11.75
C ASP D 109 -14.89 -50.49 11.21
N VAL D 110 -13.72 -50.91 10.71
CA VAL D 110 -13.61 -52.30 10.27
C VAL D 110 -13.65 -53.24 11.45
N THR D 111 -13.08 -52.85 12.59
CA THR D 111 -13.00 -53.71 13.76
C THR D 111 -14.23 -53.63 14.66
N SER D 112 -15.22 -52.82 14.30
CA SER D 112 -16.40 -52.66 15.13
C SER D 112 -17.32 -53.87 15.01
N THR D 113 -18.20 -54.02 15.99
CA THR D 113 -19.19 -55.09 15.97
C THR D 113 -20.27 -54.81 14.92
N THR D 114 -20.98 -55.87 14.54
CA THR D 114 -22.04 -55.81 13.54
C THR D 114 -21.67 -54.88 12.39
N TYR D 115 -20.47 -55.09 11.85
CA TYR D 115 -20.02 -54.30 10.71
C TYR D 115 -20.76 -54.73 9.44
N ALA D 116 -20.88 -53.78 8.51
CA ALA D 116 -21.69 -54.00 7.31
C ALA D 116 -20.89 -54.53 6.12
N TYR D 117 -19.55 -54.37 6.13
CA TYR D 117 -18.75 -54.74 4.97
C TYR D 117 -17.70 -55.78 5.32
N ARG D 118 -18.09 -56.83 6.05
CA ARG D 118 -17.21 -57.94 6.33
C ARG D 118 -17.95 -59.25 6.09
N GLY D 119 -17.20 -60.28 5.72
CA GLY D 119 -17.77 -61.57 5.41
C GLY D 119 -18.11 -62.39 6.64
N GLN D 120 -18.72 -63.54 6.39
CA GLN D 120 -19.08 -64.44 7.48
C GLN D 120 -17.86 -65.02 8.17
N GLY D 121 -16.72 -65.09 7.49
CA GLY D 121 -15.49 -65.57 8.09
C GLY D 121 -15.35 -67.08 7.98
N THR D 122 -14.14 -67.54 8.30
CA THR D 122 -13.81 -68.97 8.29
C THR D 122 -13.05 -69.31 9.56
N GLN D 123 -13.23 -70.55 10.01
CA GLN D 123 -12.60 -71.01 11.25
C GLN D 123 -11.19 -71.51 10.99
N VAL D 124 -10.29 -71.20 11.92
CA VAL D 124 -8.92 -71.69 11.91
C VAL D 124 -8.61 -72.24 13.29
N THR D 125 -8.07 -73.47 13.33
CA THR D 125 -7.76 -74.15 14.58
C THR D 125 -6.32 -74.63 14.55
N VAL D 126 -5.65 -74.50 15.69
CA VAL D 126 -4.26 -74.94 15.82
C VAL D 126 -4.09 -75.74 17.11
N CYS E 1 42.21 86.94 -17.80
CA CYS E 1 40.79 86.68 -18.20
C CYS E 1 39.86 87.08 -17.08
N HIS E 2 38.76 87.73 -17.46
CA HIS E 2 37.83 88.28 -16.50
C HIS E 2 36.45 88.41 -17.14
N HIS E 3 35.43 88.40 -16.29
CA HIS E 3 34.07 88.61 -16.73
C HIS E 3 33.35 89.46 -15.69
N ARG E 4 32.24 90.07 -16.11
CA ARG E 4 31.56 91.04 -15.26
C ARG E 4 31.19 90.43 -13.91
N ILE E 5 30.58 89.25 -13.91
CA ILE E 5 30.07 88.66 -12.67
C ILE E 5 30.53 87.21 -12.52
N CYS E 6 31.29 86.71 -13.50
CA CYS E 6 31.74 85.32 -13.49
C CYS E 6 33.25 85.28 -13.36
N HIS E 7 33.75 84.35 -12.54
CA HIS E 7 35.17 84.12 -12.47
C HIS E 7 35.62 83.32 -13.68
N CYS E 8 36.92 83.39 -13.98
CA CYS E 8 37.49 82.68 -15.12
C CYS E 8 38.91 82.24 -14.84
N SER E 9 39.38 81.28 -15.64
CA SER E 9 40.76 80.80 -15.58
C SER E 9 41.10 80.15 -16.91
N ASN E 10 42.03 80.74 -17.66
CA ASN E 10 42.41 80.24 -18.98
C ASN E 10 41.19 80.11 -19.89
N ARG E 11 40.37 81.16 -19.90
CA ARG E 11 39.14 81.22 -20.71
C ARG E 11 38.12 80.16 -20.30
N VAL E 12 38.22 79.65 -19.08
CA VAL E 12 37.23 78.74 -18.51
C VAL E 12 36.48 79.52 -17.44
N PHE E 13 35.19 79.71 -17.64
CA PHE E 13 34.40 80.65 -16.86
C PHE E 13 33.55 79.91 -15.83
N LEU E 14 33.65 80.33 -14.57
CA LEU E 14 32.83 79.82 -13.49
C LEU E 14 31.95 80.95 -12.99
N CYS E 15 30.63 80.75 -13.01
CA CYS E 15 29.66 81.76 -12.62
C CYS E 15 29.04 81.46 -11.26
N GLN E 16 29.82 80.95 -10.31
CA GLN E 16 29.30 80.56 -9.01
C GLN E 16 29.01 81.79 -8.16
N GLU E 17 28.04 82.60 -8.56
CA GLU E 17 27.60 83.75 -7.81
C GLU E 17 26.10 83.92 -7.98
N SER E 18 25.42 84.34 -6.90
CA SER E 18 23.97 84.49 -6.95
C SER E 18 23.54 85.63 -7.87
N LYS E 19 24.46 86.55 -8.22
CA LYS E 19 24.10 87.68 -9.06
C LYS E 19 23.71 87.27 -10.47
N VAL E 20 24.03 86.04 -10.88
CA VAL E 20 23.78 85.61 -12.25
C VAL E 20 22.38 85.02 -12.34
N THR E 21 21.38 85.90 -12.51
CA THR E 21 20.01 85.43 -12.70
C THR E 21 19.69 85.17 -14.17
N GLU E 22 20.52 85.64 -15.09
CA GLU E 22 20.38 85.36 -16.51
C GLU E 22 21.74 85.05 -17.09
N ILE E 23 21.75 84.24 -18.15
CA ILE E 23 23.01 83.87 -18.79
C ILE E 23 23.65 85.14 -19.36
N PRO E 24 24.87 85.50 -18.96
CA PRO E 24 25.48 86.72 -19.49
C PRO E 24 25.82 86.61 -20.96
N SER E 25 25.15 87.39 -21.81
CA SER E 25 25.47 87.42 -23.23
C SER E 25 26.82 88.06 -23.51
N ASP E 26 27.42 88.74 -22.53
CA ASP E 26 28.72 89.37 -22.70
C ASP E 26 29.87 88.40 -22.50
N LEU E 27 29.59 87.14 -22.16
CA LEU E 27 30.65 86.16 -22.00
C LEU E 27 31.43 86.04 -23.31
N PRO E 28 32.77 86.06 -23.27
CA PRO E 28 33.52 85.97 -24.53
C PRO E 28 33.14 84.75 -25.34
N ARG E 29 33.00 84.95 -26.65
CA ARG E 29 32.60 83.86 -27.54
C ARG E 29 33.69 82.81 -27.69
N ASN E 30 34.93 83.13 -27.32
CA ASN E 30 36.04 82.21 -27.39
C ASN E 30 36.22 81.40 -26.10
N ALA E 31 35.20 81.38 -25.24
CA ALA E 31 35.31 80.66 -23.98
C ALA E 31 35.55 79.18 -24.23
N ILE E 32 36.56 78.63 -23.56
CA ILE E 32 36.85 77.21 -23.70
C ILE E 32 35.82 76.36 -22.98
N GLU E 33 35.45 76.74 -21.75
CA GLU E 33 34.45 76.02 -20.99
C GLU E 33 33.64 77.01 -20.16
N LEU E 34 32.37 76.67 -19.93
CA LEU E 34 31.48 77.47 -19.11
C LEU E 34 30.93 76.59 -18.00
N ARG E 35 30.97 77.09 -16.77
CA ARG E 35 30.50 76.35 -15.59
C ARG E 35 29.45 77.19 -14.88
N PHE E 36 28.19 76.82 -15.06
CA PHE E 36 27.07 77.50 -14.41
C PHE E 36 26.70 76.70 -13.16
N VAL E 37 27.24 77.13 -12.03
CA VAL E 37 27.06 76.46 -10.75
C VAL E 37 26.38 77.44 -9.79
N LEU E 38 25.27 77.01 -9.19
CA LEU E 38 24.56 77.82 -8.20
C LEU E 38 24.36 79.26 -8.69
N THR E 39 24.21 79.41 -10.00
CA THR E 39 24.13 80.76 -10.58
C THR E 39 22.90 81.52 -10.09
N LYS E 40 21.88 80.80 -9.63
CA LYS E 40 20.56 81.33 -9.31
C LYS E 40 19.76 81.54 -10.59
N LEU E 41 20.25 81.05 -11.73
CA LEU E 41 19.52 81.17 -12.98
C LEU E 41 18.17 80.48 -12.86
N ARG E 42 17.11 81.18 -13.29
CA ARG E 42 15.77 80.63 -13.20
C ARG E 42 15.39 79.87 -14.47
N VAL E 43 15.67 80.45 -15.63
CA VAL E 43 15.36 79.83 -16.91
C VAL E 43 16.55 80.01 -17.84
N ILE E 44 16.92 78.92 -18.54
CA ILE E 44 17.93 78.98 -19.58
C ILE E 44 17.23 79.34 -20.88
N GLN E 45 17.34 80.61 -21.28
CA GLN E 45 16.59 81.10 -22.42
C GLN E 45 17.11 80.49 -23.72
N LYS E 46 16.26 80.55 -24.75
CA LYS E 46 16.57 79.93 -26.02
C LYS E 46 17.81 80.56 -26.66
N GLY E 47 18.64 79.73 -27.29
CA GLY E 47 19.80 80.22 -27.99
C GLY E 47 20.82 80.91 -27.12
N ALA E 48 21.02 80.40 -25.90
CA ALA E 48 21.98 81.02 -24.99
C ALA E 48 23.41 80.69 -25.39
N PHE E 49 23.67 79.44 -25.77
CA PHE E 49 25.01 78.97 -26.08
C PHE E 49 25.27 78.87 -27.58
N SER E 50 24.71 79.77 -28.37
CA SER E 50 24.88 79.72 -29.81
C SER E 50 26.09 80.54 -30.24
N GLY E 51 26.90 79.97 -31.13
CA GLY E 51 28.01 80.68 -31.71
C GLY E 51 29.30 80.67 -30.91
N PHE E 52 29.37 79.88 -29.83
CA PHE E 52 30.59 79.79 -29.03
C PHE E 52 31.50 78.76 -29.68
N GLY E 53 32.42 79.26 -30.51
CA GLY E 53 33.26 78.35 -31.29
C GLY E 53 34.18 77.51 -30.43
N ASP E 54 34.87 78.13 -29.48
CA ASP E 54 35.88 77.44 -28.69
C ASP E 54 35.30 76.67 -27.51
N LEU E 55 33.98 76.74 -27.28
CA LEU E 55 33.37 76.05 -26.17
C LEU E 55 33.45 74.55 -26.38
N GLU E 56 34.13 73.86 -25.47
CA GLU E 56 34.29 72.42 -25.59
C GLU E 56 33.50 71.69 -24.52
N LYS E 57 33.20 72.34 -23.41
CA LYS E 57 32.44 71.72 -22.33
C LYS E 57 31.46 72.73 -21.76
N ILE E 58 30.29 72.24 -21.34
CA ILE E 58 29.27 73.04 -20.69
C ILE E 58 28.80 72.30 -19.45
N GLU E 59 28.64 73.01 -18.35
CA GLU E 59 28.24 72.40 -17.08
C GLU E 59 27.13 73.22 -16.45
N ILE E 60 25.99 72.58 -16.21
CA ILE E 60 24.89 73.15 -15.46
C ILE E 60 24.75 72.33 -14.17
N SER E 61 24.84 73.00 -13.03
CA SER E 61 24.83 72.28 -11.76
C SER E 61 24.34 73.19 -10.64
N GLN E 62 23.70 72.56 -9.65
CA GLN E 62 23.36 73.17 -8.37
C GLN E 62 22.36 74.32 -8.50
N ASN E 63 21.77 74.52 -9.68
CA ASN E 63 20.78 75.59 -9.88
C ASN E 63 19.41 75.08 -9.44
N ASP E 64 19.14 75.24 -8.14
CA ASP E 64 17.86 74.81 -7.60
C ASP E 64 16.71 75.61 -8.20
N VAL E 65 16.91 76.91 -8.36
CA VAL E 65 15.83 77.76 -8.88
C VAL E 65 15.60 77.53 -10.37
N LEU E 66 16.52 76.85 -11.06
CA LEU E 66 16.33 76.58 -12.48
C LEU E 66 15.02 75.82 -12.69
N GLU E 67 14.25 76.25 -13.69
CA GLU E 67 12.91 75.72 -13.93
C GLU E 67 12.72 75.17 -15.33
N VAL E 68 13.27 75.82 -16.36
CA VAL E 68 13.02 75.43 -17.74
C VAL E 68 14.28 75.69 -18.57
N ILE E 69 14.53 74.80 -19.52
CA ILE E 69 15.54 74.98 -20.54
C ILE E 69 14.81 75.10 -21.88
N GLU E 70 15.04 76.20 -22.58
CA GLU E 70 14.28 76.50 -23.79
C GLU E 70 14.92 75.81 -25.00
N ALA E 71 14.38 76.08 -26.18
CA ALA E 71 14.85 75.44 -27.40
C ALA E 71 16.09 76.15 -27.95
N ASP E 72 16.82 75.44 -28.81
CA ASP E 72 18.00 75.97 -29.49
C ASP E 72 19.08 76.41 -28.50
N VAL E 73 19.01 75.94 -27.26
CA VAL E 73 19.93 76.39 -26.22
C VAL E 73 21.35 75.97 -26.56
N PHE E 74 21.54 74.70 -26.95
CA PHE E 74 22.88 74.17 -27.15
C PHE E 74 23.41 74.42 -28.56
N SER E 75 22.55 74.80 -29.50
CA SER E 75 22.99 75.18 -30.85
C SER E 75 23.74 74.01 -31.48
N ASN E 76 24.67 74.30 -32.38
CA ASN E 76 25.41 73.29 -33.15
C ASN E 76 26.91 73.56 -33.06
N LEU E 77 27.41 73.79 -31.86
CA LEU E 77 28.82 74.10 -31.68
C LEU E 77 29.68 72.90 -32.13
N PRO E 78 30.80 73.14 -32.80
CA PRO E 78 31.63 72.02 -33.25
C PRO E 78 32.59 71.50 -32.18
N LYS E 79 32.95 72.36 -31.23
CA LYS E 79 33.93 71.97 -30.22
C LYS E 79 33.29 71.31 -29.01
N LEU E 80 32.04 71.65 -28.70
CA LEU E 80 31.39 71.13 -27.51
C LEU E 80 31.37 69.61 -27.53
N HIS E 81 31.86 68.99 -26.46
CA HIS E 81 31.85 67.54 -26.35
C HIS E 81 31.36 67.01 -25.01
N GLU E 82 31.13 67.87 -24.02
CA GLU E 82 30.65 67.44 -22.71
C GLU E 82 29.59 68.41 -22.21
N ILE E 83 28.46 67.87 -21.78
CA ILE E 83 27.39 68.64 -21.13
C ILE E 83 26.98 67.89 -19.86
N ARG E 84 26.93 68.61 -18.75
CA ARG E 84 26.54 67.99 -17.48
C ARG E 84 25.51 68.81 -16.74
N ILE E 85 24.23 68.47 -16.90
CA ILE E 85 23.13 69.12 -16.21
C ILE E 85 22.85 68.29 -14.96
N GLU E 86 23.18 68.84 -13.79
CA GLU E 86 23.23 68.08 -12.55
C GLU E 86 22.54 68.85 -11.43
N LYS E 87 21.99 68.11 -10.48
CA LYS E 87 21.44 68.64 -9.24
C LYS E 87 20.53 69.84 -9.52
N ALA E 88 19.44 69.55 -10.24
CA ALA E 88 18.40 70.55 -10.54
C ALA E 88 17.06 69.92 -10.14
N ASN E 89 16.71 70.06 -8.85
CA ASN E 89 15.50 69.45 -8.35
C ASN E 89 14.26 70.04 -9.01
N ASN E 90 14.24 71.36 -9.21
CA ASN E 90 13.08 72.03 -9.77
C ASN E 90 13.09 72.08 -11.29
N LEU E 91 14.12 71.54 -11.93
CA LEU E 91 14.19 71.48 -13.39
C LEU E 91 13.32 70.32 -13.87
N LEU E 92 12.03 70.63 -14.07
CA LEU E 92 11.06 69.61 -14.44
C LEU E 92 10.90 69.43 -15.93
N TYR E 93 11.20 70.46 -16.72
CA TYR E 93 10.92 70.44 -18.16
C TYR E 93 12.14 70.92 -18.93
N ILE E 94 12.46 70.20 -20.00
CA ILE E 94 13.48 70.60 -20.97
C ILE E 94 12.85 70.56 -22.35
N ASN E 95 13.04 71.63 -23.12
CA ASN E 95 12.38 71.73 -24.41
C ASN E 95 12.83 70.61 -25.33
N PRO E 96 11.93 70.02 -26.11
CA PRO E 96 12.37 68.98 -27.06
C PRO E 96 13.40 69.47 -28.06
N GLU E 97 13.34 70.75 -28.43
CA GLU E 97 14.29 71.34 -29.37
C GLU E 97 15.47 71.98 -28.65
N ALA E 98 15.83 71.48 -27.47
CA ALA E 98 16.96 72.05 -26.74
C ALA E 98 18.28 71.63 -27.37
N PHE E 99 18.36 70.40 -27.88
CA PHE E 99 19.59 69.87 -28.45
C PHE E 99 19.49 69.87 -29.97
N GLN E 100 20.54 70.34 -30.63
CA GLN E 100 20.64 70.38 -32.08
C GLN E 100 21.80 69.49 -32.53
N ASN E 101 22.11 69.56 -33.81
CA ASN E 101 23.19 68.73 -34.36
C ASN E 101 24.52 69.12 -33.75
N LEU E 102 25.09 68.22 -32.94
CA LEU E 102 26.42 68.37 -32.36
C LEU E 102 27.28 67.22 -32.90
N PRO E 103 27.92 67.41 -34.05
CA PRO E 103 28.70 66.30 -34.64
C PRO E 103 29.79 65.78 -33.72
N ASN E 104 30.35 66.61 -32.86
CA ASN E 104 31.52 66.22 -32.07
C ASN E 104 31.16 65.56 -30.74
N LEU E 105 29.93 65.74 -30.26
CA LEU E 105 29.55 65.33 -28.91
C LEU E 105 30.08 63.94 -28.56
N GLN E 106 30.58 63.80 -27.33
CA GLN E 106 30.96 62.51 -26.77
C GLN E 106 30.34 62.21 -25.42
N TYR E 107 29.89 63.21 -24.67
CA TYR E 107 29.46 63.01 -23.29
C TYR E 107 28.33 63.97 -22.96
N LEU E 108 27.23 63.43 -22.43
CA LEU E 108 26.10 64.23 -21.99
C LEU E 108 25.46 63.57 -20.77
N LEU E 109 25.23 64.37 -19.74
CA LEU E 109 24.75 63.89 -18.45
C LEU E 109 23.67 64.82 -17.92
N ILE E 110 22.48 64.27 -17.69
CA ILE E 110 21.38 65.05 -17.12
C ILE E 110 20.97 64.34 -15.82
N SER E 111 21.94 63.71 -15.15
CA SER E 111 21.64 62.94 -13.96
C SER E 111 21.24 63.84 -12.80
N ASN E 112 20.46 63.28 -11.87
CA ASN E 112 20.03 63.97 -10.66
C ASN E 112 19.33 65.29 -10.99
N THR E 113 18.19 65.16 -11.67
CA THR E 113 17.35 66.31 -12.01
C THR E 113 15.90 65.88 -12.00
N GLY E 114 15.01 66.86 -11.91
CA GLY E 114 13.58 66.61 -11.85
C GLY E 114 12.91 66.47 -13.20
N ILE E 115 13.67 66.29 -14.27
CA ILE E 115 13.09 66.19 -15.61
C ILE E 115 12.02 65.12 -15.62
N LYS E 116 10.87 65.44 -16.23
CA LYS E 116 9.78 64.47 -16.30
C LYS E 116 10.05 63.42 -17.37
N HIS E 117 10.71 63.80 -18.46
CA HIS E 117 10.94 62.91 -19.58
C HIS E 117 12.41 62.98 -20.02
N LEU E 118 12.81 62.00 -20.81
CA LEU E 118 14.18 61.94 -21.29
C LEU E 118 14.45 63.09 -22.25
N PRO E 119 15.69 63.60 -22.29
CA PRO E 119 16.02 64.62 -23.30
C PRO E 119 15.74 64.10 -24.71
N ASP E 120 15.26 65.00 -25.56
CA ASP E 120 14.96 64.67 -26.95
C ASP E 120 16.27 64.69 -27.74
N VAL E 121 16.86 63.49 -27.85
CA VAL E 121 18.21 63.37 -28.42
C VAL E 121 18.21 62.96 -29.89
N HIS E 122 17.09 63.08 -30.59
CA HIS E 122 17.01 62.62 -31.97
C HIS E 122 17.46 63.68 -32.97
N LYS E 123 18.19 64.71 -32.54
CA LYS E 123 18.74 65.71 -33.43
C LYS E 123 20.21 65.98 -33.17
N ILE E 124 20.83 65.27 -32.22
CA ILE E 124 22.24 65.49 -31.91
C ILE E 124 23.11 65.02 -33.07
N HIS E 125 22.85 63.81 -33.57
CA HIS E 125 23.55 63.29 -34.76
C HIS E 125 25.07 63.39 -34.60
N SER E 126 25.56 63.04 -33.41
CA SER E 126 26.98 63.14 -33.15
C SER E 126 27.76 62.14 -34.00
N LEU E 127 28.92 62.58 -34.50
CA LEU E 127 29.78 61.71 -35.30
C LEU E 127 30.67 60.81 -34.45
N GLN E 128 30.75 61.07 -33.14
CA GLN E 128 31.56 60.29 -32.22
C GLN E 128 30.68 59.43 -31.34
N LYS E 129 31.29 58.44 -30.71
CA LYS E 129 30.58 57.63 -29.73
C LYS E 129 30.14 58.51 -28.56
N VAL E 130 28.89 58.37 -28.15
CA VAL E 130 28.28 59.23 -27.15
C VAL E 130 27.84 58.36 -25.99
N LEU E 131 28.09 58.83 -24.76
CA LEU E 131 27.70 58.14 -23.55
C LEU E 131 26.52 58.87 -22.92
N LEU E 132 25.42 58.14 -22.73
CA LEU E 132 24.22 58.69 -22.15
C LEU E 132 24.19 58.33 -20.69
N ASP E 133 24.13 59.33 -19.81
CA ASP E 133 24.13 59.10 -18.36
C ASP E 133 22.89 59.77 -17.78
N ILE E 134 21.78 59.02 -17.75
CA ILE E 134 20.53 59.48 -17.17
C ILE E 134 20.31 58.69 -15.89
N GLN E 135 20.74 59.24 -14.76
CA GLN E 135 20.73 58.52 -13.49
C GLN E 135 20.16 59.39 -12.39
N ASP E 136 19.64 58.73 -11.35
CA ASP E 136 19.15 59.41 -10.16
C ASP E 136 18.03 60.40 -10.49
N ASN E 137 17.32 60.16 -11.60
CA ASN E 137 16.14 60.94 -11.97
C ASN E 137 14.93 60.08 -11.63
N ILE E 138 14.27 60.41 -10.52
CA ILE E 138 13.22 59.55 -9.98
C ILE E 138 11.86 59.90 -10.55
N ASN E 139 11.74 60.97 -11.34
CA ASN E 139 10.45 61.43 -11.83
C ASN E 139 10.07 60.83 -13.19
N ILE E 140 11.03 60.27 -13.92
CA ILE E 140 10.71 59.66 -15.21
C ILE E 140 10.05 58.31 -14.96
N HIS E 141 8.91 58.08 -15.60
CA HIS E 141 8.12 56.87 -15.39
C HIS E 141 8.14 55.92 -16.58
N THR E 142 8.14 56.45 -17.80
CA THR E 142 8.07 55.63 -19.00
C THR E 142 9.01 56.16 -20.06
N ILE E 143 9.39 55.29 -20.99
CA ILE E 143 10.25 55.63 -22.12
C ILE E 143 9.44 55.46 -23.39
N GLU E 144 9.59 56.41 -24.30
CA GLU E 144 8.75 56.45 -25.50
C GLU E 144 9.40 55.67 -26.64
N ARG E 145 8.62 55.47 -27.70
CA ARG E 145 9.10 54.75 -28.87
C ARG E 145 10.18 55.56 -29.58
N ASN E 146 11.23 54.86 -30.02
CA ASN E 146 12.34 55.48 -30.75
C ASN E 146 12.91 56.66 -29.97
N SER E 147 13.08 56.46 -28.66
CA SER E 147 13.57 57.53 -27.81
C SER E 147 14.98 57.96 -28.19
N PHE E 148 15.86 57.00 -28.48
CA PHE E 148 17.28 57.28 -28.68
C PHE E 148 17.69 57.22 -30.15
N VAL E 149 16.72 57.27 -31.07
CA VAL E 149 17.06 57.25 -32.49
C VAL E 149 17.74 58.55 -32.87
N GLY E 150 18.84 58.46 -33.60
CA GLY E 150 19.51 59.63 -34.12
C GLY E 150 20.45 60.33 -33.16
N LEU E 151 20.73 59.75 -32.00
CA LEU E 151 21.66 60.37 -31.07
C LEU E 151 23.03 60.53 -31.70
N SER E 152 23.52 59.49 -32.37
CA SER E 152 24.82 59.55 -33.02
C SER E 152 24.88 58.47 -34.10
N PHE E 153 25.73 58.71 -35.10
CA PHE E 153 25.93 57.71 -36.14
C PHE E 153 26.75 56.53 -35.63
N GLU E 154 27.58 56.75 -34.61
CA GLU E 154 28.38 55.69 -34.00
C GLU E 154 27.59 55.03 -32.88
N SER E 155 28.24 54.08 -32.19
CA SER E 155 27.59 53.37 -31.11
C SER E 155 27.49 54.27 -29.87
N VAL E 156 26.55 53.92 -28.99
CA VAL E 156 26.18 54.77 -27.86
C VAL E 156 26.18 53.92 -26.59
N ILE E 157 26.69 54.50 -25.50
CA ILE E 157 26.60 53.89 -24.18
C ILE E 157 25.34 54.41 -23.52
N LEU E 158 24.45 53.51 -23.12
CA LEU E 158 23.17 53.87 -22.51
C LEU E 158 23.20 53.50 -21.04
N TRP E 159 23.05 54.50 -20.17
CA TRP E 159 22.93 54.30 -18.72
C TRP E 159 21.62 54.94 -18.27
N LEU E 160 20.60 54.12 -18.03
CA LEU E 160 19.28 54.58 -17.60
C LEU E 160 18.87 53.96 -16.27
N ASN E 161 19.77 53.96 -15.29
CA ASN E 161 19.57 53.25 -14.03
C ASN E 161 19.36 54.22 -12.87
N LYS E 162 18.89 53.67 -11.75
CA LYS E 162 18.55 54.46 -10.57
C LYS E 162 17.48 55.49 -10.91
N ASN E 163 16.40 55.02 -11.52
CA ASN E 163 15.29 55.85 -11.96
C ASN E 163 13.96 55.26 -11.51
N GLY E 164 12.90 55.99 -11.79
CA GLY E 164 11.54 55.57 -11.52
C GLY E 164 10.81 54.97 -12.71
N ILE E 165 11.54 54.57 -13.76
CA ILE E 165 10.89 54.02 -14.93
C ILE E 165 10.16 52.74 -14.56
N GLN E 166 8.96 52.57 -15.11
CA GLN E 166 8.12 51.42 -14.81
C GLN E 166 7.68 50.63 -16.04
N GLU E 167 7.86 51.18 -17.24
CA GLU E 167 7.44 50.48 -18.46
C GLU E 167 8.37 50.88 -19.60
N ILE E 168 8.55 49.94 -20.54
CA ILE E 168 9.37 50.16 -21.72
C ILE E 168 8.49 50.02 -22.95
N HIS E 169 8.49 51.04 -23.80
CA HIS E 169 7.73 50.98 -25.04
C HIS E 169 8.43 50.09 -26.06
N ASN E 170 7.64 49.54 -26.98
CA ASN E 170 8.20 48.74 -28.06
C ASN E 170 9.09 49.61 -28.95
N CYS E 171 10.16 49.00 -29.46
CA CYS E 171 11.11 49.68 -30.34
C CYS E 171 11.74 50.89 -29.65
N ALA E 172 11.91 50.81 -28.33
CA ALA E 172 12.51 51.93 -27.61
C ALA E 172 13.94 52.19 -28.08
N PHE E 173 14.72 51.13 -28.28
CA PHE E 173 16.10 51.25 -28.73
C PHE E 173 16.26 50.93 -30.22
N ASN E 174 15.17 50.96 -30.98
CA ASN E 174 15.24 50.66 -32.40
C ASN E 174 16.12 51.68 -33.13
N GLY E 175 16.77 51.23 -34.19
CA GLY E 175 17.59 52.11 -35.01
C GLY E 175 18.74 52.74 -34.26
N THR E 176 19.35 52.02 -33.33
CA THR E 176 20.50 52.51 -32.58
C THR E 176 21.48 51.36 -32.37
N GLN E 177 22.77 51.69 -32.35
CA GLN E 177 23.82 50.72 -32.10
C GLN E 177 24.12 50.72 -30.61
N LEU E 178 23.75 49.64 -29.92
CA LEU E 178 23.84 49.58 -28.47
C LEU E 178 25.11 48.85 -28.06
N ASP E 179 25.91 49.48 -27.20
CA ASP E 179 27.04 48.81 -26.56
C ASP E 179 26.70 48.42 -25.13
N GLU E 180 26.27 49.39 -24.33
CA GLU E 180 25.95 49.21 -22.92
C GLU E 180 24.53 49.68 -22.68
N LEU E 181 23.71 48.81 -22.10
CA LEU E 181 22.36 49.15 -21.68
C LEU E 181 22.23 48.72 -20.22
N ASN E 182 22.28 49.69 -19.32
CA ASN E 182 22.28 49.43 -17.88
C ASN E 182 21.00 50.03 -17.30
N LEU E 183 20.07 49.16 -16.92
CA LEU E 183 18.79 49.58 -16.34
C LEU E 183 18.66 49.13 -14.89
N SER E 184 19.78 49.09 -14.16
CA SER E 184 19.76 48.62 -12.78
C SER E 184 19.01 49.61 -11.88
N ASP E 185 18.57 49.10 -10.74
CA ASP E 185 17.93 49.89 -9.69
C ASP E 185 16.59 50.49 -10.12
N ASN E 186 16.06 50.09 -11.28
CA ASN E 186 14.73 50.51 -11.72
C ASN E 186 13.71 49.51 -11.20
N ASN E 187 13.39 49.67 -9.91
CA ASN E 187 12.53 48.69 -9.23
C ASN E 187 11.14 48.65 -9.86
N ASN E 188 10.59 49.81 -10.21
CA ASN E 188 9.23 49.86 -10.75
C ASN E 188 9.09 49.10 -12.05
N LEU E 189 10.16 48.98 -12.84
CA LEU E 189 10.09 48.25 -14.10
C LEU E 189 9.77 46.78 -13.83
N GLU E 190 8.87 46.21 -14.64
CA GLU E 190 8.38 44.87 -14.42
C GLU E 190 8.50 43.94 -15.63
N GLU E 191 8.37 44.46 -16.84
CA GLU E 191 8.41 43.61 -18.02
C GLU E 191 9.04 44.35 -19.19
N LEU E 192 9.67 43.59 -20.08
CA LEU E 192 10.24 44.12 -21.31
C LEU E 192 9.51 43.53 -22.50
N PRO E 193 8.86 44.34 -23.34
CA PRO E 193 8.25 43.79 -24.56
C PRO E 193 9.31 43.14 -25.46
N ASN E 194 8.90 42.09 -26.16
CA ASN E 194 9.83 41.37 -27.02
C ASN E 194 10.43 42.26 -28.10
N ASP E 195 9.76 43.35 -28.46
CA ASP E 195 10.25 44.27 -29.48
C ASP E 195 11.10 45.39 -28.91
N VAL E 196 11.63 45.22 -27.69
CA VAL E 196 12.47 46.25 -27.09
C VAL E 196 13.72 46.47 -27.94
N PHE E 197 14.34 45.40 -28.40
CA PHE E 197 15.54 45.47 -29.22
C PHE E 197 15.24 45.30 -30.71
N HIS E 198 14.00 45.51 -31.13
CA HIS E 198 13.65 45.37 -32.54
C HIS E 198 14.42 46.38 -33.37
N GLY E 199 14.99 45.90 -34.48
CA GLY E 199 15.71 46.78 -35.38
C GLY E 199 16.92 47.44 -34.77
N ALA E 200 17.50 46.85 -33.73
CA ALA E 200 18.65 47.40 -33.04
C ALA E 200 19.81 46.42 -33.06
N SER E 201 21.01 46.96 -32.92
CA SER E 201 22.23 46.16 -32.84
C SER E 201 22.75 46.18 -31.42
N GLY E 202 23.03 45.01 -30.87
CA GLY E 202 23.42 44.89 -29.48
C GLY E 202 22.22 44.61 -28.59
N PRO E 203 22.33 44.97 -27.31
CA PRO E 203 23.47 45.58 -26.61
C PRO E 203 24.56 44.56 -26.31
N VAL E 204 25.82 44.99 -26.23
CA VAL E 204 26.90 44.08 -25.87
C VAL E 204 26.80 43.70 -24.40
N ILE E 205 26.44 44.66 -23.55
CA ILE E 205 26.28 44.44 -22.11
C ILE E 205 24.86 44.84 -21.73
N LEU E 206 24.19 43.95 -21.01
CA LEU E 206 22.84 44.21 -20.49
C LEU E 206 22.89 44.03 -18.98
N ASP E 207 22.48 45.06 -18.25
CA ASP E 207 22.47 45.05 -16.79
C ASP E 207 21.05 45.35 -16.34
N ILE E 208 20.39 44.37 -15.73
CA ILE E 208 19.04 44.51 -15.21
C ILE E 208 18.96 44.21 -13.72
N SER E 209 20.05 44.47 -12.99
CA SER E 209 20.10 44.13 -11.58
C SER E 209 19.12 44.98 -10.78
N ARG E 210 18.57 44.39 -9.72
CA ARG E 210 17.63 45.08 -8.84
C ARG E 210 16.44 45.63 -9.63
N THR E 211 15.74 44.74 -10.31
CA THR E 211 14.60 45.11 -11.12
C THR E 211 13.70 43.88 -11.26
N ARG E 212 12.41 44.14 -11.51
CA ARG E 212 11.39 43.09 -11.50
C ARG E 212 11.10 42.55 -12.90
N ILE E 213 12.09 42.52 -13.79
CA ILE E 213 11.86 41.98 -15.14
C ILE E 213 11.59 40.49 -15.05
N HIS E 214 10.52 40.05 -15.71
CA HIS E 214 10.14 38.65 -15.66
C HIS E 214 10.95 37.81 -16.64
N SER E 215 11.06 38.25 -17.89
CA SER E 215 11.78 37.52 -18.92
C SER E 215 12.47 38.49 -19.86
N LEU E 216 13.57 38.04 -20.45
CA LEU E 216 14.29 38.86 -21.41
C LEU E 216 13.63 38.80 -22.78
N PRO E 217 13.89 39.79 -23.64
CA PRO E 217 13.33 39.75 -25.00
C PRO E 217 13.77 38.49 -25.74
N SER E 218 12.89 37.98 -26.60
CA SER E 218 13.11 36.73 -27.28
C SER E 218 13.89 36.86 -28.58
N TYR E 219 14.61 37.96 -28.79
CA TYR E 219 15.49 38.10 -29.94
C TYR E 219 16.28 39.40 -29.81
N GLY E 220 17.38 39.46 -30.54
CA GLY E 220 18.27 40.60 -30.51
C GLY E 220 19.39 40.51 -29.49
N LEU E 221 19.43 39.45 -28.67
CA LEU E 221 20.47 39.30 -27.66
C LEU E 221 21.65 38.46 -28.13
N GLU E 222 21.68 38.06 -29.41
CA GLU E 222 22.80 37.26 -29.88
C GLU E 222 24.12 37.99 -29.71
N ASN E 223 24.11 39.31 -29.79
CA ASN E 223 25.34 40.08 -29.61
C ASN E 223 25.66 40.34 -28.15
N LEU E 224 24.73 40.04 -27.24
CA LEU E 224 24.95 40.27 -25.82
C LEU E 224 26.06 39.36 -25.32
N LYS E 225 27.04 39.94 -24.62
CA LYS E 225 28.18 39.21 -24.09
C LYS E 225 28.16 39.12 -22.57
N LYS E 226 28.06 40.26 -21.89
CA LYS E 226 28.08 40.32 -20.43
C LYS E 226 26.66 40.62 -19.95
N LEU E 227 26.15 39.76 -19.08
CA LEU E 227 24.82 39.91 -18.51
C LEU E 227 24.93 40.11 -17.00
N ARG E 228 24.24 41.13 -16.48
CA ARG E 228 24.19 41.41 -15.05
C ARG E 228 22.73 41.43 -14.63
N ALA E 229 22.34 40.42 -13.85
CA ALA E 229 20.96 40.27 -13.39
C ALA E 229 20.93 39.98 -11.90
N ARG E 230 21.78 40.66 -11.14
CA ARG E 230 21.83 40.46 -9.69
C ARG E 230 20.56 41.00 -9.04
N SER E 231 20.07 40.26 -8.04
CA SER E 231 18.88 40.64 -7.28
C SER E 231 17.69 40.85 -8.21
N THR E 232 17.51 39.92 -9.15
CA THR E 232 16.35 39.88 -10.05
C THR E 232 15.62 38.57 -9.79
N TYR E 233 14.73 38.59 -8.80
CA TYR E 233 14.03 37.36 -8.41
C TYR E 233 12.95 36.99 -9.42
N ASN E 234 12.42 37.95 -10.16
CA ASN E 234 11.38 37.67 -11.14
C ASN E 234 11.92 37.03 -12.41
N LEU E 235 13.24 37.04 -12.59
CA LEU E 235 13.85 36.43 -13.77
C LEU E 235 14.04 34.93 -13.56
N LYS E 236 12.93 34.20 -13.40
CA LYS E 236 13.01 32.77 -13.11
C LYS E 236 13.37 31.95 -14.35
N LYS E 237 13.23 32.51 -15.54
CA LYS E 237 13.45 31.78 -16.79
C LYS E 237 14.46 32.54 -17.63
N LEU E 238 15.22 31.79 -18.43
CA LEU E 238 16.25 32.36 -19.29
C LEU E 238 16.06 31.87 -20.73
N PRO E 239 16.54 32.63 -21.71
CA PRO E 239 16.40 32.19 -23.11
C PRO E 239 17.24 30.96 -23.39
N THR E 240 16.87 30.26 -24.46
CA THR E 240 17.60 29.06 -24.84
C THR E 240 19.03 29.42 -25.25
N LEU E 241 19.97 28.50 -25.00
CA LEU E 241 21.37 28.77 -25.26
C LEU E 241 21.61 29.07 -26.74
N GLU E 242 20.81 28.49 -27.63
CA GLU E 242 20.97 28.75 -29.05
C GLU E 242 20.82 30.24 -29.37
N LYS E 243 20.16 30.99 -28.49
CA LYS E 243 20.00 32.43 -28.68
C LYS E 243 21.17 33.22 -28.10
N LEU E 244 21.69 32.80 -26.95
CA LEU E 244 22.87 33.40 -26.35
C LEU E 244 24.16 32.86 -26.96
N VAL E 245 24.34 33.02 -28.28
CA VAL E 245 25.47 32.39 -28.96
C VAL E 245 26.79 32.98 -28.48
N ALA E 246 26.86 34.30 -28.29
CA ALA E 246 28.10 34.99 -27.98
C ALA E 246 28.21 35.39 -26.51
N LEU E 247 27.46 34.73 -25.62
CA LEU E 247 27.54 35.08 -24.21
C LEU E 247 28.93 34.81 -23.68
N MET E 248 29.38 35.69 -22.77
CA MET E 248 30.73 35.64 -22.23
C MET E 248 30.80 35.72 -20.72
N GLU E 249 29.84 36.36 -20.06
CA GLU E 249 29.80 36.45 -18.60
C GLU E 249 28.36 36.76 -18.19
N ALA E 250 27.91 36.16 -17.10
CA ALA E 250 26.50 36.29 -16.70
C ALA E 250 26.41 36.23 -15.18
N SER E 251 26.09 37.35 -14.55
CA SER E 251 25.87 37.43 -13.12
C SER E 251 24.38 37.28 -12.86
N LEU E 252 23.94 36.07 -12.55
CA LEU E 252 22.54 35.78 -12.33
C LEU E 252 22.20 35.87 -10.83
N THR E 253 20.91 35.76 -10.54
CA THR E 253 20.42 35.84 -9.17
C THR E 253 20.35 34.49 -8.49
N TYR E 254 19.88 33.46 -9.19
CA TYR E 254 19.72 32.15 -8.59
C TYR E 254 20.88 31.23 -8.99
N PRO E 255 21.42 30.44 -8.05
CA PRO E 255 22.54 29.56 -8.42
C PRO E 255 22.20 28.57 -9.53
N ILE E 256 20.96 28.08 -9.57
CA ILE E 256 20.62 27.04 -10.52
C ILE E 256 20.75 27.54 -11.95
N HIS E 257 20.43 28.83 -12.19
CA HIS E 257 20.56 29.38 -13.52
C HIS E 257 22.01 29.37 -14.00
N CYS E 258 22.96 29.39 -13.07
CA CYS E 258 24.38 29.54 -13.43
C CYS E 258 24.88 28.42 -14.33
N CYS E 259 24.26 27.24 -14.27
CA CYS E 259 24.78 26.12 -15.07
C CYS E 259 23.83 25.76 -16.20
N ALA E 260 22.95 26.68 -16.61
CA ALA E 260 22.44 26.62 -17.97
C ALA E 260 23.60 26.68 -18.95
N PHE E 261 24.68 27.35 -18.55
CA PHE E 261 25.96 27.33 -19.24
C PHE E 261 26.85 26.27 -18.59
N ALA E 262 26.34 25.02 -18.60
CA ALA E 262 26.93 23.97 -17.78
C ALA E 262 28.34 23.60 -18.21
N ASN E 263 28.66 23.79 -19.49
CA ASN E 263 29.85 23.15 -20.06
C ASN E 263 30.52 24.11 -21.04
N TRP E 264 31.51 23.58 -21.74
CA TRP E 264 32.29 24.30 -22.75
C TRP E 264 31.61 24.20 -24.10
N ARG E 265 30.29 23.99 -24.11
CA ARG E 265 29.55 23.68 -25.32
C ARG E 265 29.55 24.80 -26.35
N ARG E 266 30.19 25.93 -26.09
CA ARG E 266 30.37 26.94 -27.13
C ARG E 266 31.55 26.51 -28.00
N GLN E 267 31.25 26.04 -29.20
CA GLN E 267 32.27 25.38 -30.01
C GLN E 267 33.27 26.38 -30.58
N ILE E 268 32.79 27.52 -31.08
CA ILE E 268 33.66 28.44 -31.80
C ILE E 268 34.46 29.29 -30.82
N SER E 269 35.71 29.56 -31.19
CA SER E 269 36.59 30.47 -30.45
C SER E 269 37.21 31.44 -31.44
N GLU E 270 37.46 32.67 -30.97
CA GLU E 270 37.92 33.73 -31.88
C GLU E 270 39.39 33.55 -32.24
N LEU E 271 40.28 33.65 -31.24
CA LEU E 271 41.71 33.43 -31.44
C LEU E 271 42.25 34.31 -32.56
N HIS E 272 42.22 35.63 -32.34
CA HIS E 272 42.73 36.56 -33.34
C HIS E 272 44.26 36.47 -33.41
N PRO E 273 44.84 36.79 -34.58
CA PRO E 273 46.31 36.76 -34.68
C PRO E 273 47.00 37.71 -33.71
N ILE E 274 46.41 38.87 -33.43
CA ILE E 274 47.02 39.80 -32.48
C ILE E 274 47.18 39.13 -31.12
N CYS E 275 46.17 38.35 -30.71
CA CYS E 275 46.30 37.61 -29.46
C CYS E 275 47.27 36.45 -29.58
N ASN E 276 47.49 35.93 -30.79
CA ASN E 276 48.40 34.81 -30.95
C ASN E 276 49.82 35.20 -30.56
N LYS E 277 50.47 36.04 -31.37
CA LYS E 277 51.73 36.65 -30.94
C LYS E 277 51.85 38.11 -31.36
N SER E 278 51.14 38.51 -32.41
CA SER E 278 51.39 39.80 -33.05
C SER E 278 51.19 40.96 -32.07
N THR E 312 48.89 49.54 -9.85
CA THR E 312 49.47 49.66 -11.18
C THR E 312 49.14 48.41 -12.01
N TYR E 313 49.01 48.59 -13.32
CA TYR E 313 48.69 47.53 -14.26
C TYR E 313 47.70 46.54 -13.64
N THR E 314 47.91 45.23 -13.81
CA THR E 314 47.13 44.19 -13.14
C THR E 314 45.77 43.97 -13.81
N GLU E 315 45.65 44.27 -15.09
CA GLU E 315 44.43 44.01 -15.85
C GLU E 315 44.78 43.08 -17.02
N PHE E 316 44.36 41.82 -16.91
CA PHE E 316 44.50 40.80 -17.95
C PHE E 316 45.86 40.88 -18.67
N ASP E 317 46.91 41.18 -17.90
CA ASP E 317 48.29 41.09 -18.39
C ASP E 317 48.45 41.68 -19.79
N TYR E 318 47.69 42.74 -20.07
CA TYR E 318 47.77 43.44 -21.35
C TYR E 318 47.42 42.53 -22.53
N ASP E 319 46.57 41.52 -22.31
CA ASP E 319 46.20 40.56 -23.33
C ASP E 319 44.68 40.50 -23.42
N LEU E 320 44.18 40.02 -24.56
CA LEU E 320 42.76 40.13 -24.90
C LEU E 320 42.07 38.77 -24.97
N CYS E 321 42.59 37.82 -25.76
CA CYS E 321 41.83 36.62 -26.10
C CYS E 321 42.10 35.43 -25.18
N ASN E 322 42.83 35.61 -24.09
CA ASN E 322 43.24 34.47 -23.27
C ASN E 322 42.03 33.68 -22.75
N GLU E 323 41.86 32.46 -23.25
CA GLU E 323 40.85 31.52 -22.74
C GLU E 323 39.48 32.20 -22.64
N VAL E 324 39.08 32.94 -23.67
CA VAL E 324 37.87 33.74 -23.60
C VAL E 324 36.63 32.92 -23.94
N VAL E 325 36.79 31.75 -24.58
CA VAL E 325 35.64 31.01 -25.07
C VAL E 325 34.74 30.54 -23.95
N ASP E 326 35.31 30.17 -22.80
CA ASP E 326 34.51 29.69 -21.69
C ASP E 326 33.62 30.80 -21.14
N VAL E 327 32.54 30.39 -20.48
CA VAL E 327 31.52 31.30 -19.98
C VAL E 327 31.63 31.34 -18.46
N THR E 328 31.76 32.54 -17.90
CA THR E 328 31.79 32.73 -16.46
C THR E 328 30.41 33.12 -15.95
N CYS E 329 30.07 32.67 -14.75
CA CYS E 329 28.80 33.05 -14.15
C CYS E 329 28.93 32.95 -12.63
N SER E 330 27.97 33.58 -11.95
CA SER E 330 27.92 33.60 -10.49
C SER E 330 26.48 33.88 -10.07
N PRO E 331 26.06 33.39 -8.90
CA PRO E 331 26.78 32.53 -7.94
C PRO E 331 26.94 31.10 -8.45
N LYS E 332 27.96 30.38 -7.97
CA LYS E 332 28.21 29.04 -8.43
C LYS E 332 27.13 28.09 -7.92
N PRO E 333 26.92 26.96 -8.60
CA PRO E 333 25.90 26.00 -8.14
C PRO E 333 26.24 25.47 -6.75
N ASP E 334 25.26 25.56 -5.85
CA ASP E 334 25.43 25.01 -4.52
C ASP E 334 25.26 23.49 -4.56
N ALA E 335 25.79 22.82 -3.52
CA ALA E 335 25.68 21.37 -3.45
C ALA E 335 24.23 20.91 -3.41
N PHE E 336 23.33 21.72 -2.87
CA PHE E 336 21.91 21.37 -2.85
C PHE E 336 21.24 21.49 -4.21
N ASN E 337 21.95 22.02 -5.21
CA ASN E 337 21.38 22.20 -6.55
C ASN E 337 22.33 21.60 -7.59
N PRO E 338 22.44 20.27 -7.62
CA PRO E 338 23.19 19.63 -8.71
C PRO E 338 22.34 19.58 -9.97
N CYS E 339 22.67 20.46 -10.92
CA CYS E 339 21.78 20.71 -12.06
C CYS E 339 22.01 19.67 -13.16
N GLU E 340 21.54 18.46 -12.87
CA GLU E 340 21.23 17.47 -13.89
C GLU E 340 19.72 17.49 -14.09
N ASP E 341 19.23 16.61 -14.97
CA ASP E 341 17.79 16.43 -15.03
C ASP E 341 17.30 15.92 -13.68
N ILE E 342 15.99 16.09 -13.44
CA ILE E 342 15.42 15.59 -12.18
C ILE E 342 15.80 14.14 -11.97
N MET E 343 15.97 13.40 -13.07
CA MET E 343 16.64 12.11 -13.07
C MET E 343 17.95 12.28 -13.83
N GLY E 344 19.06 12.35 -13.09
CA GLY E 344 20.34 12.67 -13.70
C GLY E 344 20.81 11.64 -14.71
N TYR E 345 20.27 10.43 -14.66
CA TYR E 345 20.69 9.35 -15.54
C TYR E 345 19.46 8.75 -16.21
N ASN E 346 19.64 8.34 -17.47
CA ASN E 346 18.51 7.78 -18.22
C ASN E 346 17.98 6.51 -17.56
N ILE E 347 18.88 5.67 -17.04
CA ILE E 347 18.44 4.40 -16.47
C ILE E 347 17.54 4.65 -15.27
N LEU E 348 17.83 5.68 -14.47
CA LEU E 348 16.89 6.08 -13.42
C LEU E 348 15.56 6.53 -14.02
N ARG E 349 15.62 7.27 -15.13
CA ARG E 349 14.40 7.80 -15.73
C ARG E 349 13.46 6.68 -16.15
N VAL E 350 13.99 5.62 -16.75
CA VAL E 350 13.14 4.51 -17.17
C VAL E 350 12.67 3.70 -15.97
N LEU E 351 13.52 3.54 -14.96
CA LEU E 351 13.18 2.67 -13.84
C LEU E 351 12.03 3.23 -13.02
N ILE E 352 11.98 4.55 -12.83
CA ILE E 352 10.95 5.12 -11.96
C ILE E 352 9.56 4.86 -12.54
N TRP E 353 9.42 4.96 -13.86
CA TRP E 353 8.12 4.70 -14.47
C TRP E 353 7.64 3.29 -14.17
N PHE E 354 8.53 2.31 -14.31
CA PHE E 354 8.17 0.92 -14.00
C PHE E 354 7.86 0.77 -12.51
N ILE E 355 8.70 1.35 -11.65
CA ILE E 355 8.49 1.23 -10.22
C ILE E 355 7.17 1.90 -9.82
N SER E 356 6.93 3.10 -10.35
CA SER E 356 5.69 3.81 -10.02
C SER E 356 4.47 3.04 -10.52
N ILE E 357 4.55 2.49 -11.73
CA ILE E 357 3.42 1.78 -12.30
C ILE E 357 3.17 0.48 -11.54
N LEU E 358 4.25 -0.18 -11.10
CA LEU E 358 4.09 -1.41 -10.33
C LEU E 358 3.44 -1.12 -8.98
N ALA E 359 3.93 -0.10 -8.27
CA ALA E 359 3.41 0.18 -6.94
C ALA E 359 1.94 0.60 -7.00
N ILE E 360 1.60 1.48 -7.95
CA ILE E 360 0.22 1.98 -8.04
C ILE E 360 -0.73 0.82 -8.36
N THR E 361 -0.42 0.04 -9.38
CA THR E 361 -1.34 -1.01 -9.84
C THR E 361 -1.51 -2.08 -8.77
N GLY E 362 -0.40 -2.50 -8.15
CA GLY E 362 -0.49 -3.54 -7.14
C GLY E 362 -1.28 -3.09 -5.92
N ASN E 363 -1.13 -1.81 -5.54
CA ASN E 363 -1.82 -1.32 -4.35
C ASN E 363 -3.30 -1.12 -4.61
N ILE E 364 -3.67 -0.56 -5.78
CA ILE E 364 -5.08 -0.30 -6.04
C ILE E 364 -5.85 -1.60 -6.14
N ILE E 365 -5.30 -2.60 -6.84
CA ILE E 365 -6.00 -3.87 -6.99
C ILE E 365 -6.15 -4.56 -5.64
N VAL E 366 -5.13 -4.46 -4.79
CA VAL E 366 -5.24 -5.01 -3.44
C VAL E 366 -6.34 -4.28 -2.67
N LEU E 367 -6.38 -2.96 -2.79
CA LEU E 367 -7.36 -2.17 -2.06
C LEU E 367 -8.79 -2.51 -2.51
N VAL E 368 -9.01 -2.57 -3.83
CA VAL E 368 -10.35 -2.84 -4.33
C VAL E 368 -10.78 -4.26 -3.99
N ILE E 369 -9.87 -5.22 -4.12
CA ILE E 369 -10.21 -6.61 -3.82
C ILE E 369 -10.63 -6.74 -2.35
N LEU E 370 -9.84 -6.15 -1.46
CA LEU E 370 -10.14 -6.25 -0.02
C LEU E 370 -11.44 -5.52 0.32
N THR E 371 -11.64 -4.33 -0.24
CA THR E 371 -12.78 -3.51 0.14
C THR E 371 -14.08 -4.05 -0.45
N THR E 372 -14.05 -4.53 -1.68
CA THR E 372 -15.25 -4.99 -2.36
C THR E 372 -15.70 -6.37 -1.92
N SER E 373 -14.92 -7.06 -1.09
CA SER E 373 -15.29 -8.39 -0.65
C SER E 373 -16.56 -8.35 0.20
N GLN E 374 -17.34 -9.43 0.11
CA GLN E 374 -18.56 -9.57 0.90
C GLN E 374 -18.28 -10.08 2.31
N TYR E 375 -17.08 -10.58 2.58
CA TYR E 375 -16.71 -10.99 3.92
C TYR E 375 -16.53 -9.78 4.82
N LYS E 376 -16.94 -9.91 6.08
CA LYS E 376 -16.88 -8.78 7.00
C LYS E 376 -15.44 -8.38 7.26
N LEU E 377 -15.24 -7.08 7.49
CA LEU E 377 -13.90 -6.55 7.72
C LEU E 377 -13.37 -7.00 9.07
N THR E 378 -12.05 -7.16 9.14
CA THR E 378 -11.35 -7.47 10.38
C THR E 378 -10.16 -6.53 10.51
N VAL E 379 -9.52 -6.56 11.68
CA VAL E 379 -8.40 -5.66 11.92
C VAL E 379 -7.29 -5.82 10.89
N PRO E 380 -6.79 -7.04 10.60
CA PRO E 380 -5.71 -7.14 9.62
C PRO E 380 -6.08 -6.60 8.25
N ARG E 381 -7.32 -6.79 7.81
CA ARG E 381 -7.73 -6.27 6.50
C ARG E 381 -7.84 -4.76 6.51
N PHE E 382 -8.38 -4.19 7.59
CA PHE E 382 -8.47 -2.74 7.69
C PHE E 382 -7.10 -2.10 7.69
N LEU E 383 -6.16 -2.68 8.44
CA LEU E 383 -4.79 -2.17 8.44
C LEU E 383 -4.15 -2.29 7.06
N MET E 384 -4.42 -3.40 6.38
CA MET E 384 -3.87 -3.61 5.05
C MET E 384 -4.34 -2.52 4.11
N CYS E 385 -5.63 -2.22 4.14
CA CYS E 385 -6.18 -1.21 3.25
C CYS E 385 -5.50 0.13 3.43
N ASN E 386 -5.27 0.54 4.68
CA ASN E 386 -4.55 1.79 4.93
C ASN E 386 -3.12 1.72 4.42
N LEU E 387 -2.45 0.58 4.62
CA LEU E 387 -1.09 0.43 4.11
C LEU E 387 -1.06 0.53 2.59
N ALA E 388 -2.04 -0.08 1.92
CA ALA E 388 -2.12 0.04 0.46
C ALA E 388 -2.34 1.49 0.05
N PHE E 389 -3.20 2.21 0.77
CA PHE E 389 -3.43 3.61 0.45
C PHE E 389 -2.16 4.44 0.61
N ALA E 390 -1.43 4.22 1.70
CA ALA E 390 -0.17 4.94 1.89
C ALA E 390 0.83 4.57 0.81
N ASP E 391 0.91 3.29 0.45
CA ASP E 391 1.79 2.87 -0.62
C ASP E 391 1.35 3.47 -1.96
N LEU E 392 0.05 3.56 -2.19
CA LEU E 392 -0.45 4.19 -3.41
C LEU E 392 -0.02 5.64 -3.47
N CYS E 393 -0.04 6.34 -2.32
CA CYS E 393 0.41 7.73 -2.29
C CYS E 393 1.89 7.83 -2.69
N ILE E 394 2.71 6.89 -2.21
CA ILE E 394 4.12 6.87 -2.60
C ILE E 394 4.24 6.70 -4.11
N GLY E 395 3.46 5.79 -4.68
CA GLY E 395 3.48 5.61 -6.12
C GLY E 395 3.04 6.85 -6.85
N ILE E 396 2.02 7.54 -6.34
CA ILE E 396 1.59 8.79 -6.95
C ILE E 396 2.69 9.83 -6.90
N TYR E 397 3.40 9.92 -5.77
CA TYR E 397 4.51 10.86 -5.67
C TYR E 397 5.59 10.54 -6.70
N LEU E 398 5.94 9.26 -6.84
CA LEU E 398 6.92 8.88 -7.86
C LEU E 398 6.40 9.17 -9.26
N LEU E 399 5.11 8.92 -9.49
CA LEU E 399 4.53 9.24 -10.79
C LEU E 399 4.63 10.72 -11.09
N LEU E 400 4.36 11.56 -10.09
CA LEU E 400 4.48 13.00 -10.27
C LEU E 400 5.92 13.40 -10.58
N ILE E 401 6.88 12.82 -9.87
CA ILE E 401 8.28 13.20 -10.05
C ILE E 401 8.76 12.82 -11.43
N ALA E 402 8.51 11.57 -11.84
CA ALA E 402 8.94 11.13 -13.17
C ALA E 402 8.27 11.94 -14.26
N SER E 403 6.96 12.19 -14.11
CA SER E 403 6.24 12.96 -15.12
C SER E 403 6.82 14.37 -15.25
N VAL E 404 7.10 15.03 -14.13
CA VAL E 404 7.73 16.35 -14.19
C VAL E 404 9.13 16.23 -14.80
N ASP E 405 9.85 15.16 -14.45
CA ASP E 405 11.18 14.96 -15.02
C ASP E 405 11.12 14.89 -16.54
N ILE E 406 10.14 14.17 -17.08
CA ILE E 406 9.97 14.13 -18.53
C ILE E 406 9.59 15.51 -19.07
N HIS E 407 8.70 16.21 -18.36
CA HIS E 407 8.29 17.53 -18.81
C HIS E 407 9.47 18.49 -18.85
N THR E 408 10.33 18.43 -17.85
CA THR E 408 11.47 19.32 -17.72
C THR E 408 12.76 18.71 -18.26
N LYS E 409 12.65 17.75 -19.18
CA LYS E 409 13.82 17.05 -19.70
C LYS E 409 14.78 18.02 -20.38
N SER E 410 16.05 17.96 -19.96
CA SER E 410 17.12 18.73 -20.57
C SER E 410 16.93 20.25 -20.43
N GLN E 411 15.91 20.67 -19.69
CA GLN E 411 15.64 22.10 -19.52
C GLN E 411 15.18 22.41 -18.09
N TYR E 412 15.68 21.66 -17.11
CA TYR E 412 15.17 21.80 -15.75
C TYR E 412 15.43 23.20 -15.19
N HIS E 413 16.60 23.77 -15.48
CA HIS E 413 16.97 25.04 -14.87
C HIS E 413 16.02 26.18 -15.21
N ASN E 414 15.20 26.05 -16.26
CA ASN E 414 14.18 27.06 -16.52
C ASN E 414 13.00 26.92 -15.55
N TYR E 415 12.72 25.70 -15.09
CA TYR E 415 11.57 25.43 -14.25
C TYR E 415 11.91 25.16 -12.80
N ALA E 416 13.20 25.10 -12.44
CA ALA E 416 13.58 24.73 -11.08
C ALA E 416 13.02 25.70 -10.06
N ILE E 417 13.12 27.01 -10.34
CA ILE E 417 12.68 28.01 -9.37
C ILE E 417 11.17 27.93 -9.19
N ASP E 418 10.42 27.92 -10.30
CA ASP E 418 8.97 27.87 -10.22
C ASP E 418 8.50 26.57 -9.57
N TRP E 419 9.12 25.45 -9.94
CA TRP E 419 8.73 24.16 -9.38
C TRP E 419 9.01 24.12 -7.88
N GLN E 420 10.27 24.32 -7.49
CA GLN E 420 10.65 24.18 -6.09
C GLN E 420 9.87 25.15 -5.20
N THR E 421 9.83 26.43 -5.59
CA THR E 421 9.13 27.42 -4.79
C THR E 421 7.62 27.38 -4.96
N GLY E 422 7.13 26.80 -6.06
CA GLY E 422 5.72 26.80 -6.35
C GLY E 422 4.95 25.80 -5.52
N ALA E 423 3.62 25.85 -5.68
CA ALA E 423 2.75 24.97 -4.91
C ALA E 423 2.97 23.51 -5.27
N GLY E 424 3.44 23.22 -6.49
CA GLY E 424 3.64 21.84 -6.89
C GLY E 424 4.64 21.12 -6.00
N CYS E 425 5.75 21.77 -5.67
CA CYS E 425 6.75 21.14 -4.82
C CYS E 425 6.20 20.89 -3.42
N ASP E 426 5.44 21.85 -2.87
CA ASP E 426 4.86 21.64 -1.55
C ASP E 426 3.91 20.46 -1.55
N ALA E 427 3.11 20.31 -2.61
CA ALA E 427 2.23 19.15 -2.71
C ALA E 427 3.03 17.86 -2.78
N ALA E 428 4.12 17.85 -3.56
CA ALA E 428 4.95 16.67 -3.65
C ALA E 428 5.58 16.34 -2.30
N GLY E 429 6.09 17.36 -1.60
CA GLY E 429 6.66 17.12 -0.29
C GLY E 429 5.63 16.64 0.72
N PHE E 430 4.42 17.18 0.65
CA PHE E 430 3.35 16.71 1.52
C PHE E 430 3.03 15.25 1.24
N PHE E 431 2.96 14.89 -0.05
CA PHE E 431 2.65 13.52 -0.42
C PHE E 431 3.65 12.52 0.10
N THR E 432 4.94 12.78 -0.14
CA THR E 432 5.98 11.83 0.26
C THR E 432 6.06 11.71 1.78
N VAL E 433 5.95 12.84 2.50
CA VAL E 433 6.03 12.79 3.95
C VAL E 433 4.82 12.09 4.53
N PHE E 434 3.62 12.46 4.07
CA PHE E 434 2.40 11.86 4.58
C PHE E 434 2.36 10.36 4.28
N ALA E 435 2.71 9.98 3.04
CA ALA E 435 2.66 8.58 2.66
C ALA E 435 3.66 7.76 3.46
N SER E 436 4.88 8.27 3.63
CA SER E 436 5.92 7.50 4.31
C SER E 436 5.58 7.30 5.78
N GLU E 437 5.18 8.38 6.47
CA GLU E 437 4.82 8.27 7.88
C GLU E 437 3.62 7.35 8.06
N LEU E 438 2.60 7.49 7.21
CA LEU E 438 1.43 6.62 7.32
C LEU E 438 1.80 5.16 7.04
N SER E 439 2.65 4.93 6.04
CA SER E 439 3.06 3.56 5.73
C SER E 439 3.83 2.95 6.90
N VAL E 440 4.73 3.71 7.50
CA VAL E 440 5.50 3.21 8.64
C VAL E 440 4.57 2.94 9.81
N TYR E 441 3.65 3.87 10.09
CA TYR E 441 2.74 3.70 11.20
C TYR E 441 1.84 2.48 11.01
N THR E 442 1.29 2.32 9.80
CA THR E 442 0.42 1.18 9.54
C THR E 442 1.18 -0.13 9.63
N LEU E 443 2.40 -0.18 9.08
CA LEU E 443 3.20 -1.39 9.15
C LEU E 443 3.50 -1.75 10.60
N THR E 444 3.84 -0.77 11.43
CA THR E 444 4.04 -1.02 12.85
C THR E 444 2.74 -1.49 13.50
N ALA E 445 1.61 -0.90 13.11
CA ALA E 445 0.33 -1.32 13.66
C ALA E 445 0.03 -2.78 13.31
N ILE E 446 0.33 -3.17 12.07
CA ILE E 446 0.11 -4.56 11.66
C ILE E 446 0.97 -5.50 12.51
N THR E 447 2.24 -5.15 12.69
CA THR E 447 3.12 -5.99 13.49
C THR E 447 2.64 -6.07 14.94
N LEU E 448 2.22 -4.93 15.50
CA LEU E 448 1.72 -4.94 16.87
C LEU E 448 0.46 -5.78 16.99
N GLU E 449 -0.44 -5.67 16.01
CA GLU E 449 -1.65 -6.50 16.03
C GLU E 449 -1.30 -7.99 15.97
N ARG E 450 -0.34 -8.35 15.12
CA ARG E 450 0.09 -9.74 15.06
C ARG E 450 0.68 -10.19 16.40
N TRP E 451 1.50 -9.33 17.01
CA TRP E 451 2.11 -9.68 18.29
C TRP E 451 1.06 -9.87 19.37
N HIS E 452 0.09 -8.95 19.43
CA HIS E 452 -0.94 -9.05 20.45
C HIS E 452 -1.78 -10.31 20.28
N THR E 453 -2.15 -10.63 19.03
CA THR E 453 -2.97 -11.81 18.78
C THR E 453 -2.25 -13.09 19.18
N ILE E 454 -0.95 -13.18 18.86
CA ILE E 454 -0.20 -14.40 19.14
C ILE E 454 0.15 -14.49 20.63
N THR E 455 0.75 -13.45 21.18
CA THR E 455 1.19 -13.49 22.56
C THR E 455 0.03 -13.64 23.53
N HIS E 456 -1.05 -12.88 23.32
CA HIS E 456 -2.21 -12.85 24.21
C HIS E 456 -3.40 -13.59 23.62
N ALA E 457 -3.16 -14.71 22.94
CA ALA E 457 -4.25 -15.43 22.30
C ALA E 457 -5.28 -15.91 23.31
N MET E 458 -4.83 -16.48 24.43
CA MET E 458 -5.76 -17.04 25.40
C MET E 458 -6.52 -15.96 26.16
N GLN E 459 -5.87 -14.84 26.48
CA GLN E 459 -6.52 -13.74 27.18
C GLN E 459 -7.43 -13.00 26.20
N LEU E 460 -8.52 -13.67 25.84
CA LEU E 460 -9.46 -13.11 24.88
C LEU E 460 -10.18 -11.87 25.41
N ASP E 461 -10.14 -11.65 26.74
CA ASP E 461 -10.75 -10.45 27.29
C ASP E 461 -10.07 -9.18 26.76
N CYS E 462 -8.83 -9.29 26.30
CA CYS E 462 -8.11 -8.17 25.70
C CYS E 462 -8.19 -8.19 24.17
N LYS E 463 -9.19 -8.85 23.60
CA LYS E 463 -9.33 -8.93 22.16
C LYS E 463 -9.41 -7.53 21.56
N VAL E 464 -8.67 -7.32 20.47
CA VAL E 464 -8.64 -6.03 19.79
C VAL E 464 -9.77 -6.02 18.77
N GLN E 465 -10.80 -5.20 19.04
CA GLN E 465 -11.90 -5.06 18.11
C GLN E 465 -11.56 -4.03 17.03
N LEU E 466 -12.40 -3.97 16.00
CA LEU E 466 -12.16 -3.04 14.90
C LEU E 466 -12.19 -1.59 15.36
N ARG E 467 -12.96 -1.28 16.40
CA ARG E 467 -13.01 0.09 16.90
C ARG E 467 -11.66 0.54 17.44
N HIS E 468 -10.96 -0.35 18.15
CA HIS E 468 -9.64 -0.01 18.66
C HIS E 468 -8.67 0.25 17.51
N ALA E 469 -8.72 -0.59 16.48
CA ALA E 469 -7.86 -0.36 15.31
C ALA E 469 -8.21 0.95 14.62
N ALA E 470 -9.50 1.27 14.53
CA ALA E 470 -9.90 2.52 13.92
C ALA E 470 -9.35 3.72 14.69
N SER E 471 -9.41 3.66 16.02
CA SER E 471 -8.88 4.75 16.82
C SER E 471 -7.38 4.93 16.60
N VAL E 472 -6.63 3.82 16.55
CA VAL E 472 -5.20 3.91 16.30
C VAL E 472 -4.94 4.48 14.91
N MET E 473 -5.70 4.03 13.91
CA MET E 473 -5.52 4.55 12.56
C MET E 473 -5.86 6.02 12.48
N VAL E 474 -6.91 6.45 13.20
CA VAL E 474 -7.26 7.88 13.21
C VAL E 474 -6.10 8.68 13.78
N MET E 475 -5.48 8.20 14.86
CA MET E 475 -4.30 8.86 15.40
C MET E 475 -3.16 8.85 14.39
N GLY E 476 -2.98 7.74 13.69
CA GLY E 476 -1.92 7.66 12.70
C GLY E 476 -2.11 8.67 11.58
N TRP E 477 -3.33 8.79 11.07
CA TRP E 477 -3.60 9.77 10.03
C TRP E 477 -3.36 11.19 10.53
N ILE E 478 -3.75 11.47 11.78
CA ILE E 478 -3.48 12.78 12.36
C ILE E 478 -1.99 13.05 12.42
N PHE E 479 -1.21 12.04 12.85
CA PHE E 479 0.24 12.20 12.92
C PHE E 479 0.83 12.43 11.54
N ALA E 480 0.39 11.64 10.55
CA ALA E 480 0.91 11.81 9.20
C ALA E 480 0.52 13.16 8.63
N PHE E 481 -0.70 13.62 8.86
CA PHE E 481 -1.09 14.88 8.28
C PHE E 481 -0.36 16.03 8.97
N ALA E 482 -0.19 15.94 10.30
CA ALA E 482 0.55 16.99 11.00
C ALA E 482 2.00 17.05 10.51
N ALA E 483 2.63 15.89 10.36
CA ALA E 483 4.01 15.86 9.91
C ALA E 483 4.17 16.47 8.53
N ALA E 484 3.22 16.20 7.63
CA ALA E 484 3.31 16.71 6.27
C ALA E 484 2.97 18.19 6.19
N LEU E 485 2.18 18.71 7.12
CA LEU E 485 1.75 20.10 7.07
C LEU E 485 2.74 21.06 7.72
N PHE E 486 3.49 20.60 8.72
CA PHE E 486 4.48 21.45 9.36
C PHE E 486 5.48 22.03 8.37
N PRO E 487 6.02 21.26 7.42
CA PRO E 487 6.92 21.87 6.41
C PRO E 487 6.30 23.03 5.66
N ILE E 488 5.01 22.96 5.33
CA ILE E 488 4.38 24.03 4.57
C ILE E 488 4.35 25.32 5.37
N PHE E 489 4.18 25.22 6.69
CA PHE E 489 4.04 26.39 7.55
C PHE E 489 5.38 26.92 8.04
N GLY E 490 6.46 26.66 7.30
CA GLY E 490 7.75 27.28 7.59
C GLY E 490 8.66 26.54 8.52
N ILE E 491 8.21 25.43 9.11
CA ILE E 491 9.07 24.68 10.03
C ILE E 491 10.27 24.11 9.28
N SER E 492 10.04 23.51 8.11
CA SER E 492 11.14 22.97 7.30
C SER E 492 10.66 22.92 5.86
N SER E 493 11.12 23.87 5.05
CA SER E 493 10.62 24.01 3.69
C SER E 493 11.07 22.84 2.81
N TYR E 494 10.26 22.55 1.79
CA TYR E 494 10.57 21.51 0.82
C TYR E 494 11.42 22.00 -0.35
N MET E 495 11.62 23.31 -0.47
CA MET E 495 12.19 23.89 -1.68
C MET E 495 13.68 23.61 -1.84
N LYS E 496 14.34 23.04 -0.83
CA LYS E 496 15.79 22.91 -0.88
C LYS E 496 16.26 22.00 -2.01
N VAL E 497 15.43 21.05 -2.44
CA VAL E 497 15.83 20.07 -3.44
C VAL E 497 14.75 19.95 -4.51
N SER E 498 15.15 19.42 -5.66
CA SER E 498 14.23 19.30 -6.79
C SER E 498 13.09 18.34 -6.49
N ILE E 499 13.41 17.18 -5.90
CA ILE E 499 12.40 16.17 -5.63
C ILE E 499 11.59 16.46 -4.38
N CYS E 500 11.85 17.58 -3.71
CA CYS E 500 10.96 18.13 -2.69
C CYS E 500 10.92 17.27 -1.43
N LEU E 501 12.08 16.82 -0.97
CA LEU E 501 12.13 16.25 0.36
C LEU E 501 12.44 17.33 1.39
N PRO E 502 12.03 17.15 2.64
CA PRO E 502 12.31 18.17 3.68
C PRO E 502 13.76 18.14 4.17
N MET E 503 14.65 18.73 3.39
CA MET E 503 16.06 18.83 3.75
C MET E 503 16.41 20.11 4.47
N ASP E 504 15.43 20.95 4.80
CA ASP E 504 15.72 22.20 5.49
C ASP E 504 16.33 21.93 6.86
N ILE E 505 17.59 22.29 7.02
CA ILE E 505 18.34 22.06 8.27
C ILE E 505 18.73 23.36 8.95
N ASP E 506 18.52 24.51 8.30
CA ASP E 506 19.07 25.77 8.80
C ASP E 506 18.61 26.06 10.22
N SER E 507 17.31 26.27 10.40
CA SER E 507 16.82 26.67 11.71
C SER E 507 16.78 25.48 12.66
N PRO E 508 16.95 25.72 13.96
CA PRO E 508 16.87 24.60 14.91
C PRO E 508 15.53 23.88 14.90
N LEU E 509 14.44 24.60 14.68
CA LEU E 509 13.12 23.95 14.62
C LEU E 509 13.06 22.96 13.47
N SER E 510 13.61 23.34 12.31
CA SER E 510 13.62 22.40 11.18
C SER E 510 14.44 21.17 11.51
N GLN E 511 15.57 21.35 12.19
CA GLN E 511 16.36 20.21 12.63
C GLN E 511 15.56 19.33 13.58
N LEU E 512 14.84 19.96 14.51
CA LEU E 512 14.03 19.20 15.46
C LEU E 512 12.94 18.40 14.75
N TYR E 513 12.25 19.04 13.81
CA TYR E 513 11.13 18.38 13.14
C TYR E 513 11.61 17.21 12.28
N VAL E 514 12.61 17.45 11.42
CA VAL E 514 13.07 16.41 10.52
C VAL E 514 13.67 15.25 11.30
N MET E 515 14.44 15.55 12.34
CA MET E 515 15.06 14.48 13.13
C MET E 515 14.00 13.62 13.80
N SER E 516 12.96 14.23 14.35
CA SER E 516 11.90 13.46 15.00
C SER E 516 11.29 12.47 14.04
N LEU E 517 11.06 12.88 12.78
CA LEU E 517 10.52 11.97 11.79
C LEU E 517 11.49 10.81 11.53
N LEU E 518 12.77 11.12 11.34
CA LEU E 518 13.74 10.07 11.06
C LEU E 518 13.92 9.14 12.26
N VAL E 519 13.99 9.71 13.47
CA VAL E 519 14.14 8.88 14.65
C VAL E 519 12.92 7.99 14.84
N LEU E 520 11.72 8.54 14.62
CA LEU E 520 10.51 7.72 14.72
C LEU E 520 10.53 6.60 13.70
N ASN E 521 10.99 6.88 12.48
CA ASN E 521 11.06 5.83 11.46
C ASN E 521 12.00 4.71 11.90
N VAL E 522 13.16 5.06 12.46
CA VAL E 522 14.08 4.03 12.96
C VAL E 522 13.45 3.27 14.11
N LEU E 523 12.79 3.98 15.03
CA LEU E 523 12.17 3.32 16.17
C LEU E 523 11.08 2.36 15.71
N ALA E 524 10.37 2.68 14.63
CA ALA E 524 9.34 1.79 14.12
C ALA E 524 9.93 0.45 13.70
N PHE E 525 11.07 0.48 12.99
CA PHE E 525 11.75 -0.76 12.62
C PHE E 525 12.22 -1.53 13.85
N VAL E 526 12.75 -0.81 14.85
CA VAL E 526 13.18 -1.47 16.08
C VAL E 526 12.00 -2.16 16.75
N VAL E 527 10.85 -1.48 16.80
CA VAL E 527 9.66 -2.09 17.39
C VAL E 527 9.24 -3.32 16.59
N ILE E 528 9.27 -3.22 15.26
CA ILE E 528 8.86 -4.35 14.43
C ILE E 528 9.77 -5.55 14.69
N CYS E 529 11.09 -5.32 14.74
CA CYS E 529 12.01 -6.42 15.01
C CYS E 529 11.78 -7.01 16.38
N GLY E 530 11.57 -6.16 17.39
CA GLY E 530 11.32 -6.66 18.73
C GLY E 530 10.05 -7.48 18.81
N CYS E 531 8.98 -7.01 18.16
CA CYS E 531 7.73 -7.75 18.17
C CYS E 531 7.88 -9.12 17.52
N TYR E 532 8.55 -9.18 16.37
CA TYR E 532 8.74 -10.46 15.70
C TYR E 532 9.67 -11.36 16.50
N ILE E 533 10.67 -10.78 17.16
CA ILE E 533 11.57 -11.57 17.99
C ILE E 533 10.79 -12.26 19.11
N HIS E 534 9.91 -11.53 19.77
CA HIS E 534 9.11 -12.12 20.85
C HIS E 534 8.17 -13.19 20.30
N ILE E 535 7.59 -12.94 19.12
CA ILE E 535 6.67 -13.92 18.54
C ILE E 535 7.39 -15.24 18.30
N TYR E 536 8.60 -15.19 17.75
CA TYR E 536 9.36 -16.41 17.51
C TYR E 536 9.63 -17.15 18.82
N LEU E 537 10.08 -16.42 19.84
CA LEU E 537 10.37 -17.06 21.12
C LEU E 537 9.12 -17.57 21.81
N THR E 538 7.97 -16.95 21.56
CA THR E 538 6.73 -17.40 22.19
C THR E 538 6.16 -18.63 21.49
N VAL E 539 6.30 -18.70 20.16
CA VAL E 539 5.70 -19.81 19.40
C VAL E 539 6.63 -21.01 19.27
N ARG E 540 7.92 -20.84 19.53
CA ARG E 540 8.85 -21.95 19.41
C ARG E 540 8.54 -23.03 20.44
N ASN E 541 8.64 -24.29 20.04
CA ASN E 541 8.35 -25.42 20.92
C ASN E 541 9.05 -26.66 20.38
N PRO E 542 10.33 -26.86 20.72
CA PRO E 542 11.09 -27.97 20.12
C PRO E 542 10.69 -29.34 20.64
N ASN E 543 9.84 -29.42 21.67
CA ASN E 543 9.44 -30.73 22.18
C ASN E 543 8.42 -31.41 21.26
N ILE E 544 7.61 -30.63 20.53
CA ILE E 544 6.55 -31.20 19.72
C ILE E 544 6.68 -30.76 18.26
N VAL E 545 7.35 -29.63 18.04
CA VAL E 545 7.51 -29.07 16.70
C VAL E 545 8.88 -29.49 16.16
N SER E 546 8.89 -29.99 14.92
CA SER E 546 10.15 -30.30 14.26
C SER E 546 10.90 -29.01 13.93
N SER E 547 12.21 -29.15 13.74
CA SER E 547 13.04 -27.97 13.48
C SER E 547 12.62 -27.26 12.22
N SER E 548 12.31 -28.01 11.15
CA SER E 548 11.99 -27.40 9.87
C SER E 548 10.92 -26.32 9.99
N SER E 549 9.88 -26.58 10.79
CA SER E 549 8.84 -25.57 10.97
C SER E 549 9.40 -24.32 11.62
N ASP E 550 10.27 -24.47 12.61
CA ASP E 550 10.85 -23.31 13.28
C ASP E 550 11.68 -22.47 12.31
N THR E 551 12.48 -23.12 11.47
CA THR E 551 13.23 -22.38 10.45
C THR E 551 12.30 -21.69 9.47
N ARG E 552 11.22 -22.38 9.08
CA ARG E 552 10.27 -21.80 8.15
C ARG E 552 9.63 -20.53 8.71
N ILE E 553 9.24 -20.56 9.99
CA ILE E 553 8.69 -19.38 10.62
C ILE E 553 9.72 -18.27 10.67
N ALA E 554 10.97 -18.60 11.03
CA ALA E 554 12.03 -17.60 11.06
C ALA E 554 12.27 -17.02 9.68
N LYS E 555 12.28 -17.87 8.65
CA LYS E 555 12.48 -17.38 7.29
C LYS E 555 11.40 -16.40 6.88
N ARG E 556 10.14 -16.73 7.15
CA ARG E 556 9.04 -15.88 6.70
C ARG E 556 9.10 -14.50 7.34
N MET E 557 9.36 -14.45 8.66
CA MET E 557 9.42 -13.16 9.33
C MET E 557 10.70 -12.41 8.98
N ALA E 558 11.76 -13.14 8.66
CA ALA E 558 12.98 -12.50 8.19
C ALA E 558 12.77 -11.81 6.85
N MET E 559 11.92 -12.39 5.98
CA MET E 559 11.56 -11.74 4.74
C MET E 559 11.03 -10.34 4.99
N LEU E 560 10.06 -10.22 5.90
CA LEU E 560 9.46 -8.92 6.17
C LEU E 560 10.45 -7.97 6.82
N ILE E 561 11.23 -8.45 7.78
CA ILE E 561 12.19 -7.58 8.46
C ILE E 561 13.26 -7.11 7.48
N PHE E 562 13.79 -8.02 6.66
CA PHE E 562 14.82 -7.65 5.71
C PHE E 562 14.29 -6.64 4.69
N THR E 563 13.05 -6.83 4.23
CA THR E 563 12.47 -5.92 3.25
C THR E 563 12.39 -4.50 3.80
N ASP E 564 11.93 -4.36 5.05
CA ASP E 564 11.82 -3.03 5.64
C ASP E 564 13.19 -2.42 5.89
N PHE E 565 14.14 -3.24 6.35
CA PHE E 565 15.50 -2.75 6.59
C PHE E 565 16.13 -2.20 5.32
N LEU E 566 15.98 -2.95 4.21
CA LEU E 566 16.53 -2.49 2.94
C LEU E 566 15.83 -1.22 2.47
N CYS E 567 14.57 -1.04 2.85
CA CYS E 567 13.83 0.16 2.47
C CYS E 567 14.23 1.37 3.31
N MET E 568 14.55 1.15 4.58
CA MET E 568 14.78 2.24 5.54
C MET E 568 16.26 2.51 5.77
N ALA E 569 17.05 1.47 6.04
CA ALA E 569 18.44 1.67 6.45
C ALA E 569 19.25 2.48 5.44
N PRO E 570 19.27 2.14 4.15
CA PRO E 570 20.11 2.94 3.22
C PRO E 570 19.71 4.40 3.17
N ILE E 571 18.41 4.70 3.27
CA ILE E 571 17.97 6.09 3.23
C ILE E 571 18.18 6.77 4.58
N SER E 572 17.84 6.08 5.66
CA SER E 572 17.96 6.68 6.98
C SER E 572 19.41 7.00 7.33
N PHE E 573 20.33 6.12 6.95
CA PHE E 573 21.76 6.36 7.18
C PHE E 573 22.16 7.76 6.71
N PHE E 574 21.98 8.03 5.42
CA PHE E 574 22.41 9.32 4.87
C PHE E 574 21.54 10.46 5.39
N ALA E 575 20.23 10.22 5.56
CA ALA E 575 19.34 11.27 6.03
C ALA E 575 19.70 11.73 7.42
N ILE E 576 19.96 10.77 8.33
CA ILE E 576 20.29 11.14 9.71
C ILE E 576 21.65 11.81 9.77
N SER E 577 22.63 11.30 9.03
CA SER E 577 23.97 11.86 9.08
C SER E 577 23.98 13.31 8.63
N ALA E 578 23.28 13.62 7.53
CA ALA E 578 23.29 14.98 7.01
C ALA E 578 22.48 15.91 7.90
N SER E 579 21.35 15.44 8.44
CA SER E 579 20.57 16.26 9.34
C SER E 579 21.38 16.68 10.56
N LEU E 580 22.40 15.90 10.93
CA LEU E 580 23.35 16.28 11.96
C LEU E 580 24.41 17.25 11.44
N LYS E 581 24.21 17.79 10.23
CA LYS E 581 25.17 18.70 9.61
C LYS E 581 26.51 18.03 9.35
N VAL E 582 26.47 16.73 9.03
CA VAL E 582 27.66 16.00 8.59
C VAL E 582 27.27 15.29 7.30
N PRO E 583 27.23 15.99 6.17
CA PRO E 583 26.85 15.33 4.92
C PRO E 583 27.91 14.34 4.46
N LEU E 584 27.46 13.20 3.95
CA LEU E 584 28.33 12.16 3.44
C LEU E 584 28.20 11.92 1.95
N ILE E 585 27.03 12.20 1.37
CA ILE E 585 26.80 12.02 -0.06
C ILE E 585 26.09 13.25 -0.59
N THR E 586 26.22 13.47 -1.91
CA THR E 586 25.61 14.61 -2.54
C THR E 586 24.18 14.29 -2.96
N VAL E 587 23.45 15.34 -3.35
CA VAL E 587 22.05 15.17 -3.74
C VAL E 587 21.94 14.32 -5.00
N SER E 588 22.96 14.38 -5.86
CA SER E 588 22.93 13.63 -7.11
C SER E 588 22.69 12.14 -6.84
N LYS E 589 23.47 11.56 -5.93
CA LYS E 589 23.28 10.17 -5.56
C LYS E 589 22.06 9.98 -4.67
N ALA E 590 21.66 11.03 -3.94
CA ALA E 590 20.50 10.92 -3.08
C ALA E 590 19.25 10.61 -3.89
N LYS E 591 19.06 11.30 -5.01
CA LYS E 591 17.91 11.05 -5.85
C LYS E 591 17.89 9.60 -6.32
N ILE E 592 19.06 9.05 -6.64
CA ILE E 592 19.14 7.64 -7.04
C ILE E 592 18.70 6.75 -5.89
N LEU E 593 19.18 7.04 -4.67
CA LEU E 593 18.86 6.19 -3.53
C LEU E 593 17.37 6.19 -3.24
N LEU E 594 16.74 7.37 -3.27
CA LEU E 594 15.30 7.44 -3.02
C LEU E 594 14.52 6.67 -4.08
N VAL E 595 14.88 6.85 -5.35
CA VAL E 595 14.13 6.20 -6.42
C VAL E 595 14.26 4.68 -6.32
N LEU E 596 15.43 4.19 -5.92
CA LEU E 596 15.67 2.76 -5.90
C LEU E 596 15.16 2.10 -4.61
N PHE E 597 15.55 2.64 -3.46
CA PHE E 597 15.30 1.98 -2.19
C PHE E 597 13.97 2.39 -1.55
N HIS E 598 13.58 3.66 -1.67
CA HIS E 598 12.37 4.12 -0.99
C HIS E 598 11.13 3.33 -1.39
N PRO E 599 10.86 3.08 -2.67
CA PRO E 599 9.65 2.34 -3.05
C PRO E 599 9.72 0.85 -2.84
N ILE E 600 10.74 0.33 -2.15
CA ILE E 600 10.82 -1.10 -1.89
C ILE E 600 9.62 -1.54 -1.04
N ASN E 601 9.31 -0.78 0.00
CA ASN E 601 8.15 -1.09 0.82
C ASN E 601 6.86 -0.93 0.03
N SER E 602 6.77 0.11 -0.79
CA SER E 602 5.54 0.34 -1.54
C SER E 602 5.21 -0.82 -2.47
N CYS E 603 6.21 -1.33 -3.18
CA CYS E 603 5.98 -2.45 -4.10
C CYS E 603 5.84 -3.77 -3.35
N ALA E 604 6.67 -3.98 -2.31
CA ALA E 604 6.71 -5.28 -1.65
C ALA E 604 5.51 -5.50 -0.75
N ASN E 605 5.02 -4.46 -0.07
CA ASN E 605 3.97 -4.63 0.90
C ASN E 605 2.72 -5.29 0.33
N PRO E 606 2.17 -4.85 -0.80
CA PRO E 606 0.99 -5.53 -1.35
C PRO E 606 1.25 -6.99 -1.67
N PHE E 607 2.46 -7.34 -2.11
CA PHE E 607 2.76 -8.74 -2.41
C PHE E 607 2.94 -9.55 -1.13
N LEU E 608 3.63 -9.00 -0.15
CA LEU E 608 3.97 -9.78 1.04
C LEU E 608 2.77 -9.99 1.94
N TYR E 609 1.94 -8.96 2.12
CA TYR E 609 0.89 -8.99 3.12
C TYR E 609 -0.49 -9.35 2.57
N ALA E 610 -0.75 -9.11 1.29
CA ALA E 610 -2.07 -9.34 0.71
C ALA E 610 -2.06 -10.39 -0.39
N ILE E 611 -1.21 -10.24 -1.40
CA ILE E 611 -1.27 -11.14 -2.56
C ILE E 611 -0.71 -12.51 -2.18
N PHE E 612 -1.10 -13.52 -2.96
CA PHE E 612 -0.95 -14.93 -2.59
C PHE E 612 -1.23 -15.16 -1.11
N THR E 613 -2.30 -14.55 -0.60
CA THR E 613 -2.85 -14.91 0.69
C THR E 613 -4.15 -15.69 0.45
N LYS E 614 -4.32 -16.81 1.15
CA LYS E 614 -5.44 -17.69 0.86
C LYS E 614 -6.76 -16.93 0.85
N ASN E 615 -6.93 -15.99 1.79
CA ASN E 615 -8.11 -15.14 1.75
C ASN E 615 -8.13 -14.28 0.49
N PHE E 616 -6.98 -13.70 0.13
CA PHE E 616 -6.92 -12.88 -1.09
C PHE E 616 -7.13 -13.74 -2.33
N ARG E 617 -6.52 -14.92 -2.38
CA ARG E 617 -6.68 -15.78 -3.55
C ARG E 617 -8.14 -16.16 -3.74
N ARG E 618 -8.82 -16.54 -2.65
CA ARG E 618 -10.24 -16.82 -2.73
C ARG E 618 -11.02 -15.57 -3.13
N ASP E 619 -10.65 -14.41 -2.56
CA ASP E 619 -11.35 -13.17 -2.88
C ASP E 619 -11.20 -12.83 -4.36
N PHE E 620 -9.98 -12.94 -4.90
CA PHE E 620 -9.75 -12.56 -6.29
C PHE E 620 -10.56 -13.43 -7.24
N PHE E 621 -10.60 -14.74 -6.98
CA PHE E 621 -11.40 -15.63 -7.83
C PHE E 621 -12.89 -15.33 -7.71
N ILE E 622 -13.38 -15.04 -6.51
CA ILE E 622 -14.80 -14.76 -6.33
C ILE E 622 -15.18 -13.49 -7.09
N LEU E 623 -14.38 -12.43 -6.95
CA LEU E 623 -14.69 -11.19 -7.64
C LEU E 623 -14.53 -11.33 -9.14
N LEU E 624 -13.54 -12.11 -9.59
CA LEU E 624 -13.36 -12.33 -11.02
C LEU E 624 -14.57 -13.03 -11.62
N SER E 625 -15.17 -13.97 -10.88
CA SER E 625 -16.35 -14.67 -11.38
C SER E 625 -17.49 -13.69 -11.63
N LYS E 626 -17.68 -12.72 -10.72
CA LYS E 626 -18.73 -11.72 -10.91
C LYS E 626 -18.47 -10.84 -12.12
N CYS E 627 -17.23 -10.79 -12.61
CA CYS E 627 -16.88 -9.99 -13.78
C CYS E 627 -16.63 -10.86 -15.00
N GLY E 628 -17.12 -12.10 -15.00
CA GLY E 628 -16.93 -13.01 -16.13
C GLY E 628 -17.53 -12.48 -17.41
N GLN F 5 52.58 55.17 -1.37
CA GLN F 5 53.75 55.37 -2.29
C GLN F 5 53.59 56.64 -3.12
N ASP F 6 54.71 57.19 -3.58
CA ASP F 6 54.71 58.35 -4.45
C ASP F 6 54.50 57.88 -5.90
N CYS F 7 53.28 57.47 -6.18
CA CYS F 7 52.96 56.91 -7.49
C CYS F 7 53.13 57.98 -8.56
N PRO F 8 53.45 57.58 -9.80
CA PRO F 8 53.80 58.57 -10.82
C PRO F 8 52.61 59.42 -11.24
N GLU F 9 52.92 60.57 -11.83
CA GLU F 9 51.90 61.50 -12.30
C GLU F 9 51.24 60.97 -13.57
N CYS F 10 50.16 61.63 -13.96
CA CYS F 10 49.48 61.32 -15.22
C CYS F 10 50.43 61.56 -16.38
N THR F 11 50.88 60.49 -17.03
CA THR F 11 51.97 60.57 -17.99
C THR F 11 51.68 59.66 -19.18
N LEU F 12 52.64 59.60 -20.11
CA LEU F 12 52.53 58.85 -21.35
C LEU F 12 53.62 57.79 -21.38
N GLN F 13 53.22 56.51 -21.33
CA GLN F 13 54.15 55.39 -21.33
C GLN F 13 53.96 54.57 -22.61
N GLU F 14 54.60 53.40 -22.64
CA GLU F 14 54.69 52.59 -23.84
C GLU F 14 53.48 51.66 -23.98
N ASN F 15 53.59 50.70 -24.91
CA ASN F 15 52.46 49.89 -25.36
C ASN F 15 53.00 48.51 -25.72
N PRO F 16 53.17 47.63 -24.73
CA PRO F 16 53.77 46.31 -25.02
C PRO F 16 52.81 45.22 -25.47
N LEU F 17 51.79 45.52 -26.27
CA LEU F 17 51.16 44.47 -27.07
C LEU F 17 50.87 44.94 -28.49
N PHE F 18 50.40 46.17 -28.62
CA PHE F 18 49.82 46.65 -29.87
C PHE F 18 50.74 47.57 -30.64
N SER F 19 51.96 47.79 -30.16
CA SER F 19 52.94 48.62 -30.86
C SER F 19 54.02 47.72 -31.46
N GLN F 20 54.00 47.59 -32.78
CA GLN F 20 55.04 46.84 -33.45
C GLN F 20 56.39 47.48 -33.17
N PRO F 21 57.44 46.69 -32.92
CA PRO F 21 58.75 47.28 -32.61
C PRO F 21 59.15 48.39 -33.58
N GLY F 22 59.36 49.58 -33.06
CA GLY F 22 59.66 50.74 -33.88
C GLY F 22 58.46 51.57 -34.29
N ALA F 23 57.25 51.17 -33.93
CA ALA F 23 56.02 51.88 -34.25
C ALA F 23 55.24 52.09 -32.95
N PRO F 24 55.62 53.06 -32.13
CA PRO F 24 54.97 53.21 -30.82
C PRO F 24 53.56 53.77 -30.94
N ILE F 25 52.65 53.22 -30.15
CA ILE F 25 51.32 53.78 -29.94
C ILE F 25 51.18 53.94 -28.42
N LEU F 26 51.56 55.11 -27.92
CA LEU F 26 51.70 55.30 -26.48
C LEU F 26 50.35 55.36 -25.80
N GLN F 27 50.37 55.17 -24.48
CA GLN F 27 49.16 55.07 -23.67
C GLN F 27 49.29 56.04 -22.49
N CYS F 28 48.16 56.55 -22.01
CA CYS F 28 48.13 57.59 -21.00
C CYS F 28 47.76 57.00 -19.64
N MET F 29 48.65 57.17 -18.66
CA MET F 29 48.48 56.58 -17.33
C MET F 29 49.00 57.52 -16.26
N GLY F 30 48.65 57.20 -15.02
CA GLY F 30 49.25 57.86 -13.87
C GLY F 30 48.22 58.15 -12.80
N CYS F 31 48.70 58.70 -11.70
CA CYS F 31 47.85 59.08 -10.59
C CYS F 31 47.35 60.50 -10.76
N CYS F 32 46.21 60.80 -10.13
CA CYS F 32 45.71 62.16 -10.01
C CYS F 32 44.80 62.25 -8.79
N PHE F 33 44.63 63.48 -8.31
CA PHE F 33 44.01 63.71 -7.02
C PHE F 33 42.52 63.39 -7.04
N SER F 34 42.02 62.87 -5.92
CA SER F 34 40.60 62.67 -5.70
C SER F 34 40.34 62.64 -4.21
N ARG F 35 39.11 62.96 -3.82
CA ARG F 35 38.76 63.07 -2.41
C ARG F 35 37.26 62.89 -2.23
N ALA F 36 36.86 62.68 -0.98
CA ALA F 36 35.45 62.62 -0.60
C ALA F 36 35.27 63.39 0.71
N TYR F 37 34.10 64.02 0.85
CA TYR F 37 33.80 64.80 2.04
C TYR F 37 32.29 64.97 2.14
N PRO F 38 31.78 65.34 3.32
CA PRO F 38 30.32 65.40 3.51
C PRO F 38 29.69 66.45 2.61
N THR F 39 28.43 66.20 2.25
CA THR F 39 27.66 67.16 1.46
C THR F 39 27.29 68.36 2.33
N PRO F 40 27.69 69.58 1.95
CA PRO F 40 27.21 70.75 2.70
C PRO F 40 25.71 70.91 2.55
N LEU F 41 25.10 71.53 3.57
CA LEU F 41 23.64 71.69 3.57
C LEU F 41 23.18 72.52 2.38
N ARG F 42 23.92 73.58 2.05
CA ARG F 42 23.55 74.38 0.88
C ARG F 42 23.54 73.53 -0.38
N SER F 43 24.38 72.50 -0.45
CA SER F 43 24.33 71.55 -1.55
C SER F 43 23.16 70.59 -1.39
N LYS F 44 22.88 70.17 -0.16
CA LYS F 44 21.80 69.21 0.07
C LYS F 44 20.44 69.81 -0.24
N LYS F 45 20.36 71.15 -0.33
CA LYS F 45 19.10 71.79 -0.70
C LYS F 45 18.74 71.53 -2.15
N THR F 46 19.73 71.20 -2.99
CA THR F 46 19.54 71.12 -4.42
C THR F 46 19.33 69.70 -4.95
N MET F 47 19.54 68.69 -4.11
CA MET F 47 19.56 67.30 -4.57
C MET F 47 18.24 66.62 -4.25
N LEU F 48 17.68 65.92 -5.25
CA LEU F 48 16.48 65.12 -5.02
C LEU F 48 16.82 63.85 -4.24
N VAL F 49 17.77 63.08 -4.75
CA VAL F 49 18.26 61.89 -4.04
C VAL F 49 19.37 62.33 -3.10
N GLN F 50 19.10 62.30 -1.80
CA GLN F 50 20.07 62.78 -0.83
C GLN F 50 21.29 61.87 -0.78
N LYS F 51 22.47 62.48 -0.72
CA LYS F 51 23.73 61.77 -0.63
C LYS F 51 24.54 62.35 0.52
N ASN F 52 25.11 61.48 1.35
CA ASN F 52 25.82 61.93 2.54
C ASN F 52 27.28 62.28 2.27
N VAL F 53 27.81 61.94 1.10
CA VAL F 53 29.23 62.11 0.82
C VAL F 53 29.39 62.52 -0.64
N THR F 54 30.05 63.65 -0.88
CA THR F 54 30.51 63.98 -2.22
C THR F 54 31.84 63.29 -2.49
N SER F 55 32.17 63.17 -3.77
CA SER F 55 33.44 62.61 -4.20
C SER F 55 33.92 63.36 -5.43
N GLU F 56 35.06 64.03 -5.30
CA GLU F 56 35.68 64.75 -6.40
C GLU F 56 36.75 63.87 -7.03
N SER F 57 36.62 63.60 -8.32
CA SER F 57 37.45 62.62 -8.99
C SER F 57 38.12 63.25 -10.21
N THR F 58 39.20 62.62 -10.66
CA THR F 58 39.95 63.08 -11.82
C THR F 58 40.73 61.90 -12.37
N CYS F 59 40.65 61.70 -13.69
CA CYS F 59 41.15 60.47 -14.31
C CYS F 59 42.10 60.81 -15.45
N CYS F 60 43.25 60.12 -15.48
CA CYS F 60 44.24 60.30 -16.53
C CYS F 60 43.67 59.86 -17.87
N VAL F 61 43.64 60.77 -18.85
CA VAL F 61 43.01 60.53 -20.14
C VAL F 61 43.76 61.32 -21.21
N ALA F 62 43.42 61.04 -22.47
CA ALA F 62 44.05 61.71 -23.60
C ALA F 62 43.55 63.14 -23.77
N LYS F 63 44.48 64.08 -23.89
CA LYS F 63 44.11 65.42 -24.33
C LYS F 63 43.89 65.45 -25.83
N SER F 64 44.72 64.72 -26.58
CA SER F 64 44.59 64.60 -28.02
C SER F 64 45.23 63.29 -28.45
N TYR F 65 44.80 62.78 -29.59
CA TYR F 65 45.30 61.50 -30.06
C TYR F 65 45.12 61.39 -31.57
N ASN F 66 45.85 60.45 -32.16
CA ASN F 66 45.73 60.11 -33.57
C ASN F 66 45.27 58.67 -33.70
N ARG F 67 44.17 58.46 -34.42
CA ARG F 67 43.63 57.12 -34.62
C ARG F 67 44.35 56.43 -35.76
N VAL F 68 44.88 55.23 -35.49
CA VAL F 68 45.66 54.49 -36.47
C VAL F 68 45.23 53.03 -36.43
N THR F 69 45.32 52.37 -37.59
CA THR F 69 44.97 50.97 -37.74
C THR F 69 46.23 50.14 -37.93
N VAL F 70 46.33 49.05 -37.17
CA VAL F 70 47.52 48.21 -37.13
C VAL F 70 47.11 46.76 -36.90
N MET F 71 48.09 45.86 -37.02
CA MET F 71 47.89 44.43 -36.74
C MET F 71 46.72 43.85 -37.51
N GLY F 72 46.60 44.18 -38.79
CA GLY F 72 45.61 43.58 -39.66
C GLY F 72 44.23 44.21 -39.62
N GLY F 73 44.05 45.30 -38.90
CA GLY F 73 42.76 45.98 -38.88
C GLY F 73 42.32 46.48 -37.52
N PHE F 74 43.14 46.27 -36.50
CA PHE F 74 42.80 46.71 -35.15
C PHE F 74 43.10 48.19 -35.01
N LYS F 75 42.08 49.03 -35.15
CA LYS F 75 42.24 50.46 -34.99
C LYS F 75 42.51 50.81 -33.53
N VAL F 76 43.51 51.67 -33.31
CA VAL F 76 43.89 52.09 -31.97
C VAL F 76 44.16 53.59 -32.03
N GLU F 77 44.29 54.20 -30.84
CA GLU F 77 44.48 55.64 -30.70
C GLU F 77 45.82 55.90 -30.04
N ASN F 78 46.67 56.69 -30.70
CA ASN F 78 47.96 57.07 -30.14
C ASN F 78 47.80 58.33 -29.33
N HIS F 79 48.11 58.24 -28.03
CA HIS F 79 47.91 59.36 -27.10
C HIS F 79 49.04 60.37 -27.30
N THR F 80 48.84 61.26 -28.28
CA THR F 80 49.80 62.32 -28.52
C THR F 80 49.93 63.26 -27.32
N ALA F 81 48.83 63.51 -26.62
CA ALA F 81 48.85 64.31 -25.40
C ALA F 81 48.04 63.60 -24.34
N CYS F 82 48.41 63.80 -23.08
CA CYS F 82 47.82 63.07 -21.97
C CYS F 82 47.69 63.98 -20.76
N HIS F 83 46.47 64.11 -20.25
CA HIS F 83 46.22 64.87 -19.03
C HIS F 83 45.00 64.27 -18.36
N CYS F 84 44.92 64.43 -17.04
CA CYS F 84 43.89 63.79 -16.24
C CYS F 84 42.70 64.73 -16.04
N SER F 85 41.50 64.17 -16.19
CA SER F 85 40.30 64.95 -16.47
C SER F 85 39.09 64.27 -15.82
N THR F 86 37.91 64.63 -16.30
CA THR F 86 36.66 64.07 -15.78
C THR F 86 36.68 62.56 -15.84
N CYS F 87 36.16 61.93 -14.78
CA CYS F 87 36.07 60.47 -14.71
C CYS F 87 34.70 60.04 -15.23
N TYR F 88 34.66 59.50 -16.45
CA TYR F 88 33.41 59.05 -17.02
C TYR F 88 32.89 57.78 -16.34
N TYR F 89 33.76 56.79 -16.13
CA TYR F 89 33.33 55.46 -15.76
C TYR F 89 33.55 55.12 -14.29
N HIS F 90 33.88 56.12 -13.47
CA HIS F 90 34.19 55.87 -12.06
C HIS F 90 32.99 55.42 -11.22
N LYS F 91 31.77 55.53 -11.77
CA LYS F 91 30.59 55.18 -11.01
C LYS F 91 30.49 53.67 -10.84
N SER F 92 30.04 53.23 -9.67
CA SER F 92 29.89 51.81 -9.38
C SER F 92 28.63 51.26 -10.06
N ASN G 1 46.85 52.17 -1.37
CA ASN G 1 46.86 53.48 -2.10
C ASN G 1 47.09 54.63 -1.13
N SER G 2 47.40 55.80 -1.69
CA SER G 2 47.77 56.97 -0.88
C SER G 2 46.54 57.77 -0.47
N CYS G 3 45.75 57.18 0.44
CA CYS G 3 44.63 57.87 1.07
C CYS G 3 44.49 57.35 2.49
N GLU G 4 44.36 58.27 3.44
CA GLU G 4 44.30 57.91 4.85
C GLU G 4 43.41 58.90 5.59
N LEU G 5 43.09 58.56 6.83
CA LEU G 5 42.30 59.45 7.67
C LEU G 5 43.07 60.73 7.96
N THR G 6 42.39 61.87 7.86
CA THR G 6 43.01 63.18 8.09
C THR G 6 42.02 64.10 8.79
N ASN G 7 42.56 65.05 9.54
CA ASN G 7 41.74 66.08 10.17
C ASN G 7 41.10 66.97 9.11
N ILE G 8 39.87 67.41 9.38
CA ILE G 8 39.22 68.42 8.57
C ILE G 8 38.29 69.26 9.45
N THR G 9 38.19 70.55 9.14
CA THR G 9 37.37 71.47 9.93
C THR G 9 36.11 71.94 9.18
N ILE G 10 35.05 71.15 9.33
CA ILE G 10 33.77 71.44 8.69
C ILE G 10 33.02 72.47 9.51
N ALA G 11 31.97 73.05 8.92
CA ALA G 11 31.13 74.01 9.61
C ALA G 11 29.69 73.82 9.17
N ILE G 12 28.76 74.20 10.05
CA ILE G 12 27.33 74.11 9.76
C ILE G 12 26.71 75.45 10.11
N GLU G 13 25.58 75.75 9.45
CA GLU G 13 24.92 77.05 9.56
C GLU G 13 23.49 76.87 10.04
N LYS G 14 23.04 77.83 10.84
CA LYS G 14 21.65 77.87 11.30
C LYS G 14 20.89 78.87 10.44
N GLU G 15 19.85 78.39 9.76
CA GLU G 15 19.09 79.27 8.87
C GLU G 15 18.20 80.25 9.66
N GLU G 16 17.71 79.84 10.82
CA GLU G 16 16.82 80.71 11.59
C GLU G 16 17.55 81.97 12.07
N CYS G 17 18.78 81.80 12.58
CA CYS G 17 19.47 82.89 13.27
C CYS G 17 20.63 83.48 12.47
N ARG G 18 21.00 82.88 11.34
CA ARG G 18 22.02 83.46 10.46
C ARG G 18 23.37 83.55 11.16
N PHE G 19 23.87 82.40 11.62
CA PHE G 19 25.19 82.32 12.20
C PHE G 19 25.70 80.88 12.07
N CYS G 20 27.01 80.72 12.20
CA CYS G 20 27.67 79.44 11.99
C CYS G 20 28.67 79.16 13.10
N ILE G 21 29.00 77.88 13.25
CA ILE G 21 30.04 77.43 14.16
C ILE G 21 30.96 76.48 13.39
N SER G 22 32.07 76.09 14.03
CA SER G 22 33.08 75.26 13.40
C SER G 22 33.46 74.11 14.33
N ILE G 23 33.76 72.96 13.73
CA ILE G 23 34.16 71.77 14.48
C ILE G 23 35.10 70.96 13.59
N ASN G 24 36.03 70.25 14.23
CA ASN G 24 36.96 69.35 13.54
C ASN G 24 36.59 67.88 13.65
N THR G 25 37.06 67.09 12.69
CA THR G 25 36.80 65.66 12.67
C THR G 25 37.69 65.02 11.62
N THR G 26 37.54 63.70 11.46
CA THR G 26 38.41 62.93 10.59
C THR G 26 37.71 62.59 9.28
N TRP G 27 38.49 62.51 8.19
CA TRP G 27 37.98 62.17 6.88
C TRP G 27 39.13 61.68 6.01
N CYS G 28 38.82 61.39 4.75
CA CYS G 28 39.77 60.75 3.84
C CYS G 28 39.94 61.58 2.57
N ALA G 29 41.13 61.50 1.98
CA ALA G 29 41.43 62.13 0.71
C ALA G 29 42.82 61.70 0.28
N GLY G 30 43.05 61.69 -1.03
CA GLY G 30 44.34 61.30 -1.55
C GLY G 30 44.35 60.89 -3.01
N TYR G 31 45.10 59.83 -3.33
CA TYR G 31 45.30 59.39 -4.70
C TYR G 31 45.00 57.91 -4.84
N CYS G 32 44.49 57.53 -6.00
CA CYS G 32 44.38 56.13 -6.41
C CYS G 32 44.67 56.04 -7.90
N TYR G 33 45.28 54.94 -8.32
CA TYR G 33 45.83 54.83 -9.66
C TYR G 33 44.72 54.66 -10.70
N THR G 34 45.03 55.07 -11.93
CA THR G 34 44.12 54.93 -13.06
C THR G 34 44.93 54.78 -14.33
N ARG G 35 44.29 54.26 -15.38
CA ARG G 35 44.94 54.04 -16.67
C ARG G 35 43.93 54.26 -17.79
N ASP G 36 44.36 54.97 -18.83
CA ASP G 36 43.57 55.10 -20.04
C ASP G 36 43.87 53.95 -20.98
N LEU G 37 42.96 53.71 -21.92
CA LEU G 37 42.99 52.53 -22.78
C LEU G 37 43.08 52.94 -24.24
N VAL G 38 43.92 52.25 -25.00
CA VAL G 38 44.16 52.60 -26.41
C VAL G 38 43.25 51.83 -27.36
N TYR G 39 42.58 50.79 -26.86
CA TYR G 39 41.75 49.93 -27.71
C TYR G 39 40.29 49.86 -27.27
N LYS G 40 39.38 50.37 -28.10
CA LYS G 40 37.97 50.45 -27.73
C LYS G 40 37.37 49.05 -27.72
N ASP G 41 36.87 48.63 -26.56
CA ASP G 41 36.17 47.37 -26.41
C ASP G 41 35.20 47.48 -25.24
N PRO G 42 33.89 47.48 -25.47
CA PRO G 42 32.96 47.73 -24.36
C PRO G 42 33.07 46.72 -23.22
N ALA G 43 33.45 45.48 -23.52
CA ALA G 43 33.56 44.46 -22.48
C ALA G 43 34.76 44.68 -21.57
N ARG G 44 35.70 45.53 -21.98
CA ARG G 44 36.89 45.76 -21.18
C ARG G 44 36.52 46.46 -19.88
N PRO G 45 37.00 45.99 -18.71
CA PRO G 45 36.76 46.75 -17.48
C PRO G 45 37.57 48.03 -17.42
N LYS G 46 36.90 49.18 -17.32
CA LYS G 46 37.60 50.45 -17.27
C LYS G 46 38.30 50.64 -15.94
N ILE G 47 39.44 51.33 -15.94
CA ILE G 47 40.25 51.50 -14.75
C ILE G 47 40.07 52.91 -14.19
N GLN G 48 39.16 53.07 -13.22
CA GLN G 48 38.92 54.34 -12.55
C GLN G 48 38.43 54.06 -11.15
N LYS G 49 39.08 54.71 -10.17
CA LYS G 49 38.72 54.49 -8.79
C LYS G 49 39.03 55.68 -7.92
N THR G 50 38.59 55.64 -6.68
CA THR G 50 38.77 56.75 -5.75
C THR G 50 38.80 56.21 -4.32
N CYS G 51 39.23 57.05 -3.40
CA CYS G 51 39.27 56.66 -1.98
C CYS G 51 38.08 57.25 -1.24
N THR G 52 37.40 56.41 -0.47
CA THR G 52 36.08 56.73 0.05
C THR G 52 35.94 56.24 1.50
N PHE G 53 34.74 56.44 2.04
CA PHE G 53 34.42 56.06 3.40
C PHE G 53 34.17 54.55 3.50
N LYS G 54 34.15 54.07 4.74
CA LYS G 54 33.77 52.68 5.01
C LYS G 54 32.68 52.59 6.07
N GLU G 55 32.77 53.41 7.12
CA GLU G 55 31.86 53.34 8.25
C GLU G 55 31.63 54.72 8.84
N LEU G 56 30.52 54.87 9.57
CA LEU G 56 30.09 56.16 10.09
C LEU G 56 29.55 56.01 11.51
N VAL G 57 29.89 57.00 12.35
CA VAL G 57 29.27 57.17 13.67
C VAL G 57 28.78 58.60 13.75
N TYR G 58 27.99 58.92 14.77
CA TYR G 58 27.34 60.22 14.87
C TYR G 58 27.73 60.92 16.16
N GLU G 59 27.62 62.25 16.14
CA GLU G 59 27.96 63.10 17.28
C GLU G 59 26.89 64.18 17.42
N THR G 60 26.89 64.85 18.57
CA THR G 60 25.89 65.86 18.87
C THR G 60 26.49 66.98 19.71
N VAL G 61 26.02 68.22 19.44
CA VAL G 61 26.39 69.39 20.22
C VAL G 61 25.20 70.34 20.25
N ARG G 62 25.23 71.27 21.22
CA ARG G 62 24.20 72.29 21.34
C ARG G 62 24.63 73.53 20.56
N VAL G 63 23.74 74.02 19.71
CA VAL G 63 24.00 75.19 18.87
C VAL G 63 23.04 76.29 19.29
N PRO G 64 23.53 77.42 19.84
CA PRO G 64 22.61 78.47 20.31
C PRO G 64 21.66 78.98 19.23
N GLY G 65 20.68 79.79 19.63
CA GLY G 65 19.71 80.34 18.71
C GLY G 65 19.44 81.81 18.94
N CYS G 66 18.30 82.29 18.44
CA CYS G 66 17.91 83.69 18.53
C CYS G 66 16.49 83.81 19.05
N ALA G 67 16.22 84.91 19.76
CA ALA G 67 14.89 85.19 20.27
C ALA G 67 14.37 84.03 21.10
N HIS G 68 13.23 83.45 20.71
CA HIS G 68 12.63 82.35 21.45
C HIS G 68 13.19 80.99 21.04
N HIS G 69 14.07 80.94 20.04
CA HIS G 69 14.79 79.73 19.67
C HIS G 69 16.20 79.83 20.20
N ALA G 70 16.66 78.77 20.87
CA ALA G 70 17.93 78.80 21.57
C ALA G 70 18.65 77.47 21.34
N ASP G 71 19.65 77.20 22.16
CA ASP G 71 20.51 76.02 22.04
C ASP G 71 19.71 74.77 21.72
N SER G 72 20.08 74.10 20.63
CA SER G 72 19.43 72.88 20.18
C SER G 72 20.49 71.88 19.75
N LEU G 73 20.11 70.60 19.75
CA LEU G 73 21.06 69.52 19.52
C LEU G 73 21.07 69.17 18.03
N TYR G 74 22.22 69.42 17.39
CA TYR G 74 22.43 69.08 16.00
C TYR G 74 23.32 67.84 15.88
N THR G 75 23.09 67.05 14.83
CA THR G 75 23.76 65.76 14.69
C THR G 75 24.02 65.41 13.23
N TYR G 76 25.12 64.70 12.98
CA TYR G 76 25.41 64.15 11.65
C TYR G 76 26.40 63.02 11.82
N PRO G 77 26.52 62.15 10.79
CA PRO G 77 27.40 60.99 10.91
C PRO G 77 28.87 61.24 10.59
N VAL G 78 29.76 61.06 11.56
CA VAL G 78 31.19 61.20 11.35
C VAL G 78 31.78 59.88 10.83
N ALA G 79 32.84 59.97 10.02
CA ALA G 79 33.50 58.79 9.45
C ALA G 79 34.53 58.22 10.42
N THR G 80 34.89 56.95 10.18
CA THR G 80 35.83 56.24 11.04
C THR G 80 36.95 55.55 10.26
N GLN G 81 36.71 55.22 8.99
CA GLN G 81 37.66 54.44 8.21
C GLN G 81 37.56 54.84 6.75
N CYS G 82 38.60 54.48 5.99
CA CYS G 82 38.73 54.84 4.59
C CYS G 82 38.99 53.60 3.74
N HIS G 83 38.68 53.68 2.45
CA HIS G 83 38.83 52.57 1.53
C HIS G 83 38.93 53.09 0.10
N CYS G 84 39.91 52.59 -0.65
CA CYS G 84 40.06 52.96 -2.06
C CYS G 84 39.29 51.95 -2.90
N GLY G 85 38.23 52.42 -3.56
CA GLY G 85 37.42 51.57 -4.40
C GLY G 85 36.53 52.42 -5.28
N LYS G 86 35.72 51.74 -6.08
CA LYS G 86 34.80 52.43 -6.98
C LYS G 86 33.81 53.24 -6.15
N CYS G 87 33.62 54.51 -6.53
CA CYS G 87 32.76 55.38 -5.74
C CYS G 87 31.34 54.84 -5.73
N ASP G 88 30.78 54.71 -4.53
CA ASP G 88 29.45 54.12 -4.34
C ASP G 88 28.40 55.08 -4.86
N SER G 89 27.81 54.76 -6.01
CA SER G 89 26.81 55.64 -6.61
C SER G 89 25.56 55.75 -5.75
N ASP G 90 25.34 54.82 -4.82
CA ASP G 90 24.12 54.85 -4.01
C ASP G 90 24.19 55.93 -2.94
N SER G 91 25.17 55.84 -2.06
CA SER G 91 25.25 56.77 -0.92
C SER G 91 26.05 58.02 -1.23
N THR G 92 27.11 57.91 -2.02
CA THR G 92 27.99 59.04 -2.31
C THR G 92 27.49 59.81 -3.52
N ASP G 93 28.07 60.99 -3.73
CA ASP G 93 27.77 61.87 -4.86
C ASP G 93 29.06 62.12 -5.63
N CYS G 94 29.36 61.22 -6.56
CA CYS G 94 30.58 61.35 -7.36
C CYS G 94 30.45 62.53 -8.31
N THR G 95 31.43 63.43 -8.30
CA THR G 95 31.32 64.71 -8.97
C THR G 95 32.70 65.16 -9.44
N VAL G 96 32.72 66.04 -10.43
CA VAL G 96 33.98 66.61 -10.92
C VAL G 96 34.59 67.53 -9.87
N ARG G 97 33.80 68.46 -9.35
CA ARG G 97 34.20 69.27 -8.20
C ARG G 97 32.96 69.93 -7.61
N GLY G 98 32.90 69.99 -6.28
CA GLY G 98 31.77 70.53 -5.57
C GLY G 98 32.06 71.90 -4.99
N LEU G 99 31.27 72.25 -3.97
CA LEU G 99 31.40 73.54 -3.29
C LEU G 99 32.48 73.54 -2.22
N GLY G 100 33.07 72.38 -1.91
CA GLY G 100 34.09 72.29 -0.89
C GLY G 100 33.51 71.94 0.47
N PRO G 101 34.29 71.25 1.30
CA PRO G 101 33.76 70.82 2.61
C PRO G 101 33.58 71.96 3.60
N SER G 102 34.24 73.10 3.39
CA SER G 102 34.25 74.19 4.35
C SER G 102 33.50 75.39 3.78
N TYR G 103 32.50 75.88 4.52
CA TYR G 103 31.77 77.07 4.13
C TYR G 103 30.77 77.44 5.23
N CYS G 104 30.43 78.71 5.28
CA CYS G 104 29.34 79.22 6.09
C CYS G 104 28.57 80.25 5.28
N SER G 105 27.26 80.01 5.12
CA SER G 105 26.45 80.87 4.25
C SER G 105 26.42 82.29 4.76
N PHE G 106 26.45 82.50 6.08
CA PHE G 106 26.34 83.82 6.67
C PHE G 106 27.69 84.45 6.98
N GLY G 107 28.79 83.80 6.59
CA GLY G 107 30.12 84.37 6.78
C GLY G 107 31.18 83.58 6.05
N GLU G 108 32.02 84.28 5.28
CA GLU G 108 33.08 83.61 4.54
C GLU G 108 34.20 83.18 5.49
N MET G 109 34.76 82.00 5.22
CA MET G 109 35.87 81.50 6.02
C MET G 109 37.13 82.29 5.69
C1 NAG H . 22.54 60.93 5.61
C2 NAG H . 22.51 60.00 6.82
C3 NAG H . 21.07 59.81 7.31
C4 NAG H . 20.41 61.17 7.55
C5 NAG H . 20.56 62.05 6.32
C6 NAG H . 20.05 63.47 6.55
C7 NAG H . 22.65 57.89 5.56
C8 NAG H . 23.40 56.60 5.38
N2 NAG H . 23.12 58.71 6.51
O3 NAG H . 21.08 59.05 8.51
O4 NAG H . 19.02 60.99 7.81
O5 NAG H . 21.94 62.17 5.95
O6 NAG H . 20.42 64.33 5.48
O7 NAG H . 21.66 58.16 4.88
H1 NAG H . 22.03 60.52 4.89
H2 NAG H . 23.02 60.42 7.54
H3 NAG H . 20.56 59.34 6.63
H4 NAG H . 20.85 61.61 8.30
H5 NAG H . 20.06 61.66 5.57
H61 NAG H . 20.43 63.81 7.38
H62 NAG H . 19.07 63.45 6.62
H81 NAG H . 23.39 56.09 6.22
H82 NAG H . 24.32 56.80 5.13
H83 NAG H . 22.97 56.07 4.68
HN2 NAG H . 23.84 58.45 6.98
HO3 NAG H . 21.13 58.19 8.31
HO6 NAG H . 20.06 64.03 4.72
C1 NAG H . 18.77 60.68 9.20
C2 NAG H . 17.70 61.65 9.71
C3 NAG H . 17.33 61.32 11.15
C4 NAG H . 16.93 59.86 11.28
C5 NAG H . 18.05 58.97 10.71
C6 NAG H . 17.68 57.50 10.70
C7 NAG H . 17.32 64.08 9.53
C8 NAG H . 17.97 65.42 9.42
N2 NAG H . 18.16 63.03 9.60
O3 NAG H . 16.25 62.15 11.56
O4 NAG H . 16.72 59.52 12.64
O5 NAG H . 18.31 59.34 9.35
O6 NAG H . 18.76 56.71 10.23
O7 NAG H . 16.11 63.93 9.54
H1 NAG H . 19.57 60.80 9.73
H2 NAG H . 16.90 61.54 9.16
H3 NAG H . 18.10 61.50 11.73
H4 NAG H . 16.12 59.70 10.78
H5 NAG H . 18.85 59.10 11.24
H61 NAG H . 16.91 57.37 10.13
H62 NAG H . 17.46 57.23 11.61
H81 NAG H . 18.61 65.42 8.69
H82 NAG H . 18.44 65.63 10.26
H83 NAG H . 17.29 66.09 9.26
HN2 NAG H . 19.06 63.19 9.58
HO3 NAG H . 15.74 62.36 10.85
HO4 NAG H . 15.92 59.81 12.89
HO6 NAG H . 19.42 57.23 9.95
C1 CLR I . -1.35 23.95 -2.23
C2 CLR I . -0.62 25.28 -2.27
C3 CLR I . -0.86 26.07 -1.00
C4 CLR I . -0.40 25.24 0.20
C5 CLR I . -1.07 23.89 0.24
C6 CLR I . -1.61 23.44 1.38
C7 CLR I . -2.22 22.10 1.56
C8 CLR I . -1.96 21.15 0.40
C9 CLR I . -2.05 21.91 -0.94
C10 CLR I . -1.01 23.05 -1.02
C11 CLR I . -2.04 20.96 -2.14
C12 CLR I . -2.99 19.75 -2.02
C13 CLR I . -2.79 18.98 -0.71
C14 CLR I . -2.97 20.02 0.41
C15 CLR I . -3.11 19.20 1.69
C16 CLR I . -3.86 17.94 1.23
C17 CLR I . -3.91 17.96 -0.33
C18 CLR I . -1.42 18.31 -0.67
C19 CLR I . 0.43 22.53 -1.16
C20 CLR I . -3.87 16.54 -0.91
C21 CLR I . -3.73 16.54 -2.43
C22 CLR I . -5.13 15.77 -0.48
C23 CLR I . -5.24 14.34 -0.99
C24 CLR I . -5.76 13.39 0.07
C25 CLR I . -4.74 13.01 1.16
C26 CLR I . -5.40 13.07 2.54
C27 CLR I . -4.11 11.64 0.92
O1 CLR I . -0.19 27.30 -1.08
H11 CLR I . -1.15 23.46 -3.04
H12 CLR I . -2.30 24.12 -2.25
H21 CLR I . -0.92 25.79 -3.04
H22 CLR I . 0.34 25.14 -2.37
H3 CLR I . -1.82 26.22 -0.91
H41 CLR I . -0.59 25.71 1.03
H42 CLR I . 0.56 25.14 0.15
H6 CLR I . -1.54 23.97 2.14
H71 CLR I . -1.88 21.70 2.39
H72 CLR I . -3.17 22.19 1.71
H8 CLR I . -1.06 20.78 0.50
H9 CLR I . -2.92 22.33 -0.93
H111 CLR I . -1.15 20.62 -2.29
H112 CLR I . -2.27 21.45 -2.94
H121 CLR I . -2.83 19.15 -2.76
H122 CLR I . -3.90 20.08 -2.12
H14 CLR I . -3.82 20.44 0.24
H151 CLR I . -2.26 19.00 2.10
H152 CLR I . -3.62 19.69 2.35
H161 CLR I . -3.43 17.14 1.56
H162 CLR I . -4.77 17.92 1.58
H17 CLR I . -4.74 18.37 -0.60
H181 CLR I . -0.70 18.92 -0.92
H182 CLR I . -1.35 17.55 -1.26
H183 CLR I . -1.22 17.99 0.22
H191 CLR I . 1.02 22.91 -0.50
H192 CLR I . 0.80 22.74 -2.03
H193 CLR I . 0.47 21.56 -1.05
H20 CLR I . -3.11 16.09 -0.54
H211 CLR I . -4.22 17.28 -2.82
H212 CLR I . -4.07 15.73 -2.83
H213 CLR I . -2.81 16.63 -2.70
H221 CLR I . -5.91 16.27 -0.75
H222 CLR I . -5.16 15.73 0.49
H231 CLR I . -4.37 14.04 -1.30
H232 CLR I . -5.82 14.31 -1.77
H241 CLR I . -6.07 12.56 -0.35
H242 CLR I . -6.53 13.78 0.50
H25 CLR I . -4.04 13.68 1.14
H261 CLR I . -4.77 12.83 3.24
H262 CLR I . -6.14 12.44 2.60
H263 CLR I . -5.74 13.95 2.73
H271 CLR I . -4.77 10.95 1.03
H272 CLR I . -3.38 11.46 1.53
H273 CLR I . -3.76 11.57 0.02
H1 CLR I . -0.53 27.82 -0.50
C1 CLR J . 28.43 10.96 14.47
C2 CLR J . 29.57 11.97 14.44
C3 CLR J . 30.65 11.50 13.49
C4 CLR J . 30.06 11.38 12.09
C5 CLR J . 28.88 10.43 12.06
C6 CLR J . 28.74 9.58 11.05
C7 CLR J . 27.56 8.68 10.84
C8 CLR J . 26.43 8.89 11.84
C9 CLR J . 26.97 9.33 13.20
C10 CLR J . 27.79 10.64 13.09
C11 CLR J . 25.87 9.34 14.27
C12 CLR J . 25.04 8.05 14.34
C13 CLR J . 24.44 7.70 12.97
C14 CLR J . 25.67 7.59 12.04
C15 CLR J . 25.17 6.84 10.81
C16 CLR J . 24.13 5.86 11.37
C17 CLR J . 23.81 6.28 12.82
C18 CLR J . 23.45 8.77 12.53
C19 CLR J . 26.93 11.84 12.64
C20 CLR J . 22.30 6.11 13.12
C21 CLR J . 21.90 6.67 14.48
C22 CLR J . 21.90 4.63 13.04
C23 CLR J . 20.52 4.38 12.44
C24 CLR J . 20.59 4.00 10.96
C25 CLR J . 20.96 2.55 10.68
C26 CLR J . 19.73 1.80 10.15
C27 CLR J . 22.13 2.42 9.71
O1 CLR J . 31.72 12.43 13.53
H11 CLR J . 27.73 11.29 15.06
H12 CLR J . 28.75 10.13 14.87
H21 CLR J . 29.92 12.08 15.33
H22 CLR J . 29.24 12.84 14.16
H3 CLR J . 30.96 10.63 13.78
H41 CLR J . 30.74 11.06 11.47
H42 CLR J . 29.79 12.26 11.78
H6 CLR J . 29.33 9.64 10.34
H71 CLR J . 27.22 8.83 9.94
H72 CLR J . 27.85 7.77 10.84
H8 CLR J . 25.84 9.56 11.49
H9 CLR J . 27.61 8.65 13.47
H111 CLR J . 25.27 10.09 14.12
H112 CLR J . 26.26 9.50 15.15
H121 CLR J . 24.32 8.16 14.97
H122 CLR J . 25.60 7.34 14.68
H14 CLR J . 26.27 6.99 12.49
H151 CLR J . 24.80 7.44 10.14
H152 CLR J . 25.91 6.37 10.39
H161 CLR J . 23.34 5.85 10.82
H162 CLR J . 24.48 4.95 11.36
H17 CLR J . 24.28 5.70 13.43
H181 CLR J . 23.87 9.60 12.27
H182 CLR J . 22.81 8.99 13.23
H183 CLR J . 22.94 8.47 11.77
H191 CLR J . 27.17 12.13 11.75
H192 CLR J . 27.03 12.60 13.23
H193 CLR J . 25.99 11.60 12.60
H20 CLR J . 21.81 6.59 12.44
H211 CLR J . 22.64 6.63 15.11
H212 CLR J . 21.15 6.18 14.87
H213 CLR J . 21.61 7.59 14.42
H221 CLR J . 21.93 4.25 13.93
H222 CLR J . 22.54 4.13 12.51
H231 CLR J . 19.97 5.17 12.55
H232 CLR J . 20.06 3.68 12.92
H241 CLR J . 21.24 4.59 10.52
H242 CLR J . 19.74 4.20 10.54
H25 CLR J . 21.22 2.14 11.53
H261 CLR J . 18.98 1.86 10.76
H262 CLR J . 19.92 0.86 10.02
H263 CLR J . 19.45 2.17 9.30
H271 CLR J . 22.92 2.84 10.08
H272 CLR J . 21.94 2.83 8.85
H273 CLR J . 22.34 1.49 9.55
H1 CLR J . 32.40 12.06 13.20
C1 CLR K . 34.63 8.53 9.83
C2 CLR K . 35.25 9.82 9.29
C3 CLR K . 35.41 9.75 7.79
C4 CLR K . 34.07 9.47 7.13
C5 CLR K . 33.39 8.26 7.69
C6 CLR K . 32.88 7.33 6.87
C7 CLR K . 32.07 6.16 7.32
C8 CLR K . 31.66 6.25 8.78
C9 CLR K . 32.85 6.74 9.62
C10 CLR K . 33.26 8.18 9.20
C11 CLR K . 32.65 6.55 11.12
C12 CLR K . 32.05 5.20 11.53
C13 CLR K . 30.75 4.90 10.77
C14 CLR K . 31.17 4.90 9.29
C15 CLR K . 30.03 4.24 8.55
C16 CLR K . 29.49 3.20 9.55
C17 CLR K . 30.16 3.47 10.93
C18 CLR K . 29.69 5.95 11.09
C19 CLR K . 32.21 9.23 9.63
C20 CLR K . 29.19 3.19 12.09
C21 CLR K . 29.83 3.40 13.46
C22 CLR K . 28.63 1.75 11.97
C23 CLR K . 27.28 1.61 11.30
C24 CLR K . 26.26 0.87 12.16
C25 CLR K . 25.35 1.75 13.01
C26 CLR K . 24.26 0.91 13.67
C27 CLR K . 26.12 2.53 14.08
O1 CLR K . 35.98 10.97 7.34
H11 CLR K . 34.51 8.61 10.78
H12 CLR K . 35.25 7.79 9.68
H21 CLR K . 36.11 9.95 9.72
H22 CLR K . 34.71 10.58 9.53
H3 CLR K . 36.01 9.01 7.58
H41 CLR K . 34.18 9.38 6.17
H42 CLR K . 33.50 10.27 7.27
H6 CLR K . 32.90 7.49 5.96
H71 CLR K . 31.29 6.08 6.76
H72 CLR K . 32.58 5.35 7.17
H8 CLR K . 30.94 6.91 8.84
H9 CLR K . 33.60 6.17 9.36
H111 CLR K . 32.08 7.25 11.48
H112 CLR K . 33.50 6.65 11.58
H121 CLR K . 31.85 5.20 12.49
H122 CLR K . 32.72 4.52 11.39
H14 CLR K . 31.93 4.31 9.23
H151 CLR K . 29.34 4.87 8.27
H152 CLR K . 30.34 3.81 7.74
H161 CLR K . 28.52 3.25 9.61
H162 CLR K . 29.70 2.29 9.26
H17 CLR K . 30.91 2.87 11.02
H181 CLR K . 29.94 6.84 10.84
H182 CLR K . 29.48 5.97 12.04
H183 CLR K . 28.86 5.74 10.63
H191 CLR K . 31.90 9.75 8.88
H192 CLR K . 32.59 9.85 10.28
H193 CLR K . 31.43 8.82 10.03
H20 CLR K . 28.44 3.80 12.01
H211 CLR K . 29.22 3.15 14.17
H212 CLR K . 30.08 4.33 13.61
H213 CLR K . 30.64 2.88 13.56
H221 CLR K . 28.59 1.37 12.87
H222 CLR K . 29.27 1.21 11.49
H231 CLR K . 27.39 1.15 10.46
H232 CLR K . 26.92 2.49 11.07
H241 CLR K . 26.72 0.24 12.73
H242 CLR K . 25.69 0.33 11.57
H25 CLR K . 24.92 2.39 12.43
H261 CLR K . 23.64 1.47 14.18
H262 CLR K . 24.62 0.24 14.26
H263 CLR K . 23.74 0.45 12.99
H271 CLR K . 26.63 1.92 14.64
H272 CLR K . 25.55 3.04 14.66
H273 CLR K . 26.75 3.14 13.67
H1 CLR K . 36.74 10.80 7.02
C1 CLR L . -4.27 -15.45 -8.62
C2 CLR L . -4.66 -16.82 -8.09
C3 CLR L . -3.72 -17.87 -8.63
C4 CLR L . -2.28 -17.54 -8.23
C5 CLR L . -1.88 -16.15 -8.67
C6 CLR L . -0.69 -15.95 -9.23
C7 CLR L . -0.17 -14.62 -9.67
C8 CLR L . -0.98 -13.44 -9.13
C9 CLR L . -2.48 -13.77 -9.17
C10 CLR L . -2.83 -15.01 -8.31
C11 CLR L . -3.34 -12.53 -8.85
C12 CLR L . -2.97 -11.28 -9.65
C13 CLR L . -1.48 -10.94 -9.52
C14 CLR L . -0.71 -12.20 -9.95
C15 CLR L . 0.73 -11.74 -10.12
C16 CLR L . 0.59 -10.28 -10.63
C17 CLR L . -0.91 -9.91 -10.53
C18 CLR L . -1.13 -10.53 -8.07
C19 CLR L . -2.68 -14.75 -6.80
C20 CLR L . -1.10 -8.40 -10.27
C21 CLR L . -2.53 -8.03 -9.87
C22 CLR L . -0.71 -7.60 -11.52
C23 CLR L . -0.16 -6.20 -11.24
C24 CLR L . 1.36 -6.23 -11.05
C25 CLR L . 2.17 -6.40 -12.34
C26 CLR L . 2.65 -5.05 -12.84
C27 CLR L . 3.33 -7.36 -12.16
O1 CLR L . -4.11 -19.14 -8.12
H11 CLR L . -4.88 -14.79 -8.25
H12 CLR L . -4.41 -15.43 -9.59
H21 CLR L . -5.57 -17.03 -8.36
H22 CLR L . -4.64 -16.82 -7.12
H3 CLR L . -3.76 -17.87 -9.60
H41 CLR L . -1.67 -18.19 -8.59
H42 CLR L . -2.22 -17.60 -7.25
H6 CLR L . -0.09 -16.64 -9.22
H71 CLR L . 0.75 -14.53 -9.38
H72 CLR L . -0.14 -14.59 -10.63
H8 CLR L . -0.71 -13.28 -8.21
H9 CLR L . -2.67 -14.01 -10.08
H111 CLR L . -3.28 -12.33 -7.90
H112 CLR L . -4.27 -12.73 -9.02
H121 CLR L . -3.48 -10.53 -9.33
H122 CLR L . -3.23 -11.42 -10.57
H14 CLR L . -1.04 -12.40 -10.85
H151 CLR L . 1.24 -11.79 -9.30
H152 CLR L . 1.20 -12.29 -10.77
H161 CLR L . 1.14 -9.68 -10.11
H162 CLR L . 0.88 -10.21 -11.55
H17 CLR L . -1.33 -10.10 -11.37
H181 CLR L . -1.31 -11.23 -7.43
H182 CLR L . -1.64 -9.76 -7.78
H183 CLR L . -0.20 -10.30 -8.00
H191 CLR L . -2.11 -15.40 -6.37
H192 CLR L . -3.54 -14.78 -6.36
H193 CLR L . -2.29 -13.88 -6.63
H20 CLR L . -0.51 -8.14 -9.56
H211 CLR L . -2.69 -7.08 -10.00
H212 CLR L . -2.70 -8.23 -8.93
H213 CLR L . -3.19 -8.52 -10.38
H221 CLR L . -1.48 -7.52 -12.10
H222 CLR L . -0.04 -8.08 -12.02
H231 CLR L . -0.57 -5.85 -10.44
H232 CLR L . -0.38 -5.60 -11.96
H241 CLR L . 1.59 -6.93 -10.43
H242 CLR L . 1.63 -5.40 -10.63
H25 CLR L . 1.57 -6.76 -13.01
H261 CLR L . 3.07 -5.12 -13.72
H262 CLR L . 3.32 -4.67 -12.24
H263 CLR L . 1.92 -4.42 -12.91
H271 CLR L . 3.93 -7.06 -11.46
H272 CLR L . 3.87 -7.45 -12.98
H273 CLR L . 3.03 -8.25 -11.92
H1 CLR L . -3.43 -19.63 -8.06
C1 CLR M . 8.17 -11.64 -4.53
C2 CLR M . 7.63 -12.89 -3.86
C3 CLR M . 8.54 -13.33 -2.74
C4 CLR M . 8.70 -12.20 -1.73
C5 CLR M . 9.21 -10.94 -2.39
C6 CLR M . 10.14 -10.20 -1.79
C7 CLR M . 10.62 -8.87 -2.27
C8 CLR M . 9.75 -8.27 -3.37
C9 CLR M . 9.26 -9.37 -4.33
C10 CLR M . 8.43 -10.44 -3.58
C11 CLR M . 8.60 -8.79 -5.59
C12 CLR M . 9.39 -7.67 -6.27
C13 CLR M . 9.75 -6.54 -5.29
C14 CLR M . 10.53 -7.22 -4.15
C15 CLR M . 11.17 -6.08 -3.37
C16 CLR M . 11.43 -5.00 -4.44
C17 CLR M . 10.81 -5.52 -5.76
C18 CLR M . 8.48 -5.83 -4.81
C19 CLR M . 7.09 -9.89 -3.06
C20 CLR M . 10.39 -4.36 -6.68
C21 CLR M . 9.84 -4.83 -8.03
C22 CLR M . 11.58 -3.41 -6.91
C23 CLR M . 11.59 -2.15 -6.06
C24 CLR M . 12.42 -1.03 -6.67
C25 CLR M . 13.92 -1.30 -6.87
C26 CLR M . 14.52 -2.02 -5.67
C27 CLR M . 14.21 -2.10 -8.15
O1 CLR M . 7.99 -14.49 -2.13
H11 CLR M . 7.54 -11.35 -5.22
H12 CLR M . 8.99 -11.86 -5.00
H21 CLR M . 7.55 -13.60 -4.52
H22 CLR M . 6.74 -12.74 -3.52
H3 CLR M . 9.41 -13.53 -3.10
H41 CLR M . 9.32 -12.46 -1.01
H42 CLR M . 7.84 -12.04 -1.31
H6 CLR M . 10.45 -10.47 -0.96
H71 CLR M . 10.68 -8.26 -1.52
H72 CLR M . 11.54 -8.96 -2.59
H8 CLR M . 8.98 -7.85 -2.95
H9 CLR M . 10.08 -9.82 -4.62
H111 CLR M . 7.72 -8.46 -5.37
H112 CLR M . 8.46 -9.50 -6.23
H121 CLR M . 8.88 -7.30 -6.99
H122 CLR M . 10.18 -8.06 -6.67
H14 CLR M . 11.25 -7.70 -4.57
H151 CLR M . 10.60 -5.76 -2.65
H152 CLR M . 12.00 -6.37 -2.95
H161 CLR M . 11.04 -4.15 -4.17
H162 CLR M . 12.37 -4.84 -4.55
H17 CLR M . 11.48 -6.02 -6.24
H181 CLR M . 7.88 -6.42 -4.33
H182 CLR M . 7.99 -5.43 -5.54
H183 CLR M . 8.70 -5.11 -4.20
H191 CLR M . 7.12 -9.74 -2.11
H192 CLR M . 6.36 -10.52 -3.23
H193 CLR M . 6.86 -9.04 -3.47
H20 CLR M . 9.70 -3.86 -6.23
H211 CLR M . 9.69 -4.07 -8.63
H212 CLR M . 8.99 -5.29 -7.93
H213 CLR M . 10.44 -5.45 -8.46
H221 CLR M . 11.62 -3.17 -7.85
H222 CLR M . 12.41 -3.89 -6.72
H231 CLR M . 11.92 -2.35 -5.17
H232 CLR M . 10.67 -1.83 -5.93
H241 CLR M . 12.34 -0.23 -6.13
H242 CLR M . 12.05 -0.80 -7.53
H25 CLR M . 14.37 -0.45 -6.96
H261 CLR M . 14.31 -1.55 -4.84
H262 CLR M . 15.49 -2.08 -5.73
H263 CLR M . 14.18 -2.93 -5.59
H271 CLR M . 14.05 -3.04 -8.02
H272 CLR M . 13.66 -1.81 -8.90
H273 CLR M . 15.13 -1.99 -8.43
H1 CLR M . 7.35 -14.24 -1.63
C1 PLM N . 29.12 8.19 -10.50
O1 PLM N . 28.65 8.96 -11.39
O2 PLM N . 29.96 8.45 -9.60
C2 PLM N . 28.58 6.72 -10.56
C3 PLM N . 28.63 6.05 -11.93
C4 PLM N . 27.40 6.32 -12.82
C5 PLM N . 26.54 5.08 -13.08
C6 PLM N . 25.91 4.45 -11.82
C7 PLM N . 24.88 5.35 -11.12
C8 PLM N . 23.96 4.61 -10.15
C9 PLM N . 22.74 3.98 -10.82
CA PLM N . 22.35 2.59 -10.27
CB PLM N . 21.44 1.81 -11.22
CC PLM N . 21.08 0.40 -10.73
CD PLM N . 20.53 -0.50 -11.86
CE PLM N . 19.78 -1.74 -11.35
CF PLM N . 19.36 -2.70 -12.48
CG PLM N . 18.19 -3.61 -12.10
H21 PLM N . 27.55 6.73 -10.17
H22 PLM N . 29.17 6.13 -9.83
H31 PLM N . 28.75 4.97 -11.79
H32 PLM N . 29.54 6.38 -12.46
H41 PLM N . 27.72 6.74 -13.78
H42 PLM N . 26.77 7.09 -12.34
H51 PLM N . 27.16 4.31 -13.58
H52 PLM N . 25.74 5.33 -13.79
H61 PLM N . 26.70 4.19 -11.11
H62 PLM N . 25.42 3.50 -12.09
H71 PLM N . 24.26 5.86 -11.89
H72 PLM N . 25.41 6.16 -10.59
H81 PLM N . 23.63 5.31 -9.37
H82 PLM N . 24.54 3.83 -9.63
H91 PLM N . 22.93 3.90 -11.91
H92 PLM N . 21.88 4.66 -10.72
HA1 PLM N . 21.85 2.72 -9.30
HA2 PLM N . 23.27 2.01 -10.08
HB1 PLM N . 21.93 1.73 -12.21
HB2 PLM N . 20.51 2.38 -11.39
HC1 PLM N . 20.34 0.47 -9.93
HC2 PLM N . 21.97 -0.07 -10.29
HD1 PLM N . 21.37 -0.82 -12.50
HD2 PLM N . 19.87 0.10 -12.50
HE1 PLM N . 18.88 -1.42 -10.80
HE2 PLM N . 20.40 -2.28 -10.64
HF1 PLM N . 20.23 -3.31 -12.77
HF2 PLM N . 19.10 -2.11 -13.38
HG1 PLM N . 17.96 -4.32 -12.91
HG2 PLM N . 17.28 -3.03 -11.92
HG3 PLM N . 18.41 -4.19 -11.20
C1 PLM O . 6.54 17.35 -22.97
O1 PLM O . 5.36 16.89 -23.06
O2 PLM O . 6.92 18.55 -22.91
C2 PLM O . 7.66 16.25 -22.94
C3 PLM O . 7.65 15.25 -24.09
C4 PLM O . 6.83 13.98 -23.81
C5 PLM O . 6.81 12.99 -24.99
C6 PLM O . 6.54 11.53 -24.58
C7 PLM O . 5.12 11.27 -24.09
C8 PLM O . 4.89 9.85 -23.56
C9 PLM O . 4.70 9.78 -22.04
CA PLM O . 4.78 8.36 -21.47
CB PLM O . 3.41 7.73 -21.16
CC PLM O . 3.50 6.31 -20.60
CD PLM O . 2.16 5.59 -20.51
CE PLM O . 2.19 4.31 -19.65
CF PLM O . 0.82 3.68 -19.43
CG PLM O . 0.88 2.32 -18.71
H21 PLM O . 7.58 15.73 -21.97
H22 PLM O . 8.63 16.77 -22.91
H31 PLM O . 8.68 14.98 -24.34
H32 PLM O . 7.25 15.74 -24.99
H41 PLM O . 5.80 14.25 -23.55
H42 PLM O . 7.24 13.46 -22.92
H51 PLM O . 7.77 13.04 -25.52
H52 PLM O . 6.05 13.31 -25.71
H61 PLM O . 7.26 11.23 -23.80
H62 PLM O . 6.75 10.87 -25.45
H71 PLM O . 4.41 11.47 -24.91
H72 PLM O . 4.88 11.99 -23.29
H81 PLM O . 5.74 9.22 -23.85
H82 PLM O . 4.01 9.42 -24.05
H91 PLM O . 3.74 10.22 -21.77
H92 PLM O . 5.47 10.40 -21.54
HA1 PLM O . 5.40 8.36 -20.56
HA2 PLM O . 5.30 7.72 -22.19
HB1 PLM O . 2.80 7.73 -22.07
HB2 PLM O . 2.88 8.37 -20.43
HC1 PLM O . 3.96 6.35 -19.59
HC2 PLM O . 4.19 5.72 -21.22
HD1 PLM O . 1.82 5.33 -21.53
HD2 PLM O . 1.40 6.27 -20.11
HE1 PLM O . 2.64 4.55 -18.67
HE2 PLM O . 2.86 3.58 -20.12
HF1 PLM O . 0.31 3.55 -20.40
HF2 PLM O . 0.19 4.37 -18.85
HG1 PLM O . -0.12 1.92 -18.53
HG2 PLM O . 1.38 2.41 -17.74
HG3 PLM O . 1.43 1.58 -19.31
C1 PLM P . 3.92 16.25 -19.84
O1 PLM P . 4.62 17.07 -19.17
O2 PLM P . 3.56 16.34 -21.04
C2 PLM P . 3.50 14.97 -19.06
C3 PLM P . 4.44 13.77 -19.16
C4 PLM P . 3.77 12.46 -19.55
C5 PLM P . 2.82 11.90 -18.47
C6 PLM P . 1.76 10.93 -19.00
C7 PLM P . 1.34 9.84 -18.01
C8 PLM P . 0.27 8.89 -18.55
C9 PLM P . 0.27 7.49 -17.90
CA PLM P . -0.46 7.42 -16.56
CB PLM P . -0.51 6.01 -15.97
CC PLM P . -1.56 5.82 -14.86
CD PLM P . -1.99 4.37 -14.66
CE PLM P . -2.92 4.14 -13.46
CF PLM P . -4.41 4.07 -13.83
CG PLM P . -4.95 5.40 -14.40
H21 PLM P . 2.49 14.69 -19.41
H22 PLM P . 3.36 15.26 -18.01
H31 PLM P . 4.96 13.65 -18.19
H32 PLM P . 5.24 14.01 -19.88
H41 PLM P . 4.54 11.70 -19.78
H42 PLM P . 3.19 12.60 -20.48
H51 PLM P . 2.33 12.73 -17.95
H52 PLM P . 3.41 11.38 -17.69
H61 PLM P . 2.13 10.46 -19.93
H62 PLM P . 0.86 11.51 -19.30
H71 PLM P . 0.97 10.31 -17.09
H72 PLM P . 2.22 9.26 -17.72
H81 PLM P . 0.39 8.79 -19.63
H82 PLM P . -0.73 9.35 -18.40
H91 PLM P . 1.32 7.17 -17.76
H92 PLM P . -0.19 6.77 -18.59
HA1 PLM P . -1.48 7.81 -16.67
HA2 PLM P . 0.04 8.09 -15.83
HB1 PLM P . 0.48 5.74 -15.58
HB2 PLM P . -0.73 5.30 -16.79
HC1 PLM P . -2.44 6.44 -15.08
HC2 PLM P . -1.14 6.20 -13.91
HD1 PLM P . -1.10 3.73 -14.55
HD2 PLM P . -2.50 4.01 -15.58
HE1 PLM P . -2.77 4.94 -12.73
HE2 PLM P . -2.63 3.20 -12.96
HF1 PLM P . -4.99 3.80 -12.94
HF2 PLM P . -4.57 3.27 -14.56
HG1 PLM P . -6.05 5.36 -14.52
HG2 PLM P . -4.53 5.61 -15.39
HG3 PLM P . -4.71 6.25 -13.75
C1 MYR Q . 3.89 29.00 13.63
O1 MYR Q . 3.22 29.80 14.33
O2 MYR Q . 4.26 29.37 12.49
C2 MYR Q . 4.25 27.64 14.15
C3 MYR Q . 3.62 26.57 13.26
C4 MYR Q . 2.32 26.06 13.86
C5 MYR Q . 1.51 25.30 12.82
C6 MYR Q . 0.77 24.11 13.42
C7 MYR Q . -0.28 23.59 12.46
C8 MYR Q . -0.79 22.22 12.88
C9 MYR Q . -1.99 21.81 12.02
C10 MYR Q . -2.38 20.35 12.24
C11 MYR Q . -3.50 20.24 13.27
C12 MYR Q . -3.99 18.80 13.42
C13 MYR Q . -4.73 18.30 12.18
C14 MYR Q . -3.82 17.53 11.23
H21 MYR Q . 3.89 27.53 15.17
H22 MYR Q . 5.33 27.52 14.16
H31 MYR Q . 4.32 25.74 13.15
H32 MYR Q . 3.43 26.99 12.27
H41 MYR Q . 1.74 26.89 14.24
H42 MYR Q . 2.54 25.39 14.70
H51 MYR Q . 2.17 24.95 12.03
H52 MYR Q . 0.78 25.98 12.36
H61 MYR Q . 0.29 24.41 14.35
H62 MYR Q . 1.49 23.33 13.65
H71 MYR Q . 0.14 23.53 11.46
H72 MYR Q . -1.12 24.28 12.42
H81 MYR Q . -1.09 22.23 13.93
H82 MYR Q . 0.01 21.47 12.76
H91 MYR Q . -1.75 21.97 10.97
H92 MYR Q . -2.83 22.46 12.26
H101 MYR Q . -1.52 19.79 12.57
H102 MYR Q . -2.72 19.93 11.29
H111 MYR Q . -4.33 20.87 12.97
H112 MYR Q . -3.14 20.59 14.23
H121 MYR Q . -4.67 18.75 14.28
H122 MYR Q . -3.15 18.15 13.63
H131 MYR Q . -5.15 19.16 11.65
H132 MYR Q . -5.55 17.66 12.49
H141 MYR Q . -2.79 17.56 11.59
H142 MYR Q . -3.87 17.98 10.24
H143 MYR Q . -4.15 16.50 11.17
C1 MYR R . 13.05 -10.79 26.12
O1 MYR R . 13.40 -12.00 26.18
O2 MYR R . 12.59 -10.25 27.15
C2 MYR R . 13.19 -10.02 24.83
C3 MYR R . 11.83 -9.50 24.41
C4 MYR R . 11.90 -8.81 23.05
C5 MYR R . 12.59 -7.47 23.13
C6 MYR R . 13.85 -7.44 22.26
C7 MYR R . 14.66 -6.18 22.51
C8 MYR R . 15.85 -6.10 21.57
C9 MYR R . 15.46 -5.42 20.26
C10 MYR R . 16.46 -5.79 19.15
C11 MYR R . 16.31 -4.87 17.94
C12 MYR R . 17.00 -5.49 16.73
C13 MYR R . 17.32 -4.45 15.67
C14 MYR R . 18.57 -3.66 16.02
H21 MYR R . 13.60 -10.65 24.06
H22 MYR R . 13.87 -9.18 24.98
H31 MYR R . 11.47 -8.78 25.15
H32 MYR R . 11.12 -10.32 24.37
H41 MYR R . 10.88 -8.68 22.66
H42 MYR R . 12.42 -9.46 22.34
H51 MYR R . 12.88 -7.28 24.17
H52 MYR R . 11.91 -6.68 22.82
H61 MYR R . 13.56 -7.49 21.21
H62 MYR R . 14.46 -8.31 22.48
H71 MYR R . 15.01 -6.17 23.55
H72 MYR R . 14.02 -5.30 22.38
H81 MYR R . 16.21 -7.10 21.36
H82 MYR R . 16.65 -5.53 22.04
H91 MYR R . 15.45 -4.33 20.39
H92 MYR R . 14.46 -5.73 19.96
H101 MYR R . 16.29 -6.81 18.85
H102 MYR R . 17.47 -5.72 19.54
H111 MYR R . 16.75 -3.90 18.16
H112 MYR R . 15.25 -4.71 17.72
H121 MYR R . 16.35 -6.25 16.31
H122 MYR R . 17.92 -5.97 17.05
H131 MYR R . 16.48 -3.77 15.55
H132 MYR R . 17.47 -4.95 14.71
H141 MYR R . 18.73 -3.70 17.10
H142 MYR R . 18.46 -2.63 15.70
H143 MYR R . 19.43 -4.10 15.51
C1 CLR S . 6.17 -6.86 29.17
C2 CLR S . 6.34 -7.41 30.59
C3 CLR S . 6.82 -8.85 30.54
C4 CLR S . 8.13 -8.93 29.77
C5 CLR S . 8.02 -8.32 28.40
C6 CLR S . 8.49 -8.98 27.33
C7 CLR S . 8.46 -8.47 25.93
C8 CLR S . 8.18 -6.97 25.86
C9 CLR S . 7.05 -6.60 26.84
C10 CLR S . 7.45 -6.92 28.30
C11 CLR S . 6.55 -5.17 26.61
C12 CLR S . 6.23 -4.83 25.15
C13 CLR S . 7.42 -5.12 24.22
C14 CLR S . 7.78 -6.59 24.44
C15 CLR S . 8.74 -6.93 23.31
C16 CLR S . 8.19 -6.10 22.12
C17 CLR S . 7.11 -5.15 22.70
C18 CLR S . 8.59 -4.18 24.55
C19 CLR S . 8.49 -5.94 28.86
C20 CLR S . 6.97 -3.84 21.88
C21 CLR S . 8.24 -3.02 21.68
C22 CLR S . 5.88 -2.97 22.53
C23 CLR S . 5.17 -2.00 21.60
C24 CLR S . 5.79 -0.61 21.58
C25 CLR S . 5.80 0.15 22.92
C26 CLR S . 6.00 1.64 22.68
C27 CLR S . 4.54 -0.10 23.74
O1 CLR S . 6.96 -9.32 31.87
H11 CLR S . 5.88 -5.94 29.24
H12 CLR S . 5.46 -7.34 28.74
H21 CLR S . 5.49 -7.37 31.05
H22 CLR S . 6.97 -6.88 31.09
H3 CLR S . 6.16 -9.38 30.07
H41 CLR S . 8.42 -9.84 29.69
H42 CLR S . 8.81 -8.45 30.28
H6 CLR S . 9.00 -9.75 27.48
H71 CLR S . 9.31 -8.66 25.51
H72 CLR S . 7.80 -8.95 25.43
H8 CLR S . 8.99 -6.49 26.10
H9 CLR S . 6.32 -7.20 26.61
H111 CLR S . 7.20 -4.54 26.94
H112 CLR S . 5.75 -5.03 27.14
H121 CLR S . 6.00 -3.89 25.08
H122 CLR S . 5.44 -5.33 24.89
H14 CLR S . 6.96 -7.09 24.26
H151 CLR S . 9.66 -6.70 23.52
H152 CLR S . 8.72 -7.88 23.12
H161 CLR S . 8.90 -5.63 21.67
H162 CLR S . 7.79 -6.69 21.45
H17 CLR S . 6.25 -5.60 22.62
H181 CLR S . 8.90 -4.27 25.46
H182 CLR S . 8.37 -3.25 24.42
H183 CLR S . 9.35 -4.37 23.98
H191 CLR S . 8.11 -5.32 29.49
H192 CLR S . 8.88 -5.41 28.14
H193 CLR S . 9.21 -6.40 29.31
H20 CLR S . 6.63 -4.09 21.00
H211 CLR S . 8.21 -2.20 22.18
H212 CLR S . 8.38 -2.79 20.75
H213 CLR S . 9.03 -3.50 21.96
H221 CLR S . 6.27 -2.48 23.27
H222 CLR S . 5.20 -3.54 22.93
H231 CLR S . 4.24 -1.94 21.85
H232 CLR S . 5.18 -2.35 20.69
H241 CLR S . 5.32 -0.05 20.92
H242 CLR S . 6.70 -0.67 21.26
H25 CLR S . 6.56 -0.18 23.43
H261 CLR S . 5.25 2.02 22.22
H262 CLR S . 6.79 1.81 22.14
H263 CLR S . 6.12 2.11 23.52
H271 CLR S . 3.75 0.07 23.21
H272 CLR S . 4.50 0.49 24.53
H273 CLR S . 4.51 -1.01 24.08
H1 CLR S . 7.73 -9.11 32.14
C1 NAG T . 12.80 50.95 -36.63
C2 NAG T . 11.82 51.97 -37.21
C3 NAG T . 11.76 51.84 -38.73
C4 NAG T . 13.15 51.92 -39.33
C5 NAG T . 14.08 50.90 -38.67
C6 NAG T . 15.51 51.03 -39.12
C7 NAG T . 9.70 52.85 -36.34
C8 NAG T . 8.37 52.51 -35.74
N2 NAG T . 10.50 51.82 -36.63
O3 NAG T . 10.93 52.87 -39.26
O4 NAG T . 13.10 51.65 -40.73
O5 NAG T . 14.08 51.11 -37.24
O6 NAG T . 16.34 50.05 -38.49
O7 NAG T . 10.04 54.01 -36.55
H1 NAG T . 12.47 50.05 -36.82
H2 NAG T . 12.15 52.86 -36.99
H3 NAG T . 11.36 50.97 -38.96
H4 NAG T . 13.50 52.82 -39.19
H5 NAG T . 13.75 50.00 -38.86
H61 NAG T . 15.55 50.89 -40.09
H62 NAG T . 15.84 51.92 -38.91
H81 NAG T . 8.35 51.56 -35.50
H82 NAG T . 8.23 53.05 -34.94
H83 NAG T . 7.66 52.70 -36.39
HN2 NAG T . 10.20 50.98 -36.45
HO3 NAG T . 11.00 52.88 -40.15
HO4 NAG T . 13.86 51.88 -41.10
HO6 NAG T . 17.18 50.18 -38.75
C1 CLR U . 24.63 13.49 20.81
C2 CLR U . 25.89 13.39 21.66
C3 CLR U . 27.12 13.84 20.89
C4 CLR U . 27.26 13.07 19.58
C5 CLR U . 26.09 12.18 19.28
C6 CLR U . 26.28 10.98 18.72
C7 CLR U . 25.20 10.06 18.26
C8 CLR U . 23.83 10.73 18.19
C9 CLR U . 23.62 11.71 19.34
C10 CLR U . 24.71 12.80 19.42
C11 CLR U . 22.18 12.24 19.34
C12 CLR U . 21.11 11.14 19.33
C13 CLR U . 21.29 10.18 18.16
C14 CLR U . 22.74 9.67 18.26
C15 CLR U . 22.76 8.50 17.28
C16 CLR U . 21.44 7.79 17.61
C17 CLR U . 20.50 8.84 18.25
C18 CLR U . 21.01 10.88 16.83
C19 CLR U . 24.57 13.86 18.32
C20 CLR U . 19.06 8.78 17.67
C21 CLR U . 18.09 9.68 18.44
C22 CLR U . 18.52 7.34 17.65
C23 CLR U . 18.65 6.53 18.93
C24 CLR U . 17.35 5.81 19.31
C25 CLR U . 16.90 4.64 18.43
C26 CLR U . 15.67 5.04 17.62
C27 CLR U . 17.99 4.10 17.50
O1 CLR U . 27.00 15.24 20.65
H11 CLR U . 24.41 14.42 20.67
H12 CLR U . 23.89 13.11 21.31
H21 CLR U . 26.01 12.48 21.96
H22 CLR U . 25.80 13.94 22.46
H3 CLR U . 27.90 13.66 21.43
H41 CLR U . 28.07 12.53 19.60
H42 CLR U . 27.38 13.71 18.87
H6 CLR U . 27.14 10.75 18.47
H71 CLR U . 25.44 9.71 17.39
H72 CLR U . 25.17 9.30 18.85
H8 CLR U . 23.76 11.20 17.33
H9 CLR U . 23.72 11.18 20.15
H111 CLR U . 22.04 12.81 18.56
H112 CLR U . 22.04 12.80 20.12
H121 CLR U . 20.23 11.55 19.26
H122 CLR U . 21.14 10.69 20.19
H14 CLR U . 22.81 9.27 19.14
H151 CLR U . 22.79 8.81 16.35
H152 CLR U . 23.54 7.94 17.42
H161 CLR U . 21.05 7.40 16.82
H162 CLR U . 21.59 7.06 18.22
H17 CLR U . 20.42 8.65 19.19
H181 CLR U . 21.67 11.56 16.61
H182 CLR U . 20.14 11.33 16.83
H183 CLR U . 21.00 10.25 16.10
H191 CLR U . 25.23 14.57 18.41
H192 CLR U . 23.70 14.28 18.33
H193 CLR U . 24.71 13.48 17.43
H20 CLR U . 19.09 9.08 16.76
H211 CLR U . 18.07 10.57 18.04
H212 CLR U . 18.35 9.79 19.36
H213 CLR U . 17.20 9.33 18.43
H221 CLR U . 18.95 6.86 16.92
H222 CLR U . 17.58 7.36 17.41
H231 CLR U . 18.90 7.12 19.67
H232 CLR U . 19.38 5.89 18.87
H241 CLR U . 16.64 6.46 19.34
H242 CLR U . 17.45 5.48 20.22
H25 CLR U . 16.64 3.91 19.02
H261 CLR U . 15.34 4.29 17.09
H262 CLR U . 15.87 5.77 17.01
H263 CLR U . 14.95 5.32 18.20
H271 CLR U . 17.68 3.30 17.05
H272 CLR U . 18.81 3.88 17.97
H273 CLR U . 18.21 4.75 16.81
H1 CLR U . 27.10 15.64 21.39
C1 CLR V . 21.16 19.29 17.18
C2 CLR V . 22.45 19.77 16.49
C3 CLR V . 23.69 19.25 17.19
C4 CLR V . 23.62 17.73 17.34
C5 CLR V . 22.35 17.28 18.00
C6 CLR V . 22.38 16.52 19.10
C7 CLR V . 21.18 15.84 19.68
C8 CLR V . 19.98 15.96 18.75
C9 CLR V . 19.88 17.43 18.33
C10 CLR V . 21.06 17.77 17.37
C11 CLR V . 18.48 17.85 17.81
C12 CLR V . 17.30 17.21 18.54
C13 CLR V . 17.43 15.69 18.61
C14 CLR V . 18.71 15.47 19.43
C15 CLR V . 18.65 14.03 19.88
C16 CLR V . 17.16 13.75 20.08
C17 CLR V . 16.36 14.92 19.41
C18 CLR V . 17.53 15.11 17.20
C19 CLR V . 20.94 17.07 16.00
C20 CLR V . 15.10 14.38 18.71
C21 CLR V . 14.27 15.48 18.06
C22 CLR V . 14.26 13.57 19.71
C23 CLR V . 12.76 13.50 19.44
C24 CLR V . 12.09 12.38 20.23
C25 CLR V . 11.80 11.10 19.44
C26 CLR V . 12.02 9.87 20.31
C27 CLR V . 10.38 11.09 18.87
O1 CLR V . 24.81 19.65 16.45
H11 CLR V . 20.41 19.60 16.67
H12 CLR V . 21.10 19.73 18.05
H21 CLR V . 22.45 20.74 16.49
H22 CLR V . 22.46 19.49 15.57
H3 CLR V . 23.72 19.63 18.09
H41 CLR V . 24.39 17.41 17.84
H42 CLR V . 23.69 17.35 16.45
H6 CLR V . 23.21 16.30 19.47
H71 CLR V . 21.40 14.90 19.84
H72 CLR V . 20.99 16.20 20.55
H8 CLR V . 20.15 15.41 17.98
H9 CLR V . 20.04 17.95 19.12
H111 CLR V . 18.40 17.67 16.86
H112 CLR V . 18.40 18.82 17.89
H121 CLR V . 16.48 17.44 18.07
H122 CLR V . 17.22 17.62 19.42
H14 CLR V . 18.61 16.02 20.23
H151 CLR V . 19.05 13.42 19.23
H152 CLR V . 19.15 13.90 20.70
H161 CLR V . 16.90 12.89 19.71
H162 CLR V . 16.94 13.71 21.04
H17 CLR V . 16.06 15.51 20.12
H181 CLR V . 18.35 15.36 16.72
H182 CLR V . 16.79 15.40 16.65
H183 CLR V . 17.51 14.15 17.22
H191 CLR V . 21.30 16.17 16.02
H192 CLR V . 21.42 17.55 15.31
H193 CLR V . 20.03 16.99 15.71
H20 CLR V . 15.39 13.77 18.02
H211 CLR V . 13.81 16.02 18.72
H212 CLR V . 13.59 15.12 17.45
H213 CLR V . 14.81 16.07 17.52
H221 CLR V . 14.41 13.92 20.60
H222 CLR V . 14.59 12.66 19.74
H231 CLR V . 12.61 13.35 18.49
H232 CLR V . 12.34 14.35 19.65
H241 CLR V . 11.27 12.71 20.62
H242 CLR V . 12.67 12.15 20.99
H25 CLR V . 12.43 11.06 18.70
H261 CLR V . 11.78 9.06 19.85
H262 CLR V . 11.50 9.91 21.13
H263 CLR V . 12.96 9.80 20.57
H271 CLR V . 9.73 11.05 19.58
H272 CLR V . 10.23 10.34 18.28
H273 CLR V . 10.21 11.90 18.35
H1 CLR V . 24.87 19.16 15.76
C1 CLR W . 17.38 -12.64 23.78
C2 CLR W . 17.15 -12.58 25.27
C3 CLR W . 16.42 -13.84 25.70
C4 CLR W . 17.35 -15.02 25.48
C5 CLR W . 17.83 -15.14 24.06
C6 CLR W . 17.91 -16.35 23.50
C7 CLR W . 18.28 -16.62 22.07
C8 CLR W . 18.27 -15.40 21.15
C9 CLR W . 17.59 -14.19 21.81
C10 CLR W . 18.12 -13.89 23.24
C11 CLR W . 17.60 -13.01 20.83
C12 CLR W . 16.81 -13.32 19.56
C13 CLR W . 17.38 -14.56 18.86
C14 CLR W . 17.49 -15.71 19.87
C15 CLR W . 17.91 -16.88 19.00
C16 CLR W . 17.18 -16.62 17.66
C17 CLR W . 16.43 -15.27 17.86
C18 CLR W . 18.73 -14.22 18.20
C19 CLR W . 19.63 -13.65 23.25
C20 CLR W . 16.02 -14.49 16.60
C21 CLR W . 14.76 -13.67 16.85
C22 CLR W . 15.79 -15.38 15.36
C23 CLR W . 15.59 -14.58 14.08
C24 CLR W . 14.13 -14.36 13.72
C25 CLR W . 13.85 -13.05 12.98
C26 CLR W . 12.47 -13.09 12.30
C27 CLR W . 13.94 -11.85 13.90
O1 CLR W . 16.02 -13.70 27.05
H11 CLR W . 17.89 -11.86 23.52
H12 CLR W . 16.52 -12.56 23.33
H21 CLR W . 16.63 -11.80 25.49
H22 CLR W . 17.99 -12.52 25.76
H3 CLR W . 15.65 -13.95 25.13
H41 CLR W . 16.92 -15.84 25.74
H42 CLR W . 18.12 -14.91 26.08
H6 CLR W . 17.68 -17.09 24.01
H71 CLR W . 19.16 -17.03 22.05
H72 CLR W . 17.68 -17.30 21.72
H8 CLR W . 19.19 -15.17 20.93
H9 CLR W . 16.66 -14.45 21.92
H111 CLR W . 18.52 -12.78 20.59
H112 CLR W . 17.22 -12.21 21.25
H121 CLR W . 16.85 -12.57 18.96
H122 CLR W . 15.89 -13.44 19.80
H14 CLR W . 16.60 -15.89 20.16
H151 CLR W . 18.87 -16.94 18.88
H152 CLR W . 17.63 -17.72 19.40
H161 CLR W . 17.80 -16.58 16.92
H162 CLR W . 16.54 -17.32 17.46
H17 CLR W . 15.61 -15.44 18.35
H181 CLR W . 19.48 -14.66 18.63
H182 CLR W . 18.91 -13.27 18.20
H183 CLR W . 18.73 -14.51 17.27
H191 CLR W . 20.13 -14.48 23.18
H192 CLR W . 19.91 -13.22 24.08
H193 CLR W . 19.91 -13.09 22.51
H20 CLR W . 16.74 -13.88 16.38
H211 CLR W . 14.76 -13.31 17.75
H212 CLR W . 13.95 -14.21 16.76
H213 CLR W . 14.68 -12.94 16.23
H221 CLR W . 15.03 -15.95 15.52
H222 CLR W . 16.55 -15.97 15.22
H231 CLR W . 16.04 -15.02 13.34
H232 CLR W . 16.02 -13.72 14.16
H241 CLR W . 13.58 -14.40 14.52
H242 CLR W . 13.84 -15.11 13.16
H25 CLR W . 14.52 -12.96 12.28
H261 CLR W . 12.49 -12.62 11.46
H262 CLR W . 11.80 -12.68 12.86
H263 CLR W . 12.20 -14.00 12.12
H271 CLR W . 13.33 -11.94 14.65
H272 CLR W . 13.72 -11.01 13.44
H273 CLR W . 14.82 -11.75 14.27
H1 CLR W . 15.99 -12.88 27.23
C1 CLR X . 19.50 -20.22 12.42
C2 CLR X . 19.40 -21.04 13.70
C3 CLR X . 18.78 -20.22 14.81
C4 CLR X . 17.41 -19.74 14.38
C5 CLR X . 17.47 -18.94 13.10
C6 CLR X . 16.79 -17.80 12.99
C7 CLR X . 16.83 -16.92 11.78
C8 CLR X . 17.27 -17.66 10.53
C9 CLR X . 18.49 -18.53 10.84
C10 CLR X . 18.17 -19.60 11.92
C11 CLR X . 19.14 -19.09 9.57
C12 CLR X . 19.33 -18.07 8.44
C13 CLR X . 18.06 -17.29 8.12
C14 CLR X . 17.62 -16.65 9.45
C15 CLR X . 16.59 -15.59 9.10
C16 CLR X . 16.95 -15.18 7.66
C17 CLR X . 18.20 -16.01 7.25
C18 CLR X . 16.97 -18.20 7.53
C19 CLR X . 17.24 -20.71 11.40
C20 CLR X . 18.35 -16.12 5.73
C21 CLR X . 19.33 -17.20 5.28
C22 CLR X . 18.77 -14.77 5.14
C23 CLR X . 18.38 -14.54 3.68
C24 CLR X . 17.12 -13.69 3.55
C25 CLR X . 15.86 -14.27 4.18
C26 CLR X . 14.82 -13.18 4.41
C27 CLR X . 15.27 -15.42 3.36
O1 CLR X . 18.72 -21.02 15.98
H11 CLR X . 19.85 -20.78 11.71
H12 CLR X . 20.15 -19.51 12.56
H21 CLR X . 20.28 -21.35 13.96
H22 CLR X . 18.86 -21.84 13.54
H3 CLR X . 19.34 -19.45 14.96
H41 CLR X . 17.00 -19.19 15.08
H42 CLR X . 16.83 -20.52 14.27
H6 CLR X . 16.12 -17.63 13.60
H71 CLR X . 15.95 -16.54 11.65
H72 CLR X . 17.41 -16.17 11.95
H8 CLR X . 16.54 -18.22 10.23
H9 CLR X . 19.14 -17.93 11.25
H111 CLR X . 18.63 -19.83 9.22
H112 CLR X . 20.02 -19.45 9.79
H121 CLR X . 19.63 -18.53 7.63
H122 CLR X . 20.06 -17.47 8.69
H14 CLR X . 18.40 -16.19 9.78
H151 CLR X . 15.68 -15.92 9.17
H152 CLR X . 16.66 -14.83 9.71
H161 CLR X . 16.21 -15.34 7.06
H162 CLR X . 17.15 -14.23 7.61
H17 CLR X . 18.99 -15.55 7.58
H181 CLR X . 16.93 -19.06 7.98
H182 CLR X . 17.11 -18.39 6.59
H183 CLR X . 16.10 -17.80 7.61
H191 CLR X . 16.42 -20.76 11.91
H192 CLR X . 17.67 -21.58 11.46
H193 CLR X . 16.99 -20.57 10.47
H20 CLR X . 17.48 -16.35 5.36
H211 CLR X . 19.60 -17.07 4.36
H212 CLR X . 18.96 -18.09 5.35
H213 CLR X . 20.14 -17.19 5.82
H221 CLR X . 19.73 -14.67 5.24
H222 CLR X . 18.38 -14.04 5.66
H231 CLR X . 18.24 -15.39 3.24
H232 CLR X . 19.11 -14.11 3.21
H241 CLR X . 16.95 -13.51 2.60
H242 CLR X . 17.29 -12.82 3.95
H25 CLR X . 16.10 -14.63 5.05
H261 CLR X . 15.06 -12.62 5.17
H262 CLR X . 13.94 -13.56 4.59
H263 CLR X . 14.74 -12.61 3.64
H271 CLR X . 14.32 -15.53 3.56
H272 CLR X . 15.72 -16.26 3.53
H273 CLR X . 15.34 -15.25 2.41
H1 CLR X . 19.25 -20.68 16.56
C1 CLR Y . 1.49 17.06 -16.10
C2 CLR Y . 2.42 18.24 -16.39
C3 CLR Y . 2.20 19.34 -15.37
C4 CLR Y . 2.41 18.80 -13.96
C5 CLR Y . 1.56 17.59 -13.68
C6 CLR Y . 1.12 17.37 -12.44
C7 CLR Y . 0.27 16.21 -12.06
C8 CLR Y . 0.48 15.00 -12.95
C9 CLR Y . 0.52 15.42 -14.42
C10 CLR Y . 1.65 16.45 -14.68
C11 CLR Y . 0.55 14.17 -15.32
C12 CLR Y . -0.50 13.09 -15.00
C13 CLR Y . -0.50 12.70 -13.52
C14 CLR Y . -0.67 14.02 -12.76
C15 CLR Y . -1.09 13.67 -11.33
C16 CLR Y . -1.71 12.27 -11.46
C17 CLR Y . -1.73 11.92 -12.97
C18 CLR Y . 0.79 11.96 -13.16
C19 CLR Y . 3.05 15.84 -14.54
C20 CLR Y . -1.89 10.42 -13.18
C21 CLR Y . -1.71 9.97 -14.62
C22 CLR Y . -3.27 9.97 -12.66
C23 CLR Y . -3.28 9.13 -11.38
C24 CLR Y . -4.71 8.78 -10.97
C25 CLR Y . -4.88 7.98 -9.68
C26 CLR Y . -4.05 6.70 -9.73
C27 CLR Y . -4.53 8.78 -8.43
O1 CLR Y . 3.10 20.39 -15.67
H11 CLR Y . 1.66 16.36 -16.75
H12 CLR Y . 0.57 17.34 -16.23
H21 CLR Y . 2.25 18.57 -17.28
H22 CLR Y . 3.34 17.95 -16.37
H3 CLR Y . 1.28 19.64 -15.45
H41 CLR Y . 2.21 19.49 -13.31
H42 CLR Y . 3.35 18.59 -13.86
H6 CLR Y . 1.61 17.76 -11.75
H71 CLR Y . 0.46 15.98 -11.13
H72 CLR Y . -0.66 16.48 -12.07
H8 CLR Y . 1.31 14.57 -12.70
H9 CLR Y . -0.31 15.88 -14.59
H111 CLR Y . 1.43 13.76 -15.30
H112 CLR Y . 0.42 14.45 -16.25
H121 CLR Y . -0.33 12.30 -15.53
H122 CLR Y . -1.37 13.43 -15.28
H14 CLR Y . -1.44 14.45 -13.16
H151 CLR Y . -0.35 13.70 -10.71
H152 CLR Y . -1.75 14.30 -11.02
H161 CLR Y . -1.19 11.61 -10.96
H162 CLR Y . -2.61 12.24 -11.10
H17 CLR Y . -2.51 12.34 -13.37
H181 CLR Y . 1.58 12.43 -13.43
H182 CLR Y . 0.84 11.08 -13.55
H183 CLR Y . 0.87 11.83 -12.19
H191 CLR Y . 3.52 15.81 -15.38
H192 CLR Y . 2.98 14.92 -14.23
H193 CLR Y . 3.60 16.33 -13.92
H20 CLR Y . -1.22 9.96 -12.64
H211 CLR Y . -2.25 10.51 -15.23
H212 CLR Y . -1.95 9.05 -14.76
H213 CLR Y . -0.79 10.06 -14.91
H221 CLR Y . -3.72 9.49 -13.36
H222 CLR Y . -3.82 10.76 -12.49
H231 CLR Y . -2.86 9.62 -10.66
H232 CLR Y . -2.77 8.32 -11.50
H241 CLR Y . -5.14 8.30 -11.69
H242 CLR Y . -5.22 9.61 -10.87
H25 CLR Y . -5.81 7.72 -9.61
H261 CLR Y . -3.10 6.90 -9.70
H262 CLR Y . -4.23 6.19 -10.53
H263 CLR Y . -4.24 6.14 -8.97
H271 CLR Y . -3.61 9.09 -8.47
H272 CLR Y . -4.61 8.24 -7.61
H273 CLR Y . -5.10 9.54 -8.33
H1 CLR Y . 3.79 20.29 -15.18
C1 CLR Z . -0.28 20.09 -10.51
C2 CLR Z . 0.26 21.41 -11.01
C3 CLR Z . -0.33 22.53 -10.17
C4 CLR Z . 0.27 22.38 -8.80
C5 CLR Z . -0.20 21.05 -8.25
C6 CLR Z . -0.88 21.06 -7.10
C7 CLR Z . -1.58 19.85 -6.55
C8 CLR Z . -1.07 18.56 -7.13
C9 CLR Z . -0.81 18.63 -8.62
C10 CLR Z . 0.06 19.81 -9.05
C11 CLR Z . -0.20 17.31 -9.04
C12 CLR Z . -1.21 16.17 -8.89
C13 CLR Z . -1.68 16.10 -7.46
C14 CLR Z . -2.12 17.48 -6.99
C15 CLR Z . -2.65 17.23 -5.59
C16 CLR Z . -3.46 15.96 -5.83
C17 CLR Z . -2.97 15.35 -7.16
C18 CLR Z . -0.55 15.53 -6.62
C19 CLR Z . 1.54 19.47 -8.95
C20 CLR Z . -2.88 13.82 -7.13
C21 CLR Z . -2.43 13.28 -8.49
C22 CLR Z . -4.21 13.19 -6.71
C23 CLR Z . -4.01 11.73 -6.35
C24 CLR Z . -5.02 11.16 -5.36
C25 CLR Z . -4.37 10.82 -4.03
C26 CLR Z . -4.58 11.93 -3.03
C27 CLR Z . -4.88 9.50 -3.46
O1 CLR Z . 0.00 23.81 -10.73
H11 CLR Z . 0.13 19.30 -11.13
H12 CLR Z . -1.36 20.08 -10.64
H21 CLR Z . -0.01 21.55 -12.06
H22 CLR Z . 1.34 21.43 -10.92
H3 CLR Z . -1.42 22.40 -10.11
H41 CLR Z . -0.02 23.20 -8.14
H42 CLR Z . 1.35 22.40 -8.92
H6 CLR Z . -1.01 21.99 -6.58
H71 CLR Z . -1.51 19.82 -5.46
H72 CLR Z . -2.64 19.92 -6.78
H8 CLR Z . -0.14 18.27 -6.62
H9 CLR Z . -1.78 18.72 -9.11
H111 CLR Z . 0.66 17.10 -8.42
H112 CLR Z . 0.13 17.39 -10.08
H121 CLR Z . -0.74 15.23 -9.19
H122 CLR Z . -2.07 16.34 -9.55
H14 CLR Z . -2.97 17.78 -7.61
H151 CLR Z . -1.85 17.07 -4.86
H152 CLR Z . -3.30 18.04 -5.26
H161 CLR Z . -3.31 15.28 -5.00
H162 CLR Z . -4.51 16.19 -5.89
H17 CLR Z . -3.70 15.62 -7.93
H181 CLR Z . 0.23 16.23 -6.51
H182 CLR Z . -0.16 14.67 -7.11
H183 CLR Z . -0.90 15.25 -5.66
H191 CLR Z . 2.12 20.33 -9.14
H192 CLR Z . 1.81 18.73 -9.67
H193 CLR Z . 1.76 19.10 -7.98
H20 CLR Z . -2.11 13.52 -6.42
H211 CLR Z . -2.79 13.92 -9.25
H212 CLR Z . -2.80 12.31 -8.64
H213 CLR Z . -1.37 13.27 -8.52
H221 CLR Z . -4.91 13.27 -7.53
H222 CLR Z . -4.61 13.70 -5.84
H231 CLR Z . -3.04 11.66 -5.89
H232 CLR Z . -3.99 11.11 -7.25
H241 CLR Z . -5.46 10.25 -5.78
H242 CLR Z . -5.81 11.89 -5.20
H25 CLR Z . -3.28 10.69 -4.17
H261 CLR Z . -3.72 12.05 -2.43
H262 CLR Z . -5.43 11.71 -2.42
H263 CLR Z . -4.76 12.84 -3.56
H271 CLR Z . -4.32 8.70 -3.87
H272 CLR Z . -5.90 9.39 -3.72
H273 CLR Z . -4.77 9.51 -2.41
H1 CLR Z . 0.88 23.74 -11.12
C1 CLR AA . 11.74 6.83 -22.98
C2 CLR AA . 12.51 8.08 -23.37
C3 CLR AA . 11.57 9.24 -23.60
C4 CLR AA . 10.78 9.50 -22.32
C5 CLR AA . 10.03 8.27 -21.87
C6 CLR AA . 8.78 8.38 -21.42
C7 CLR AA . 7.97 7.25 -20.86
C8 CLR AA . 8.79 5.99 -20.59
C9 CLR AA . 9.83 5.80 -21.70
C10 CLR AA . 10.82 6.98 -21.74
C11 CLR AA . 10.49 4.41 -21.65
C12 CLR AA . 9.49 3.25 -21.51
C13 CLR AA . 8.59 3.43 -20.30
C14 CLR AA . 7.87 4.78 -20.51
C15 CLR AA . 6.74 4.79 -19.48
C16 CLR AA . 6.29 3.32 -19.44
C17 CLR AA . 7.36 2.48 -20.18
C18 CLR AA . 9.39 3.39 -18.99
C19 CLR AA . 11.69 7.08 -20.47
C20 CLR AA . 7.55 1.09 -19.55
C21 CLR AA . 8.64 0.26 -20.22
C22 CLR AA . 6.22 0.32 -19.54
C23 CLR AA . 5.68 -0.06 -18.17
C24 CLR AA . 6.04 -1.49 -17.77
C25 CLR AA . 5.34 -2.60 -18.55
C26 CLR AA . 5.76 -3.97 -18.02
C27 CLR AA . 3.82 -2.46 -18.51
O1 CLR AA . 12.31 10.36 -24.01
H11 CLR AA . 12.38 6.11 -22.81
H12 CLR AA . 11.21 6.54 -23.74
H21 CLR AA . 13.02 7.90 -24.18
H22 CLR AA . 13.16 8.32 -22.68
H3 CLR AA . 10.93 8.98 -24.30
H41 CLR AA . 10.15 10.23 -22.45
H42 CLR AA . 11.40 9.79 -21.64
H6 CLR AA . 8.34 9.19 -21.53
H71 CLR AA . 7.54 7.55 -20.05
H72 CLR AA . 7.26 7.05 -21.48
H8 CLR AA . 9.24 6.11 -19.74
H9 CLR AA . 9.33 5.84 -22.53
H111 CLR AA . 11.12 4.36 -20.91
H112 CLR AA . 11.01 4.26 -22.45
H121 CLR AA . 9.98 2.42 -21.41
H122 CLR AA . 8.99 3.18 -22.34
H14 CLR AA . 7.45 4.72 -21.38
H151 CLR AA . 7.04 5.13 -18.63
H152 CLR AA . 6.03 5.38 -19.78
H161 CLR AA . 6.18 3.03 -18.52
H162 CLR AA . 5.43 3.22 -19.85
H17 CLR AA . 7.05 2.33 -21.09
H181 CLR AA . 9.98 4.16 -18.89
H182 CLR AA . 9.94 2.60 -18.93
H183 CLR AA . 8.80 3.38 -18.22
H191 CLR AA . 11.39 7.80 -19.89
H192 CLR AA . 12.62 7.25 -20.69
H193 CLR AA . 11.65 6.27 -19.94
H20 CLR AA . 7.80 1.23 -18.62
H211 CLR AA . 8.60 -0.66 -19.93
H212 CLR AA . 9.52 0.60 -20.02
H213 CLR AA . 8.55 0.28 -21.19
H221 CLR AA . 6.32 -0.48 -20.08
H222 CLR AA . 5.53 0.85 -19.99
H231 CLR AA . 4.71 0.04 -18.17
H232 CLR AA . 6.01 0.56 -17.49
H241 CLR AA . 5.88 -1.61 -16.82
H242 CLR AA . 7.00 -1.59 -17.88
H25 CLR AA . 5.63 -2.54 -19.48
H261 CLR AA . 6.73 -4.05 -17.97
H262 CLR AA . 5.43 -4.69 -18.57
H263 CLR AA . 5.40 -4.10 -17.12
H271 CLR AA . 3.39 -3.27 -18.85
H272 CLR AA . 3.50 -1.71 -19.04
H273 CLR AA . 3.50 -2.33 -17.60
H1 CLR AA . 12.51 10.82 -23.31
C10 O6F BA . 16.59 10.76 0.23
C17 O6F BA . 16.20 14.91 5.54
C20 O6F BA . 19.60 15.80 4.06
C22 O6F BA . 20.45 18.00 4.51
C26 O6F BA . 22.88 13.93 2.45
C28 O6F BA . 18.75 14.32 2.88
C01 O6F BA . 12.50 9.30 2.78
C02 O6F BA . 12.72 9.73 4.23
N03 O6F BA . 11.96 10.96 4.49
C04 O6F BA . 12.59 12.28 4.22
O05 O6F BA . 11.98 13.27 4.40
C06 O6F BA . 14.06 12.40 3.67
N07 O6F BA . 14.61 11.52 2.68
C08 O6F BA . 15.99 12.01 2.48
C09 O6F BA . 16.97 11.35 1.51
C11 O6F BA . 17.89 10.15 -0.48
C12 O6F BA . 19.06 10.36 0.37
S13 O6F BA . 18.60 11.16 1.75
C14 O6F BA . 16.26 13.09 3.28
N15 O6F BA . 14.99 13.36 4.06
C16 O6F BA . 15.07 14.45 4.98
C18 O6F BA . 17.37 15.09 4.90
C19 O6F BA . 18.66 15.90 4.89
O21 O6F BA . 20.72 16.64 4.24
C23 O6F BA . 19.64 15.11 3.20
O24 O6F BA . 20.82 15.21 2.39
C25 O6F BA . 21.44 14.02 1.90
C27 O6F BA . 21.51 14.11 0.38
C29 O6F BA . 17.47 14.09 3.59
C30 O6F BA . 10.54 10.94 4.99
C31 O6F BA . 10.44 11.79 6.26
C32 O6F BA . 10.04 9.54 5.31
C33 O6F BA . 9.66 11.53 3.89
H101 O6F BA . 15.59 10.73 -0.18
H171 O6F BA . 16.43 14.21 6.34
H172 O6F BA . 15.95 15.88 5.95
H221 O6F BA . 21.29 18.60 4.21
H223 O6F BA . 20.27 18.12 5.57
H222 O6F BA . 19.56 18.31 3.96
H261 O6F BA . 23.55 13.60 1.65
H262 O6F BA . 22.91 13.22 3.25
H263 O6F BA . 23.19 14.91 2.81
H281 O6F BA . 18.94 13.72 2.00
H012 O6F BA . 13.48 9.18 2.30
H011 O6F BA . 11.94 10.07 2.26
H013 O6F BA . 11.97 8.36 2.75
H021 O6F BA . 13.76 9.91 4.41
H022 O6F BA . 12.41 8.92 4.89
H111 O6F BA . 17.90 9.66 -1.44
H121 O6F BA . 20.07 10.05 0.13
H161 O6F BA . 14.42 14.17 5.82
H162 O6F BA . 14.64 15.31 4.46
H191 O6F BA . 18.78 16.62 5.69
H251 O6F BA . 20.90 13.13 2.19
H271 O6F BA . 21.98 15.03 0.09
H273 O6F BA . 20.49 14.08 -0.03
H272 O6F BA . 22.07 13.26 0.00
H312 O6F BA . 9.60 11.44 6.86
H311 O6F BA . 10.28 12.83 6.01
H313 O6F BA . 11.36 11.69 6.83
H321 O6F BA . 9.00 9.61 5.66
H323 O6F BA . 10.65 9.11 6.10
H322 O6F BA . 10.09 8.93 4.42
H331 O6F BA . 8.67 11.08 3.96
H332 O6F BA . 10.08 11.28 2.92
H333 O6F BA . 9.58 12.60 4.00
C1 NAG CA . 52.22 57.86 -33.23
C2 NAG CA . 53.63 58.13 -32.68
C3 NAG CA . 54.67 57.88 -33.77
C4 NAG CA . 54.50 56.50 -34.38
C5 NAG CA . 53.06 56.30 -34.84
C6 NAG CA . 52.79 54.90 -35.33
C7 NAG CA . 53.74 59.75 -30.85
C8 NAG CA . 53.86 61.20 -30.49
N2 NAG CA . 53.73 59.48 -32.16
O3 NAG CA . 55.97 58.03 -33.22
O4 NAG CA . 55.38 56.34 -35.49
O5 NAG CA . 52.16 56.54 -33.76
O6 NAG CA . 53.01 53.93 -34.30
O7 NAG CA . 53.67 58.87 -30.00
H1 NAG CA . 52.03 58.49 -33.95
H2 NAG CA . 53.80 57.49 -31.97
H3 NAG CA . 54.54 58.55 -34.48
H4 NAG CA . 54.71 55.83 -33.70
H5 NAG CA . 52.87 56.93 -35.56
H61 NAG CA . 51.87 54.83 -35.64
H62 NAG CA . 53.38 54.69 -36.09
H81 NAG CA . 54.68 61.57 -30.88
H82 NAG CA . 53.09 61.69 -30.83
H83 NAG CA . 53.89 61.29 -29.52
HN2 NAG CA . 53.79 60.17 -32.75
HO3 NAG CA . 56.10 58.87 -32.97
HO4 NAG CA . 56.15 56.73 -35.31
HO6 NAG CA . 52.84 54.30 -33.51
C1 NAG DA . 44.18 65.44 14.19
C2 NAG DA . 45.62 64.95 14.31
C3 NAG DA . 45.93 64.54 15.75
C4 NAG DA . 45.60 65.66 16.71
C5 NAG DA . 44.14 66.08 16.52
C6 NAG DA . 43.74 67.27 17.37
C7 NAG DA . 46.06 63.99 12.09
C8 NAG DA . 46.31 62.74 11.30
N2 NAG DA . 45.87 63.84 13.40
O3 NAG DA . 47.32 64.22 15.86
O4 NAG DA . 45.79 65.24 18.06
O5 NAG DA . 43.93 66.48 15.16
O6 NAG DA . 42.34 67.48 17.34
O7 NAG DA . 46.04 65.10 11.56
H1 NAG DA . 43.57 64.69 14.37
H2 NAG DA . 46.21 65.68 14.07
H3 NAG DA . 45.40 63.76 15.98
H4 NAG DA . 46.17 66.44 16.53
H5 NAG DA . 43.56 65.32 16.73
H61 NAG DA . 44.01 67.10 18.30
H62 NAG DA . 44.20 68.06 17.05
H81 NAG DA . 45.59 62.10 11.49
H82 NAG DA . 46.34 62.96 10.36
H83 NAG DA . 47.16 62.34 11.58
HN2 NAG DA . 45.91 62.99 13.75
HO3 NAG DA . 47.76 64.89 16.22
HO4 NAG DA . 46.17 65.91 18.52
HO6 NAG DA . 42.15 68.00 16.65
C1 NAG EA . 40.32 72.57 14.37
C2 NAG EA . 40.99 73.29 15.53
C3 NAG EA . 41.73 74.53 15.04
C4 NAG EA . 42.70 74.16 13.93
C5 NAG EA . 41.96 73.40 12.83
C6 NAG EA . 42.89 72.89 11.75
C7 NAG EA . 39.61 72.80 17.51
C8 NAG EA . 38.60 73.32 18.48
N2 NAG EA . 40.01 73.64 16.55
O3 NAG EA . 42.45 75.11 16.13
O4 NAG EA . 43.26 75.35 13.38
O5 NAG EA . 41.30 72.25 13.38
O6 NAG EA . 42.20 72.75 10.51
O7 NAG EA . 40.04 71.65 17.58
H1 NAG EA . 39.65 73.16 13.98
H2 NAG EA . 41.65 72.69 15.94
H3 NAG EA . 41.08 75.17 14.71
H4 NAG EA . 43.40 73.60 14.29
H5 NAG EA . 41.29 73.98 12.42
H61 NAG EA . 43.63 73.51 11.64
H62 NAG EA . 43.23 72.01 12.01
H81 NAG EA . 37.81 73.61 17.99
H82 NAG EA . 38.35 72.62 19.10
H83 NAG EA . 38.98 74.09 18.96
HN2 NAG EA . 39.67 74.49 16.55
HO3 NAG EA . 43.32 75.04 15.99
HO4 NAG EA . 44.12 75.18 13.16
HO6 NAG EA . 42.75 73.00 9.84
#